data_8B21
#
_entry.id   8B21
#
_cell.length_a   84.022
_cell.length_b   110.051
_cell.length_c   107.405
_cell.angle_alpha   90.000
_cell.angle_beta   108.030
_cell.angle_gamma   90.000
#
_symmetry.space_group_name_H-M   'P 1 21 1'
#
loop_
_entity.id
_entity.type
_entity.pdbx_description
1 polymer 'K(+)-stimulated pyrophosphate-energized sodium pump'
2 non-polymer DODECYL-BETA-D-MALTOSIDE
3 non-polymer DI(HYDROXYETHYL)ETHER
4 non-polymer 'TRIETHYLENE GLYCOL'
5 non-polymer 'TETRAETHYLENE GLYCOL'
6 water water
#
_entity_poly.entity_id   1
_entity_poly.type   'polypeptide(L)'
_entity_poly.pdbx_seq_one_letter_code
;MRGSHHHHHHYVAALFFLIPLVALGFAAANFAAVVRKPEGTERMKEISSYIRSGADSFLAHETKAIFKVAIVIAILLMIF
TTWQTGVAFLLGAVMSASAGIVGMKMATRANVRVAEAARTTKKIGPALKVAYQGGSVMGLSVGGFALLGLVLVYLIFGKW
MGQVDNLNIYTNWLGINFVPFAMTVSGYALGCSIIAMFDRVGGGVYTKAADMAADLVGKTELNLPEDDPRNPATIADNVG
DNVGDVAGLGADLLESFVGAIVSSIILASYMFPIYVQKIGENLVHQVPKETIQALISYPIFFALVGLGCSMLGILYVIVK
KPSDNPQRELNISLWTSALLTVVLTAFLTYFYLKDLQGLDVLGFRFGAISPWFSAIIGIFSGILIGFWAEYYTSYRYKPT
QFLGKSSIEGTGMVISNGLSLGMKSVFPPTLTLVLGILFADYFAGLYGVAIAALGMLSFVATSVSVDSYGPIADNAGGIS
EMCELDPEVRKITDHLDAVGNTTAAIGKGFAIGSAIFAALSLFASYMFSQISPSDIGKPPSLVLLLNMLDARVIAGALLG
AAITYYFSGYLISAVTKAAMKMVDEIRRQAREIPGLLEGKAKPDYNRCIEITSDNALKQMGYPAFIAILTPLVTGFLLGA
EFVGGVLIGTVLSGAMLAILTANSGGAWDNAKKYLEAGNLEGYGKGSEPHKALVIGDTVGDPLKDTVGPSLDILIKIMSV
VSVIAVSIFKHVHLF
;
_entity_poly.pdbx_strand_id   A,B
#
loop_
_chem_comp.id
_chem_comp.type
_chem_comp.name
_chem_comp.formula
LMT D-saccharide DODECYL-BETA-D-MALTOSIDE 'C24 H46 O11'
PEG non-polymer DI(HYDROXYETHYL)ETHER 'C4 H10 O3'
PG4 non-polymer 'TETRAETHYLENE GLYCOL' 'C8 H18 O5'
PGE non-polymer 'TRIETHYLENE GLYCOL' 'C6 H14 O4'
#
# COMPACT_ATOMS: atom_id res chain seq x y z
N TYR A 11 44.10 14.61 -18.06
CA TYR A 11 44.94 14.87 -16.90
C TYR A 11 44.10 14.88 -15.62
N VAL A 12 43.25 15.89 -15.48
CA VAL A 12 42.40 15.99 -14.29
C VAL A 12 41.44 14.82 -14.23
N ALA A 13 40.95 14.38 -15.40
CA ALA A 13 40.00 13.27 -15.43
C ALA A 13 40.61 12.03 -14.80
N ALA A 14 41.83 11.67 -15.20
CA ALA A 14 42.49 10.52 -14.59
C ALA A 14 42.73 10.74 -13.10
N LEU A 15 43.01 11.99 -12.71
CA LEU A 15 43.18 12.28 -11.29
C LEU A 15 41.92 11.91 -10.51
N PHE A 16 40.75 12.29 -11.02
CA PHE A 16 39.50 11.86 -10.39
C PHE A 16 39.34 10.34 -10.46
N PHE A 17 39.62 9.75 -11.62
CA PHE A 17 39.51 8.30 -11.78
C PHE A 17 40.37 7.53 -10.79
N LEU A 18 41.37 8.17 -10.18
CA LEU A 18 42.18 7.52 -9.16
C LEU A 18 41.48 7.46 -7.81
N ILE A 19 40.49 8.31 -7.56
CA ILE A 19 39.84 8.43 -6.26
C ILE A 19 39.35 7.09 -5.71
N PRO A 20 38.75 6.21 -6.53
CA PRO A 20 38.29 4.92 -5.97
C PRO A 20 39.40 4.12 -5.31
N LEU A 21 40.58 4.10 -5.93
CA LEU A 21 41.71 3.40 -5.32
C LEU A 21 42.16 4.09 -4.04
N VAL A 22 42.08 5.43 -4.00
CA VAL A 22 42.38 6.14 -2.76
C VAL A 22 41.43 5.70 -1.65
N ALA A 23 40.14 5.54 -1.98
CA ALA A 23 39.18 5.12 -0.97
C ALA A 23 39.43 3.68 -0.52
N LEU A 24 39.75 2.80 -1.48
CA LEU A 24 40.07 1.41 -1.11
C LEU A 24 41.31 1.35 -0.22
N GLY A 25 42.32 2.14 -0.54
CA GLY A 25 43.52 2.15 0.30
C GLY A 25 43.26 2.76 1.67
N PHE A 26 42.42 3.79 1.72
CA PHE A 26 41.99 4.34 3.01
C PHE A 26 41.30 3.27 3.84
N ALA A 27 40.45 2.46 3.20
CA ALA A 27 39.80 1.36 3.91
C ALA A 27 40.82 0.35 4.43
N ALA A 28 41.79 -0.02 3.58
CA ALA A 28 42.82 -0.95 4.01
C ALA A 28 43.63 -0.40 5.18
N ALA A 29 43.96 0.90 5.14
CA ALA A 29 44.73 1.51 6.20
C ALA A 29 43.94 1.55 7.51
N ASN A 30 42.65 1.89 7.44
CA ASN A 30 41.83 1.87 8.65
C ASN A 30 41.68 0.46 9.19
N PHE A 31 41.53 -0.52 8.30
CA PHE A 31 41.52 -1.92 8.71
C PHE A 31 42.77 -2.26 9.51
N ALA A 32 43.94 -1.97 8.94
CA ALA A 32 45.19 -2.27 9.63
C ALA A 32 45.29 -1.50 10.96
N ALA A 33 44.92 -0.22 10.95
CA ALA A 33 45.05 0.60 12.14
C ALA A 33 44.21 0.06 13.29
N VAL A 34 42.98 -0.34 13.00
CA VAL A 34 42.15 -0.92 14.06
C VAL A 34 42.68 -2.28 14.45
N VAL A 35 43.14 -3.07 13.47
CA VAL A 35 43.71 -4.38 13.79
C VAL A 35 44.86 -4.25 14.77
N ARG A 36 45.61 -3.15 14.69
CA ARG A 36 46.72 -2.94 15.61
C ARG A 36 46.22 -2.76 17.04
N LYS A 37 44.98 -2.30 17.21
CA LYS A 37 44.42 -2.10 18.55
C LYS A 37 44.29 -3.44 19.27
N PRO A 38 44.22 -3.42 20.60
CA PRO A 38 44.30 -4.68 21.36
C PRO A 38 42.96 -5.38 21.54
N GLU A 39 43.00 -6.71 21.38
CA GLU A 39 41.79 -7.51 21.63
C GLU A 39 41.53 -7.62 23.13
N GLY A 40 42.57 -7.84 23.91
CA GLY A 40 42.45 -7.79 25.37
C GLY A 40 42.19 -9.15 25.98
N THR A 41 41.23 -9.20 26.89
CA THR A 41 40.96 -10.39 27.70
C THR A 41 40.69 -11.60 26.82
N GLU A 42 41.00 -12.79 27.38
CA GLU A 42 40.78 -14.02 26.64
C GLU A 42 39.29 -14.36 26.52
N ARG A 43 38.49 -13.97 27.52
CA ARG A 43 37.04 -14.16 27.41
C ARG A 43 36.46 -13.35 26.26
N MET A 44 36.80 -12.06 26.20
CA MET A 44 36.39 -11.24 25.07
C MET A 44 36.84 -11.87 23.76
N LYS A 45 38.08 -12.37 23.72
CA LYS A 45 38.62 -12.97 22.51
C LYS A 45 37.81 -14.19 22.10
N GLU A 46 37.39 -15.00 23.08
CA GLU A 46 36.63 -16.21 22.78
C GLU A 46 35.24 -15.88 22.25
N ILE A 47 34.54 -14.94 22.91
CA ILE A 47 33.21 -14.54 22.45
C ILE A 47 33.29 -14.00 21.03
N SER A 48 34.27 -13.11 20.78
CA SER A 48 34.42 -12.56 19.45
C SER A 48 34.84 -13.62 18.44
N SER A 49 35.57 -14.65 18.88
CA SER A 49 35.89 -15.74 17.97
C SER A 49 34.63 -16.45 17.52
N TYR A 50 33.73 -16.74 18.46
CA TYR A 50 32.43 -17.29 18.10
C TYR A 50 31.72 -16.42 17.07
N ILE A 51 31.63 -15.12 17.36
CA ILE A 51 30.89 -14.21 16.49
C ILE A 51 31.52 -14.16 15.10
N ARG A 52 32.84 -13.99 15.04
CA ARG A 52 33.52 -13.86 13.75
C ARG A 52 33.40 -15.14 12.93
N SER A 53 33.53 -16.31 13.59
CA SER A 53 33.38 -17.57 12.87
C SER A 53 31.97 -17.69 12.29
N GLY A 54 30.95 -17.32 13.08
CA GLY A 54 29.60 -17.34 12.55
C GLY A 54 29.45 -16.43 11.34
N ALA A 55 30.02 -15.23 11.42
CA ALA A 55 29.93 -14.28 10.31
C ALA A 55 30.58 -14.85 9.05
N ASP A 56 31.78 -15.41 9.19
CA ASP A 56 32.49 -15.97 8.04
C ASP A 56 31.73 -17.14 7.44
N SER A 57 31.16 -17.99 8.30
CA SER A 57 30.36 -19.11 7.81
C SER A 57 29.17 -18.63 7.00
N PHE A 58 28.42 -17.66 7.54
CA PHE A 58 27.28 -17.11 6.81
C PHE A 58 27.74 -16.54 5.47
N LEU A 59 28.82 -15.77 5.47
CA LEU A 59 29.31 -15.17 4.24
C LEU A 59 29.61 -16.24 3.20
N ALA A 60 30.33 -17.29 3.59
CA ALA A 60 30.68 -18.35 2.63
C ALA A 60 29.43 -19.02 2.07
N HIS A 61 28.51 -19.41 2.95
CA HIS A 61 27.30 -20.08 2.48
C HIS A 61 26.54 -19.21 1.48
N GLU A 62 26.34 -17.94 1.80
CA GLU A 62 25.59 -17.09 0.88
C GLU A 62 26.35 -16.87 -0.42
N THR A 63 27.68 -16.75 -0.35
CA THR A 63 28.47 -16.47 -1.54
C THR A 63 28.42 -17.61 -2.54
N LYS A 64 28.37 -18.86 -2.06
CA LYS A 64 28.23 -19.98 -3.00
C LYS A 64 26.99 -19.83 -3.87
N ALA A 65 25.82 -19.64 -3.24
CA ALA A 65 24.58 -19.48 -4.00
C ALA A 65 24.63 -18.24 -4.89
N ILE A 66 25.24 -17.16 -4.39
CA ILE A 66 25.36 -15.94 -5.18
C ILE A 66 26.10 -16.25 -6.47
N PHE A 67 27.22 -16.98 -6.37
CA PHE A 67 28.00 -17.30 -7.55
C PHE A 67 27.20 -18.14 -8.54
N LYS A 68 26.51 -19.18 -8.05
CA LYS A 68 25.70 -19.99 -8.96
C LYS A 68 24.70 -19.13 -9.74
N VAL A 69 23.92 -18.32 -9.03
CA VAL A 69 22.90 -17.53 -9.70
C VAL A 69 23.54 -16.51 -10.63
N ALA A 70 24.65 -15.90 -10.21
CA ALA A 70 25.27 -14.86 -11.00
C ALA A 70 25.80 -15.44 -12.30
N ILE A 71 26.32 -16.66 -12.27
CA ILE A 71 26.81 -17.28 -13.50
C ILE A 71 25.65 -17.56 -14.44
N VAL A 72 24.55 -18.09 -13.93
CA VAL A 72 23.39 -18.31 -14.82
C VAL A 72 22.96 -16.99 -15.45
N ILE A 73 22.86 -15.94 -14.63
CA ILE A 73 22.36 -14.66 -15.14
C ILE A 73 23.33 -14.07 -16.15
N ALA A 74 24.63 -14.17 -15.91
CA ALA A 74 25.61 -13.61 -16.84
C ALA A 74 25.60 -14.37 -18.16
N ILE A 75 25.44 -15.71 -18.12
CA ILE A 75 25.34 -16.45 -19.36
C ILE A 75 24.12 -15.99 -20.15
N LEU A 76 22.99 -15.82 -19.46
CA LEU A 76 21.79 -15.35 -20.16
C LEU A 76 22.00 -13.93 -20.70
N LEU A 77 22.75 -13.10 -19.98
CA LEU A 77 23.01 -11.73 -20.41
C LEU A 77 23.95 -11.68 -21.59
N MET A 78 24.76 -12.72 -21.78
CA MET A 78 25.62 -12.78 -22.96
C MET A 78 24.85 -13.33 -24.16
N ILE A 79 24.04 -14.38 -23.96
CA ILE A 79 23.29 -14.96 -25.08
C ILE A 79 22.36 -13.92 -25.69
N PHE A 80 21.53 -13.30 -24.86
CA PHE A 80 20.74 -12.15 -25.28
C PHE A 80 21.52 -10.88 -24.97
N THR A 81 21.12 -9.77 -25.59
CA THR A 81 21.81 -8.48 -25.43
C THR A 81 23.24 -8.65 -25.94
N THR A 82 24.28 -8.40 -25.13
CA THR A 82 25.67 -8.46 -25.57
C THR A 82 26.51 -9.10 -24.49
N TRP A 83 27.77 -9.42 -24.83
CA TRP A 83 28.66 -10.06 -23.86
C TRP A 83 29.23 -9.05 -22.87
N GLN A 84 29.49 -7.81 -23.32
CA GLN A 84 29.92 -6.78 -22.39
C GLN A 84 28.93 -6.61 -21.26
N THR A 85 27.63 -6.81 -21.53
CA THR A 85 26.63 -6.71 -20.49
C THR A 85 26.88 -7.73 -19.39
N GLY A 86 27.11 -8.99 -19.78
CA GLY A 86 27.37 -10.02 -18.79
C GLY A 86 28.66 -9.79 -18.04
N VAL A 87 29.69 -9.30 -18.74
CA VAL A 87 30.96 -9.02 -18.06
C VAL A 87 30.76 -7.93 -17.02
N ALA A 88 30.03 -6.87 -17.37
CA ALA A 88 29.77 -5.80 -16.40
C ALA A 88 28.91 -6.30 -15.26
N PHE A 89 27.94 -7.18 -15.55
CA PHE A 89 27.14 -7.77 -14.49
C PHE A 89 28.00 -8.48 -13.47
N LEU A 90 28.87 -9.37 -13.94
CA LEU A 90 29.74 -10.11 -13.03
C LEU A 90 30.66 -9.17 -12.28
N LEU A 91 31.15 -8.13 -12.96
CA LEU A 91 32.02 -7.15 -12.30
C LEU A 91 31.30 -6.49 -11.13
N GLY A 92 30.05 -6.05 -11.35
CA GLY A 92 29.32 -5.39 -10.28
C GLY A 92 29.01 -6.33 -9.13
N ALA A 93 28.61 -7.57 -9.44
CA ALA A 93 28.42 -8.57 -8.40
C ALA A 93 29.68 -8.68 -7.56
N VAL A 94 30.84 -8.75 -8.21
CA VAL A 94 32.10 -8.91 -7.48
C VAL A 94 32.38 -7.68 -6.62
N MET A 95 32.17 -6.48 -7.17
CA MET A 95 32.43 -5.27 -6.40
C MET A 95 31.60 -5.25 -5.12
N SER A 96 30.30 -5.49 -5.25
CA SER A 96 29.44 -5.41 -4.07
C SER A 96 29.74 -6.52 -3.08
N ALA A 97 29.95 -7.75 -3.56
CA ALA A 97 30.29 -8.84 -2.67
C ALA A 97 31.59 -8.56 -1.92
N SER A 98 32.57 -7.97 -2.61
CA SER A 98 33.83 -7.62 -1.97
C SER A 98 33.59 -6.60 -0.86
N ALA A 99 32.85 -5.54 -1.17
CA ALA A 99 32.56 -4.54 -0.13
C ALA A 99 31.93 -5.20 1.08
N GLY A 100 30.96 -6.10 0.85
CA GLY A 100 30.28 -6.72 1.97
C GLY A 100 31.19 -7.59 2.81
N ILE A 101 31.97 -8.46 2.16
CA ILE A 101 32.86 -9.35 2.89
C ILE A 101 33.87 -8.55 3.71
N VAL A 102 34.47 -7.54 3.07
CA VAL A 102 35.46 -6.71 3.76
C VAL A 102 34.84 -6.05 4.99
N GLY A 103 33.69 -5.41 4.81
CA GLY A 103 33.06 -4.72 5.93
C GLY A 103 32.71 -5.67 7.07
N MET A 104 32.19 -6.86 6.74
CA MET A 104 31.81 -7.78 7.80
C MET A 104 33.01 -8.31 8.56
N LYS A 105 34.07 -8.69 7.85
CA LYS A 105 35.28 -9.14 8.53
C LYS A 105 35.83 -8.05 9.44
N MET A 106 35.90 -6.81 8.93
CA MET A 106 36.38 -5.71 9.76
C MET A 106 35.52 -5.52 11.01
N ALA A 107 34.20 -5.59 10.86
CA ALA A 107 33.33 -5.36 12.01
C ALA A 107 33.53 -6.46 13.06
N THR A 108 33.56 -7.71 12.62
CA THR A 108 33.79 -8.81 13.55
C THR A 108 35.14 -8.66 14.23
N ARG A 109 36.10 -8.01 13.58
CA ARG A 109 37.39 -7.77 14.22
C ARG A 109 37.33 -6.62 15.23
N ALA A 110 36.57 -5.56 14.93
CA ALA A 110 36.59 -4.35 15.76
C ALA A 110 35.64 -4.41 16.96
N ASN A 111 34.71 -5.37 16.97
CA ASN A 111 33.77 -5.45 18.09
C ASN A 111 34.46 -5.53 19.44
N VAL A 112 35.63 -6.19 19.51
CA VAL A 112 36.32 -6.31 20.79
C VAL A 112 37.15 -5.07 21.08
N ARG A 113 37.84 -4.55 20.07
CA ARG A 113 38.72 -3.41 20.27
C ARG A 113 37.96 -2.19 20.74
N VAL A 114 36.70 -2.02 20.33
CA VAL A 114 35.92 -0.92 20.87
C VAL A 114 35.77 -1.06 22.39
N ALA A 115 35.40 -2.27 22.83
CA ALA A 115 35.23 -2.51 24.27
C ALA A 115 36.56 -2.35 25.01
N GLU A 116 37.66 -2.75 24.38
CA GLU A 116 38.96 -2.61 25.02
C GLU A 116 39.34 -1.14 25.17
N ALA A 117 39.03 -0.32 24.16
CA ALA A 117 39.19 1.12 24.31
C ALA A 117 38.36 1.63 25.48
N ALA A 118 37.10 1.19 25.58
CA ALA A 118 36.24 1.66 26.66
C ALA A 118 36.78 1.24 28.03
N ARG A 119 37.38 0.05 28.12
CA ARG A 119 37.85 -0.45 29.41
C ARG A 119 39.18 0.17 29.81
N THR A 120 40.19 0.04 28.94
CA THR A 120 41.52 0.55 29.25
C THR A 120 41.51 2.05 29.54
N THR A 121 40.88 2.82 28.66
CA THR A 121 40.89 4.27 28.77
C THR A 121 39.71 4.83 29.56
N LYS A 122 38.67 4.02 29.81
CA LYS A 122 37.50 4.48 30.55
C LYS A 122 36.94 5.78 29.97
N LYS A 123 37.00 5.91 28.65
CA LYS A 123 36.55 7.10 27.96
C LYS A 123 35.67 6.73 26.78
N ILE A 124 34.86 7.70 26.34
CA ILE A 124 33.95 7.48 25.22
C ILE A 124 34.62 7.83 23.89
N GLY A 125 35.51 8.82 23.87
CA GLY A 125 36.13 9.30 22.65
C GLY A 125 36.93 8.23 21.93
N PRO A 126 37.86 7.58 22.63
CA PRO A 126 38.67 6.55 21.97
C PRO A 126 37.85 5.38 21.46
N ALA A 127 36.85 4.93 22.22
CA ALA A 127 35.99 3.86 21.76
C ALA A 127 35.22 4.29 20.51
N LEU A 128 34.70 5.52 20.50
CA LEU A 128 34.02 6.02 19.32
C LEU A 128 34.95 6.05 18.12
N LYS A 129 36.20 6.46 18.32
CA LYS A 129 37.15 6.50 17.21
C LYS A 129 37.42 5.09 16.67
N VAL A 130 37.60 4.12 17.56
CA VAL A 130 37.83 2.74 17.12
C VAL A 130 36.63 2.25 16.30
N ALA A 131 35.42 2.48 16.81
CA ALA A 131 34.23 2.00 16.12
C ALA A 131 34.03 2.69 14.77
N TYR A 132 34.31 3.99 14.71
CA TYR A 132 34.12 4.71 13.45
C TYR A 132 35.16 4.32 12.43
N GLN A 133 36.41 4.09 12.87
CA GLN A 133 37.40 3.54 11.95
C GLN A 133 36.99 2.15 11.46
N GLY A 134 36.28 1.39 12.31
CA GLY A 134 35.75 0.12 11.86
C GLY A 134 34.70 0.27 10.77
N GLY A 135 33.72 1.14 10.99
CA GLY A 135 32.64 1.31 10.03
C GLY A 135 33.07 1.98 8.74
N SER A 136 34.09 2.84 8.80
CA SER A 136 34.57 3.49 7.59
C SER A 136 35.14 2.49 6.61
N VAL A 137 35.50 1.29 7.06
CA VAL A 137 35.96 0.26 6.14
C VAL A 137 34.82 -0.14 5.21
N MET A 138 33.64 -0.41 5.76
CA MET A 138 32.49 -0.74 4.91
C MET A 138 32.09 0.47 4.06
N GLY A 139 32.05 1.66 4.66
CA GLY A 139 31.68 2.83 3.87
C GLY A 139 32.59 3.05 2.66
N LEU A 140 33.90 3.07 2.92
CA LEU A 140 34.86 3.32 1.85
C LEU A 140 34.95 2.17 0.88
N SER A 141 34.77 0.93 1.34
CA SER A 141 34.74 -0.20 0.41
C SER A 141 33.53 -0.09 -0.51
N VAL A 142 32.36 0.22 0.04
CA VAL A 142 31.18 0.45 -0.81
C VAL A 142 31.51 1.47 -1.89
N GLY A 143 31.88 2.69 -1.47
CA GLY A 143 32.16 3.73 -2.44
C GLY A 143 33.22 3.33 -3.44
N GLY A 144 34.37 2.85 -2.95
CA GLY A 144 35.48 2.54 -3.83
C GLY A 144 35.18 1.43 -4.80
N PHE A 145 34.68 0.31 -4.31
CA PHE A 145 34.36 -0.82 -5.19
C PHE A 145 33.34 -0.41 -6.24
N ALA A 146 32.27 0.27 -5.83
CA ALA A 146 31.23 0.67 -6.78
C ALA A 146 31.80 1.57 -7.86
N LEU A 147 32.41 2.69 -7.45
CA LEU A 147 32.91 3.64 -8.43
C LEU A 147 34.06 3.08 -9.23
N LEU A 148 34.80 2.12 -8.68
CA LEU A 148 35.84 1.45 -9.44
C LEU A 148 35.24 0.65 -10.58
N GLY A 149 34.23 -0.18 -10.26
CA GLY A 149 33.53 -0.88 -11.32
C GLY A 149 33.00 0.06 -12.38
N LEU A 150 32.43 1.19 -11.97
CA LEU A 150 31.86 2.11 -12.96
C LEU A 150 32.94 2.76 -13.82
N VAL A 151 34.05 3.17 -13.21
CA VAL A 151 35.13 3.77 -13.99
C VAL A 151 35.70 2.75 -14.97
N LEU A 152 35.89 1.51 -14.51
CA LEU A 152 36.35 0.45 -15.40
C LEU A 152 35.40 0.26 -16.58
N VAL A 153 34.09 0.25 -16.30
CA VAL A 153 33.12 0.09 -17.39
C VAL A 153 33.20 1.26 -18.34
N TYR A 154 33.29 2.49 -17.82
CA TYR A 154 33.30 3.66 -18.67
C TYR A 154 34.55 3.74 -19.52
N LEU A 155 35.67 3.17 -19.05
CA LEU A 155 36.91 3.23 -19.81
C LEU A 155 37.01 2.06 -20.79
N ILE A 156 36.97 0.82 -20.29
CA ILE A 156 37.13 -0.36 -21.12
C ILE A 156 36.03 -0.42 -22.16
N PHE A 157 34.79 -0.65 -21.72
CA PHE A 157 33.69 -0.74 -22.67
C PHE A 157 33.29 0.62 -23.21
N GLY A 158 33.40 1.66 -22.39
CA GLY A 158 32.93 2.98 -22.76
C GLY A 158 33.77 3.64 -23.84
N LYS A 159 35.03 3.93 -23.51
CA LYS A 159 35.91 4.68 -24.41
C LYS A 159 36.81 3.78 -25.25
N TRP A 160 37.48 2.80 -24.63
CA TRP A 160 38.38 1.94 -25.38
C TRP A 160 37.64 1.23 -26.51
N MET A 161 36.51 0.61 -26.21
CA MET A 161 35.70 -0.07 -27.21
C MET A 161 34.74 0.87 -27.93
N GLY A 162 34.74 2.16 -27.60
CA GLY A 162 33.95 3.11 -28.35
C GLY A 162 32.45 2.92 -28.27
N GLN A 163 31.93 2.48 -27.12
CA GLN A 163 30.49 2.47 -26.91
C GLN A 163 29.94 3.84 -26.59
N VAL A 164 30.77 4.74 -26.03
CA VAL A 164 30.39 6.14 -25.87
C VAL A 164 30.58 6.93 -27.16
N ASP A 165 31.14 6.31 -28.20
CA ASP A 165 31.39 6.96 -29.49
C ASP A 165 30.23 6.75 -30.47
N ASN A 166 29.73 5.52 -30.58
CA ASN A 166 28.65 5.24 -31.51
C ASN A 166 27.33 5.82 -31.02
N LEU A 167 26.86 5.37 -29.86
CA LEU A 167 25.66 5.89 -29.21
C LEU A 167 24.40 5.77 -30.08
N ASN A 168 24.42 4.91 -31.08
CA ASN A 168 23.25 4.64 -31.89
C ASN A 168 22.64 3.30 -31.49
N ILE A 169 21.37 3.12 -31.84
CA ILE A 169 20.69 1.88 -31.50
C ILE A 169 21.37 0.74 -32.25
N TYR A 170 21.95 -0.19 -31.49
CA TYR A 170 22.62 -1.36 -32.02
C TYR A 170 21.65 -2.54 -31.95
N THR A 171 21.66 -3.36 -32.98
CA THR A 171 20.79 -4.53 -33.06
C THR A 171 21.64 -5.79 -32.99
N ASN A 172 21.38 -6.62 -31.99
CA ASN A 172 22.17 -7.82 -31.78
C ASN A 172 21.69 -8.93 -32.72
N TRP A 173 22.40 -10.06 -32.68
CA TRP A 173 22.16 -11.14 -33.64
C TRP A 173 20.73 -11.65 -33.59
N LEU A 174 20.09 -11.62 -32.42
CA LEU A 174 18.71 -12.05 -32.30
C LEU A 174 17.71 -11.03 -32.83
N GLY A 175 18.15 -9.80 -33.12
CA GLY A 175 17.26 -8.73 -33.50
C GLY A 175 16.88 -7.80 -32.37
N ILE A 176 17.40 -8.03 -31.16
CA ILE A 176 17.12 -7.18 -30.01
C ILE A 176 17.92 -5.90 -30.14
N ASN A 177 17.25 -4.75 -29.97
CA ASN A 177 17.83 -3.45 -30.20
C ASN A 177 18.02 -2.69 -28.90
N PHE A 178 19.07 -1.87 -28.84
CA PHE A 178 19.37 -1.11 -27.64
C PHE A 178 20.61 -0.27 -27.88
N VAL A 179 20.78 0.78 -27.08
CA VAL A 179 22.00 1.58 -27.13
C VAL A 179 23.06 0.82 -26.34
N PRO A 180 24.21 0.48 -26.93
CA PRO A 180 25.15 -0.44 -26.26
C PRO A 180 25.53 -0.04 -24.83
N PHE A 181 26.04 1.19 -24.65
CA PHE A 181 26.54 1.56 -23.33
C PHE A 181 25.43 1.57 -22.29
N ALA A 182 24.24 2.01 -22.69
CA ALA A 182 23.10 1.95 -21.77
C ALA A 182 22.88 0.53 -21.28
N MET A 183 22.83 -0.43 -22.20
CA MET A 183 22.60 -1.82 -21.82
C MET A 183 23.75 -2.34 -20.95
N THR A 184 24.97 -1.90 -21.21
CA THR A 184 26.11 -2.33 -20.40
C THR A 184 25.96 -1.87 -18.96
N VAL A 185 25.72 -0.57 -18.76
CA VAL A 185 25.55 -0.06 -17.40
C VAL A 185 24.34 -0.71 -16.74
N SER A 186 23.31 -1.05 -17.52
CA SER A 186 22.17 -1.77 -16.94
C SER A 186 22.60 -3.13 -16.42
N GLY A 187 23.44 -3.84 -17.18
CA GLY A 187 23.96 -5.10 -16.70
C GLY A 187 24.72 -4.96 -15.40
N TYR A 188 25.57 -3.93 -15.32
CA TYR A 188 26.32 -3.68 -14.09
C TYR A 188 25.38 -3.43 -12.90
N ALA A 189 24.36 -2.61 -13.12
CA ALA A 189 23.37 -2.36 -12.08
C ALA A 189 22.72 -3.66 -11.61
N LEU A 190 22.30 -4.50 -12.56
CA LEU A 190 21.71 -5.79 -12.18
C LEU A 190 22.68 -6.62 -11.37
N GLY A 191 23.97 -6.53 -11.69
CA GLY A 191 24.98 -7.23 -10.92
C GLY A 191 24.95 -6.81 -9.47
N CYS A 192 25.06 -5.51 -9.21
CA CYS A 192 24.97 -5.03 -7.83
C CYS A 192 23.65 -5.45 -7.18
N SER A 193 22.56 -5.46 -7.95
CA SER A 193 21.26 -5.77 -7.40
C SER A 193 21.18 -7.21 -6.91
N ILE A 194 21.83 -8.15 -7.61
CA ILE A 194 21.76 -9.54 -7.16
C ILE A 194 22.38 -9.67 -5.77
N ILE A 195 23.57 -9.08 -5.58
CA ILE A 195 24.21 -9.10 -4.26
C ILE A 195 23.29 -8.49 -3.22
N ALA A 196 22.67 -7.35 -3.54
CA ALA A 196 21.81 -6.70 -2.56
C ALA A 196 20.58 -7.55 -2.23
N MET A 197 19.99 -8.18 -3.23
CA MET A 197 18.84 -9.05 -2.99
C MET A 197 19.22 -10.21 -2.08
N PHE A 198 20.31 -10.90 -2.41
CA PHE A 198 20.77 -11.98 -1.55
C PHE A 198 20.92 -11.48 -0.12
N ASP A 199 21.81 -10.51 0.09
CA ASP A 199 22.02 -9.98 1.43
C ASP A 199 20.68 -9.68 2.11
N ARG A 200 19.92 -8.73 1.56
CA ARG A 200 18.69 -8.31 2.22
C ARG A 200 17.75 -9.49 2.44
N VAL A 201 17.16 -10.07 1.40
CA VAL A 201 16.15 -11.12 1.61
C VAL A 201 16.72 -12.23 2.50
N GLY A 202 17.74 -12.93 2.01
CA GLY A 202 18.25 -14.07 2.73
C GLY A 202 18.77 -13.73 4.11
N GLY A 203 19.81 -12.89 4.18
CA GLY A 203 20.38 -12.52 5.46
C GLY A 203 19.38 -11.92 6.41
N GLY A 204 18.34 -11.25 5.91
CA GLY A 204 17.34 -10.68 6.80
C GLY A 204 16.47 -11.76 7.42
N VAL A 205 16.00 -12.70 6.59
CA VAL A 205 15.32 -13.87 7.14
C VAL A 205 16.19 -14.51 8.19
N TYR A 206 17.48 -14.69 7.90
CA TYR A 206 18.38 -15.32 8.85
C TYR A 206 18.45 -14.53 10.14
N THR A 207 18.69 -13.22 10.04
CA THR A 207 18.86 -12.39 11.23
C THR A 207 17.63 -12.47 12.13
N LYS A 208 16.46 -12.29 11.54
CA LYS A 208 15.26 -12.23 12.37
C LYS A 208 14.86 -13.61 12.88
N ALA A 209 15.13 -14.67 12.11
CA ALA A 209 14.95 -16.02 12.64
C ALA A 209 15.86 -16.25 13.84
N ALA A 210 17.10 -15.77 13.77
CA ALA A 210 18.04 -15.92 14.87
C ALA A 210 17.54 -15.17 16.11
N ASP A 211 17.09 -13.93 15.92
CA ASP A 211 16.60 -13.14 17.05
C ASP A 211 15.37 -13.79 17.68
N MET A 212 14.42 -14.22 16.84
CA MET A 212 13.21 -14.86 17.33
C MET A 212 13.53 -16.15 18.06
N ALA A 213 14.45 -16.95 17.52
CA ALA A 213 14.85 -18.19 18.17
C ALA A 213 15.53 -17.92 19.50
N ALA A 214 16.36 -16.87 19.57
CA ALA A 214 17.00 -16.52 20.83
C ALA A 214 15.96 -16.21 21.90
N ASP A 215 15.00 -15.33 21.57
CA ASP A 215 13.97 -15.00 22.54
C ASP A 215 13.15 -16.24 22.92
N LEU A 216 12.82 -17.07 21.94
CA LEU A 216 11.99 -18.23 22.21
C LEU A 216 12.71 -19.19 23.15
N VAL A 217 13.93 -19.59 22.78
CA VAL A 217 14.67 -20.52 23.63
C VAL A 217 14.87 -19.90 25.01
N GLY A 218 14.97 -18.57 25.08
CA GLY A 218 14.96 -17.94 26.39
C GLY A 218 13.67 -18.23 27.14
N LYS A 219 12.57 -18.39 26.41
CA LYS A 219 11.28 -18.68 27.01
C LYS A 219 10.83 -20.14 26.85
N THR A 220 11.60 -20.98 26.15
CA THR A 220 11.22 -22.38 26.00
C THR A 220 11.50 -23.16 27.28
N GLU A 221 11.28 -24.49 27.20
CA GLU A 221 11.54 -25.36 28.33
C GLU A 221 13.01 -25.33 28.72
N LEU A 222 13.91 -25.13 27.74
CA LEU A 222 15.33 -25.08 28.04
C LEU A 222 15.66 -23.89 28.93
N ASN A 223 14.99 -22.76 28.72
CA ASN A 223 15.19 -21.57 29.54
C ASN A 223 16.65 -21.14 29.58
N LEU A 224 17.25 -21.04 28.40
CA LEU A 224 18.63 -20.55 28.30
C LEU A 224 18.58 -19.03 28.32
N PRO A 225 19.27 -18.37 29.25
CA PRO A 225 19.08 -16.93 29.40
C PRO A 225 19.46 -16.15 28.15
N GLU A 226 18.73 -15.08 27.90
CA GLU A 226 19.08 -14.17 26.83
C GLU A 226 20.37 -13.44 27.20
N ASP A 227 21.19 -13.17 26.19
CA ASP A 227 22.51 -12.55 26.40
C ASP A 227 23.41 -13.50 27.19
N ASP A 228 23.44 -14.77 26.78
CA ASP A 228 24.23 -15.79 27.45
C ASP A 228 25.00 -16.56 26.38
N PRO A 229 26.32 -16.74 26.53
CA PRO A 229 27.05 -17.54 25.53
C PRO A 229 26.55 -18.97 25.41
N ARG A 230 25.93 -19.51 26.46
CA ARG A 230 25.38 -20.86 26.39
C ARG A 230 24.30 -20.95 25.31
N ASN A 231 23.52 -19.90 25.15
CA ASN A 231 22.48 -19.85 24.12
C ASN A 231 23.13 -19.61 22.77
N PRO A 232 23.10 -20.58 21.84
CA PRO A 232 23.69 -20.34 20.52
C PRO A 232 22.99 -19.24 19.74
N ALA A 233 21.68 -19.12 19.89
CA ALA A 233 20.94 -18.09 19.18
C ALA A 233 21.38 -16.70 19.58
N THR A 234 21.98 -16.53 20.77
CA THR A 234 22.50 -15.22 21.16
C THR A 234 23.67 -14.82 20.25
N ILE A 235 24.61 -15.74 20.02
CA ILE A 235 25.70 -15.45 19.11
C ILE A 235 25.19 -15.33 17.67
N ALA A 236 24.19 -16.15 17.31
CA ALA A 236 23.61 -16.02 15.98
C ALA A 236 22.99 -14.63 15.78
N ASP A 237 22.39 -14.08 16.83
CA ASP A 237 21.78 -12.75 16.74
C ASP A 237 22.85 -11.67 16.66
N ASN A 238 23.93 -11.82 17.43
CA ASN A 238 25.03 -10.87 17.33
C ASN A 238 25.68 -10.92 15.95
N VAL A 239 25.66 -12.09 15.30
CA VAL A 239 26.12 -12.19 13.92
C VAL A 239 25.11 -11.52 12.99
N GLY A 240 23.83 -11.72 13.24
CA GLY A 240 22.81 -11.15 12.38
C GLY A 240 22.82 -9.64 12.39
N ASP A 241 23.16 -9.03 13.54
CA ASP A 241 23.24 -7.57 13.56
C ASP A 241 24.23 -7.06 12.51
N ASN A 242 25.37 -7.73 12.37
CA ASN A 242 26.34 -7.34 11.34
C ASN A 242 25.85 -7.74 9.95
N VAL A 243 25.31 -8.95 9.82
CA VAL A 243 24.77 -9.39 8.52
C VAL A 243 23.77 -8.36 7.99
N GLY A 244 23.02 -7.72 8.88
CA GLY A 244 21.97 -6.81 8.50
C GLY A 244 22.45 -5.40 8.30
N ASP A 245 22.93 -4.74 9.35
CA ASP A 245 23.23 -3.32 9.27
C ASP A 245 24.61 -3.02 8.71
N VAL A 246 25.40 -4.03 8.32
CA VAL A 246 26.68 -3.83 7.66
C VAL A 246 26.65 -4.34 6.22
N ALA A 247 26.38 -5.63 6.05
CA ALA A 247 26.34 -6.20 4.70
C ALA A 247 25.05 -5.81 3.98
N GLY A 248 23.90 -6.08 4.60
CA GLY A 248 22.62 -5.80 3.99
C GLY A 248 22.40 -4.34 3.68
N LEU A 249 22.50 -3.49 4.71
CA LEU A 249 22.26 -2.06 4.52
C LEU A 249 23.31 -1.43 3.62
N GLY A 250 24.57 -1.87 3.73
CA GLY A 250 25.61 -1.38 2.85
C GLY A 250 25.35 -1.74 1.40
N ALA A 251 24.96 -3.00 1.14
CA ALA A 251 24.64 -3.40 -0.22
C ALA A 251 23.42 -2.64 -0.74
N ASP A 252 22.44 -2.37 0.13
CA ASP A 252 21.26 -1.62 -0.27
C ASP A 252 21.65 -0.21 -0.72
N LEU A 253 22.41 0.52 0.11
CA LEU A 253 22.83 1.86 -0.27
C LEU A 253 23.70 1.82 -1.53
N LEU A 254 24.53 0.79 -1.67
CA LEU A 254 25.35 0.67 -2.86
C LEU A 254 24.48 0.50 -4.10
N GLU A 255 23.43 -0.30 -4.00
CA GLU A 255 22.52 -0.51 -5.13
C GLU A 255 21.80 0.80 -5.49
N SER A 256 21.33 1.54 -4.49
CA SER A 256 20.65 2.80 -4.79
C SER A 256 21.61 3.78 -5.47
N PHE A 257 22.81 3.92 -4.91
CA PHE A 257 23.87 4.75 -5.49
C PHE A 257 24.09 4.43 -6.97
N VAL A 258 24.48 3.18 -7.24
CA VAL A 258 24.76 2.77 -8.60
C VAL A 258 23.52 2.91 -9.48
N GLY A 259 22.33 2.70 -8.92
CA GLY A 259 21.13 2.83 -9.72
C GLY A 259 20.89 4.25 -10.17
N ALA A 260 21.05 5.21 -9.27
CA ALA A 260 20.90 6.62 -9.65
C ALA A 260 21.88 6.96 -10.77
N ILE A 261 23.14 6.54 -10.61
CA ILE A 261 24.14 6.90 -11.62
C ILE A 261 23.81 6.25 -12.97
N VAL A 262 23.46 4.96 -12.94
CA VAL A 262 23.15 4.26 -14.18
C VAL A 262 21.92 4.86 -14.84
N SER A 263 20.94 5.30 -14.05
CA SER A 263 19.74 5.91 -14.64
C SER A 263 20.11 7.19 -15.37
N SER A 264 20.90 8.05 -14.72
CA SER A 264 21.38 9.23 -15.41
C SER A 264 22.00 8.85 -16.76
N ILE A 265 22.87 7.84 -16.75
CA ILE A 265 23.58 7.46 -17.97
C ILE A 265 22.62 6.94 -19.03
N ILE A 266 21.64 6.13 -18.64
CA ILE A 266 20.73 5.54 -19.62
C ILE A 266 19.86 6.62 -20.24
N LEU A 267 19.31 7.52 -19.41
CA LEU A 267 18.55 8.64 -19.95
C LEU A 267 19.39 9.43 -20.94
N ALA A 268 20.62 9.79 -20.55
CA ALA A 268 21.47 10.55 -21.45
C ALA A 268 21.67 9.79 -22.76
N SER A 269 22.08 8.52 -22.67
CA SER A 269 22.35 7.72 -23.87
C SER A 269 21.14 7.67 -24.80
N TYR A 270 19.95 7.47 -24.24
CA TYR A 270 18.76 7.32 -25.09
C TYR A 270 18.20 8.65 -25.57
N MET A 271 18.67 9.78 -25.03
CA MET A 271 18.27 11.07 -25.58
C MET A 271 18.86 11.27 -26.97
N PHE A 272 19.99 10.62 -27.28
CA PHE A 272 20.60 10.80 -28.60
C PHE A 272 19.66 10.32 -29.70
N PRO A 273 19.17 9.08 -29.70
CA PRO A 273 18.19 8.68 -30.72
C PRO A 273 16.85 9.38 -30.58
N ILE A 274 16.50 9.84 -29.38
CA ILE A 274 15.17 10.39 -29.15
C ILE A 274 15.00 11.72 -29.88
N TYR A 275 15.89 12.68 -29.59
CA TYR A 275 15.75 14.05 -30.09
C TYR A 275 16.44 14.18 -31.46
N VAL A 276 15.91 13.44 -32.42
CA VAL A 276 16.35 13.50 -33.81
C VAL A 276 15.20 14.08 -34.64
N GLN A 277 15.56 14.87 -35.65
CA GLN A 277 14.61 15.51 -36.56
C GLN A 277 14.86 14.94 -37.94
N LYS A 278 13.80 14.45 -38.58
CA LYS A 278 13.90 13.89 -39.93
C LYS A 278 13.75 15.02 -40.95
N ILE A 279 14.83 15.77 -41.13
CA ILE A 279 14.83 16.85 -42.10
C ILE A 279 14.94 16.22 -43.48
N GLY A 280 13.80 15.94 -44.10
CA GLY A 280 13.80 15.39 -45.43
C GLY A 280 14.26 13.94 -45.46
N GLU A 281 15.47 13.72 -45.94
CA GLU A 281 16.12 12.41 -45.87
C GLU A 281 17.25 12.35 -44.84
N ASN A 282 17.48 13.41 -44.07
CA ASN A 282 18.59 13.46 -43.13
C ASN A 282 18.07 13.35 -41.70
N LEU A 283 18.83 12.64 -40.87
CA LEU A 283 18.56 12.56 -39.44
C LEU A 283 19.47 13.59 -38.76
N VAL A 284 18.88 14.62 -38.18
CA VAL A 284 19.61 15.70 -37.53
C VAL A 284 19.41 15.55 -36.03
N HIS A 285 20.49 15.23 -35.32
CA HIS A 285 20.43 15.10 -33.86
C HIS A 285 20.38 16.49 -33.24
N GLN A 286 19.23 16.84 -32.65
CA GLN A 286 19.08 18.12 -31.97
C GLN A 286 19.88 18.19 -30.67
N VAL A 287 20.24 17.04 -30.11
CA VAL A 287 21.18 16.94 -29.00
C VAL A 287 22.42 16.21 -29.53
N PRO A 288 23.53 16.90 -29.76
CA PRO A 288 24.67 16.26 -30.44
C PRO A 288 25.53 15.41 -29.50
N LYS A 289 26.35 14.54 -30.12
CA LYS A 289 27.16 13.59 -29.37
C LYS A 289 27.94 14.24 -28.24
N GLU A 290 28.42 15.47 -28.44
CA GLU A 290 29.19 16.12 -27.39
C GLU A 290 28.39 16.21 -26.10
N THR A 291 27.16 16.74 -26.19
CA THR A 291 26.32 16.87 -25.00
C THR A 291 25.96 15.52 -24.41
N ILE A 292 25.64 14.54 -25.26
CA ILE A 292 25.25 13.22 -24.77
C ILE A 292 26.39 12.61 -23.95
N GLN A 293 27.61 12.71 -24.45
CA GLN A 293 28.75 12.15 -23.74
C GLN A 293 29.04 12.93 -22.47
N ALA A 294 28.86 14.26 -22.52
CA ALA A 294 29.04 15.07 -21.32
C ALA A 294 28.06 14.65 -20.23
N LEU A 295 26.82 14.35 -20.60
CA LEU A 295 25.83 13.92 -19.62
C LEU A 295 25.99 12.46 -19.20
N ILE A 296 26.62 11.64 -20.03
CA ILE A 296 26.96 10.28 -19.60
C ILE A 296 28.06 10.33 -18.55
N SER A 297 29.02 11.23 -18.69
CA SER A 297 30.15 11.27 -17.77
C SER A 297 29.93 12.18 -16.56
N TYR A 298 29.04 13.18 -16.65
CA TYR A 298 28.82 14.09 -15.54
C TYR A 298 28.39 13.39 -14.26
N PRO A 299 27.44 12.45 -14.28
CA PRO A 299 27.08 11.78 -13.01
C PRO A 299 28.26 11.06 -12.38
N ILE A 300 29.12 10.43 -13.17
CA ILE A 300 30.28 9.72 -12.63
C ILE A 300 31.21 10.70 -11.92
N PHE A 301 31.48 11.85 -12.54
CA PHE A 301 32.35 12.83 -11.90
C PHE A 301 31.69 13.41 -10.65
N PHE A 302 30.38 13.65 -10.68
CA PHE A 302 29.67 14.11 -9.50
C PHE A 302 29.86 13.13 -8.35
N ALA A 303 29.71 11.84 -8.64
CA ALA A 303 29.84 10.82 -7.61
C ALA A 303 31.27 10.72 -7.10
N LEU A 304 32.26 10.89 -7.99
CA LEU A 304 33.65 10.87 -7.57
C LEU A 304 33.98 12.04 -6.65
N VAL A 305 33.50 13.24 -7.00
CA VAL A 305 33.67 14.39 -6.12
C VAL A 305 33.00 14.13 -4.77
N GLY A 306 31.80 13.53 -4.80
CA GLY A 306 31.14 13.18 -3.55
C GLY A 306 31.96 12.25 -2.70
N LEU A 307 32.57 11.23 -3.33
CA LEU A 307 33.39 10.28 -2.57
C LEU A 307 34.63 10.96 -2.01
N GLY A 308 35.22 11.89 -2.76
CA GLY A 308 36.36 12.63 -2.24
C GLY A 308 35.99 13.43 -1.00
N CYS A 309 34.88 14.17 -1.09
CA CYS A 309 34.41 14.92 0.07
C CYS A 309 34.08 13.99 1.24
N SER A 310 33.55 12.80 0.94
CA SER A 310 33.24 11.83 1.99
C SER A 310 34.51 11.36 2.69
N MET A 311 35.54 11.01 1.91
CA MET A 311 36.81 10.64 2.50
C MET A 311 37.36 11.76 3.36
N LEU A 312 37.21 13.00 2.91
CA LEU A 312 37.72 14.13 3.69
C LEU A 312 36.98 14.28 5.01
N GLY A 313 35.66 14.19 4.99
CA GLY A 313 34.90 14.26 6.23
C GLY A 313 35.25 13.13 7.18
N ILE A 314 35.37 11.91 6.66
CA ILE A 314 35.73 10.76 7.48
C ILE A 314 37.10 10.98 8.11
N LEU A 315 38.06 11.46 7.30
CA LEU A 315 39.40 11.72 7.81
C LEU A 315 39.36 12.76 8.94
N TYR A 316 38.64 13.86 8.71
CA TYR A 316 38.55 14.89 9.74
C TYR A 316 37.97 14.33 11.03
N VAL A 317 36.94 13.48 10.92
CA VAL A 317 36.30 13.01 12.15
C VAL A 317 37.15 11.97 12.85
N ILE A 318 37.97 11.22 12.12
CA ILE A 318 38.82 10.23 12.80
C ILE A 318 40.07 10.89 13.36
N VAL A 319 40.52 12.01 12.78
CA VAL A 319 41.68 12.73 13.32
C VAL A 319 41.28 13.88 14.25
N LYS A 320 40.00 14.26 14.25
CA LYS A 320 39.52 15.37 15.08
C LYS A 320 39.94 15.19 16.54
N LYS A 321 40.04 16.28 17.27
CA LYS A 321 40.34 16.19 18.69
C LYS A 321 39.26 15.38 19.40
N PRO A 322 39.62 14.34 20.15
CA PRO A 322 38.60 13.51 20.79
C PRO A 322 37.63 14.34 21.62
N SER A 323 36.37 13.93 21.60
CA SER A 323 35.29 14.61 22.31
C SER A 323 34.46 13.59 23.05
N ASP A 324 33.47 14.08 23.81
CA ASP A 324 32.58 13.22 24.59
C ASP A 324 31.17 13.16 24.01
N ASN A 325 30.94 13.75 22.84
CA ASN A 325 29.63 13.75 22.19
C ASN A 325 29.70 12.97 20.89
N PRO A 326 29.27 11.70 20.87
CA PRO A 326 29.43 10.88 19.65
C PRO A 326 28.52 11.28 18.50
N GLN A 327 27.23 11.43 18.79
CA GLN A 327 26.28 11.86 17.77
C GLN A 327 26.78 13.09 17.04
N ARG A 328 27.34 14.05 17.79
CA ARG A 328 27.88 15.25 17.17
C ARG A 328 29.01 14.91 16.20
N GLU A 329 29.85 13.95 16.56
CA GLU A 329 30.96 13.56 15.69
C GLU A 329 30.44 12.97 14.38
N LEU A 330 29.49 12.03 14.48
CA LEU A 330 28.96 11.42 13.26
C LEU A 330 28.24 12.45 12.39
N ASN A 331 27.44 13.32 13.03
CA ASN A 331 26.77 14.37 12.29
C ASN A 331 27.78 15.33 11.64
N ILE A 332 28.92 15.54 12.29
CA ILE A 332 29.97 16.37 11.69
C ILE A 332 30.50 15.72 10.43
N SER A 333 30.79 14.41 10.50
CA SER A 333 31.18 13.70 9.30
C SER A 333 30.16 13.93 8.17
N LEU A 334 28.88 13.70 8.49
CA LEU A 334 27.83 13.81 7.48
C LEU A 334 27.78 15.22 6.89
N TRP A 335 27.74 16.24 7.75
CA TRP A 335 27.57 17.60 7.25
C TRP A 335 28.78 18.06 6.47
N THR A 336 29.98 17.68 6.91
CA THR A 336 31.18 18.03 6.15
C THR A 336 31.13 17.42 4.76
N SER A 337 30.88 16.11 4.67
CA SER A 337 30.79 15.49 3.37
C SER A 337 29.74 16.19 2.52
N ALA A 338 28.57 16.46 3.09
CA ALA A 338 27.49 17.10 2.34
C ALA A 338 27.92 18.47 1.80
N LEU A 339 28.40 19.34 2.69
CA LEU A 339 28.73 20.70 2.27
C LEU A 339 29.86 20.71 1.25
N LEU A 340 30.91 19.93 1.50
CA LEU A 340 32.01 19.85 0.55
C LEU A 340 31.51 19.39 -0.81
N THR A 341 30.70 18.33 -0.84
CA THR A 341 30.16 17.85 -2.10
C THR A 341 29.37 18.95 -2.79
N VAL A 342 28.52 19.65 -2.04
CA VAL A 342 27.72 20.72 -2.62
C VAL A 342 28.63 21.71 -3.31
N VAL A 343 29.61 22.23 -2.58
CA VAL A 343 30.46 23.31 -3.10
C VAL A 343 31.22 22.83 -4.33
N LEU A 344 32.00 21.76 -4.18
CA LEU A 344 32.83 21.31 -5.29
C LEU A 344 31.99 20.92 -6.51
N THR A 345 30.88 20.23 -6.29
CA THR A 345 30.04 19.82 -7.41
C THR A 345 29.42 21.01 -8.11
N ALA A 346 29.25 22.14 -7.40
CA ALA A 346 28.82 23.36 -8.09
C ALA A 346 29.77 23.71 -9.22
N PHE A 347 31.06 23.80 -8.91
CA PHE A 347 32.06 24.10 -9.94
C PHE A 347 32.10 23.01 -10.98
N LEU A 348 32.03 21.75 -10.54
CA LEU A 348 32.02 20.64 -11.49
C LEU A 348 30.93 20.83 -12.53
N THR A 349 29.70 21.02 -12.07
CA THR A 349 28.57 21.22 -12.97
C THR A 349 28.81 22.39 -13.90
N TYR A 350 29.11 23.58 -13.35
CA TYR A 350 29.16 24.76 -14.19
C TYR A 350 30.27 24.66 -15.24
N PHE A 351 31.44 24.16 -14.86
CA PHE A 351 32.56 24.14 -15.79
C PHE A 351 32.52 22.96 -16.75
N TYR A 352 31.84 21.87 -16.38
CA TYR A 352 31.82 20.70 -17.24
C TYR A 352 30.72 20.73 -18.29
N LEU A 353 29.64 21.48 -18.04
CA LEU A 353 28.49 21.53 -18.94
C LEU A 353 28.31 22.90 -19.59
N LYS A 354 29.25 23.83 -19.41
CA LYS A 354 29.01 25.21 -19.83
C LYS A 354 28.83 25.33 -21.33
N ASP A 355 29.73 24.75 -22.11
CA ASP A 355 29.80 24.98 -23.55
C ASP A 355 28.97 23.99 -24.36
N LEU A 356 27.98 23.35 -23.75
CA LEU A 356 27.19 22.34 -24.42
C LEU A 356 26.03 22.99 -25.19
N GLN A 357 25.40 22.18 -26.04
N GLN A 357 25.41 22.18 -26.05
CA GLN A 357 24.32 22.62 -26.91
CA GLN A 357 24.32 22.62 -26.91
C GLN A 357 23.14 21.67 -26.78
C GLN A 357 23.14 21.67 -26.75
N GLY A 358 21.94 22.23 -26.86
CA GLY A 358 20.72 21.43 -26.76
C GLY A 358 20.23 21.19 -25.36
N LEU A 359 20.85 21.80 -24.34
CA LEU A 359 20.38 21.60 -22.97
C LEU A 359 18.94 22.06 -22.79
N ASP A 360 18.48 23.02 -23.60
CA ASP A 360 17.10 23.48 -23.48
C ASP A 360 16.12 22.39 -23.91
N VAL A 361 16.43 21.68 -24.99
CA VAL A 361 15.55 20.62 -25.48
C VAL A 361 15.51 19.47 -24.49
N LEU A 362 16.47 19.42 -23.56
CA LEU A 362 16.61 18.33 -22.61
C LEU A 362 15.87 18.56 -21.30
N GLY A 363 15.47 19.79 -21.02
CA GLY A 363 14.79 20.12 -19.76
C GLY A 363 15.60 20.97 -18.81
N PHE A 364 16.83 21.33 -19.14
CA PHE A 364 17.62 22.23 -18.31
C PHE A 364 17.00 23.62 -18.38
N ARG A 365 16.48 24.10 -17.26
CA ARG A 365 15.75 25.36 -17.23
C ARG A 365 16.66 26.55 -17.00
N PHE A 366 17.73 26.39 -16.23
CA PHE A 366 18.69 27.46 -15.97
C PHE A 366 20.06 27.17 -16.57
N GLY A 367 20.08 26.39 -17.66
CA GLY A 367 21.32 26.15 -18.37
C GLY A 367 22.21 25.10 -17.71
N ALA A 368 23.52 25.26 -17.92
CA ALA A 368 24.50 24.25 -17.52
C ALA A 368 24.50 23.97 -16.02
N ILE A 369 24.02 24.91 -15.20
CA ILE A 369 24.02 24.71 -13.74
C ILE A 369 22.75 24.04 -13.25
N SER A 370 21.76 23.82 -14.11
CA SER A 370 20.50 23.22 -13.68
C SER A 370 20.69 21.93 -12.89
N PRO A 371 21.41 20.91 -13.38
CA PRO A 371 21.46 19.64 -12.63
C PRO A 371 22.01 19.78 -11.22
N TRP A 372 22.93 20.72 -10.98
CA TRP A 372 23.44 20.91 -9.62
C TRP A 372 22.30 21.27 -8.68
N PHE A 373 21.44 22.21 -9.09
CA PHE A 373 20.24 22.52 -8.31
C PHE A 373 19.47 21.27 -7.97
N SER A 374 19.39 20.32 -8.90
CA SER A 374 18.73 19.06 -8.60
C SER A 374 19.48 18.31 -7.51
N ALA A 375 20.78 18.12 -7.70
CA ALA A 375 21.57 17.31 -6.77
C ALA A 375 21.39 17.79 -5.34
N ILE A 376 21.66 19.07 -5.10
CA ILE A 376 21.57 19.59 -3.74
C ILE A 376 20.20 19.32 -3.15
N ILE A 377 19.14 19.47 -3.95
CA ILE A 377 17.80 19.15 -3.45
C ILE A 377 17.78 17.74 -2.90
N GLY A 378 18.20 16.78 -3.72
CA GLY A 378 18.34 15.41 -3.27
C GLY A 378 19.00 15.38 -1.92
N ILE A 379 20.20 15.97 -1.82
CA ILE A 379 20.91 15.99 -0.55
C ILE A 379 19.95 16.37 0.58
N PHE A 380 19.36 17.57 0.48
CA PHE A 380 18.48 18.02 1.56
C PHE A 380 17.34 17.05 1.78
N SER A 381 16.67 16.64 0.71
CA SER A 381 15.60 15.64 0.85
C SER A 381 16.09 14.50 1.74
N GLY A 382 17.25 13.93 1.40
CA GLY A 382 17.80 12.85 2.18
C GLY A 382 17.80 13.18 3.65
N ILE A 383 18.52 14.24 4.05
CA ILE A 383 18.62 14.54 5.47
C ILE A 383 17.23 14.72 6.07
N LEU A 384 16.35 15.44 5.38
CA LEU A 384 15.02 15.64 5.93
C LEU A 384 14.32 14.31 6.13
N ILE A 385 14.36 13.44 5.11
CA ILE A 385 13.76 12.11 5.26
C ILE A 385 14.38 11.41 6.45
N GLY A 386 15.71 11.49 6.58
CA GLY A 386 16.34 10.95 7.77
C GLY A 386 15.70 11.44 9.03
N PHE A 387 15.60 12.77 9.18
CA PHE A 387 15.00 13.32 10.39
C PHE A 387 13.64 12.71 10.65
N TRP A 388 12.82 12.55 9.61
CA TRP A 388 11.48 12.03 9.83
C TRP A 388 11.53 10.64 10.45
N ALA A 389 12.42 9.78 9.92
CA ALA A 389 12.56 8.45 10.50
C ALA A 389 12.86 8.53 11.99
N GLU A 390 13.65 9.53 12.39
CA GLU A 390 13.97 9.71 13.80
C GLU A 390 12.79 10.27 14.59
N TYR A 391 11.99 11.14 13.96
CA TYR A 391 10.89 11.77 14.70
C TYR A 391 9.83 10.73 15.09
N TYR A 392 9.56 9.76 14.21
CA TYR A 392 8.50 8.79 14.45
C TYR A 392 8.97 7.52 15.14
N THR A 393 10.25 7.41 15.49
CA THR A 393 10.78 6.23 16.17
C THR A 393 11.52 6.53 17.46
N SER A 394 12.04 7.74 17.65
CA SER A 394 12.73 8.09 18.89
C SER A 394 11.73 8.48 19.96
N TYR A 395 11.98 8.03 21.19
CA TYR A 395 11.15 8.43 22.32
C TYR A 395 11.47 9.82 22.85
N ARG A 396 12.46 10.50 22.25
CA ARG A 396 12.65 11.92 22.52
C ARG A 396 11.50 12.76 21.98
N TYR A 397 10.75 12.25 21.00
CA TYR A 397 9.65 12.97 20.38
C TYR A 397 8.30 12.35 20.74
N LYS A 398 7.23 13.03 20.34
CA LYS A 398 5.93 12.72 20.90
C LYS A 398 5.39 11.34 20.52
N PRO A 399 5.51 10.86 19.27
CA PRO A 399 4.79 9.62 18.89
C PRO A 399 5.19 8.39 19.68
N THR A 400 6.50 8.12 19.79
CA THR A 400 6.95 6.96 20.55
C THR A 400 6.66 7.14 22.05
N GLN A 401 6.74 8.37 22.55
CA GLN A 401 6.33 8.63 23.92
C GLN A 401 4.88 8.21 24.15
N PHE A 402 3.98 8.61 23.24
CA PHE A 402 2.58 8.26 23.39
C PHE A 402 2.38 6.76 23.35
N LEU A 403 3.09 6.08 22.43
CA LEU A 403 2.98 4.63 22.38
C LEU A 403 3.40 4.00 23.71
N GLY A 404 4.54 4.43 24.24
CA GLY A 404 4.98 3.91 25.53
C GLY A 404 3.97 4.17 26.62
N LYS A 405 3.43 5.39 26.68
CA LYS A 405 2.45 5.71 27.69
C LYS A 405 1.20 4.82 27.55
N SER A 406 0.77 4.58 26.31
CA SER A 406 -0.40 3.75 26.06
C SER A 406 -0.13 2.30 26.42
N SER A 407 1.13 1.92 26.61
CA SER A 407 1.43 0.56 27.05
C SER A 407 0.59 0.15 28.26
N ILE A 408 0.23 1.10 29.13
CA ILE A 408 -0.52 0.76 30.33
C ILE A 408 -1.92 0.25 29.97
N GLU A 409 -2.46 0.67 28.82
CA GLU A 409 -3.85 0.41 28.47
C GLU A 409 -4.03 -0.90 27.70
N GLY A 410 -3.07 -1.81 27.76
CA GLY A 410 -3.20 -3.14 27.21
C GLY A 410 -2.17 -3.42 26.13
N THR A 411 -2.21 -4.65 25.63
CA THR A 411 -1.37 -5.08 24.51
C THR A 411 -2.01 -4.79 23.16
N GLY A 412 -3.31 -5.07 23.03
CA GLY A 412 -4.00 -4.71 21.80
C GLY A 412 -3.85 -3.24 21.49
N MET A 413 -3.84 -2.39 22.52
CA MET A 413 -3.62 -0.97 22.29
C MET A 413 -2.21 -0.71 21.77
N VAL A 414 -1.22 -1.43 22.29
CA VAL A 414 0.14 -1.26 21.79
C VAL A 414 0.19 -1.57 20.30
N ILE A 415 -0.44 -2.69 19.90
CA ILE A 415 -0.42 -3.07 18.50
C ILE A 415 -1.16 -2.04 17.65
N SER A 416 -2.38 -1.66 18.07
CA SER A 416 -3.17 -0.71 17.29
C SER A 416 -2.44 0.62 17.13
N ASN A 417 -1.87 1.14 18.23
CA ASN A 417 -1.18 2.41 18.17
C ASN A 417 0.10 2.31 17.37
N GLY A 418 0.78 1.16 17.38
CA GLY A 418 1.96 1.01 16.55
C GLY A 418 1.60 1.03 15.07
N LEU A 419 0.56 0.28 14.69
CA LEU A 419 0.10 0.30 13.31
C LEU A 419 -0.32 1.72 12.90
N SER A 420 -1.10 2.38 13.75
CA SER A 420 -1.52 3.74 13.46
C SER A 420 -0.32 4.67 13.27
N LEU A 421 0.64 4.60 14.20
CA LEU A 421 1.84 5.41 14.10
C LEU A 421 2.54 5.18 12.77
N GLY A 422 2.76 3.92 12.41
CA GLY A 422 3.44 3.64 11.17
C GLY A 422 2.70 4.18 9.96
N MET A 423 1.39 3.90 9.89
CA MET A 423 0.59 4.36 8.76
C MET A 423 0.67 5.88 8.60
N LYS A 424 0.53 6.61 9.71
CA LYS A 424 0.58 8.07 9.61
C LYS A 424 1.99 8.56 9.31
N SER A 425 3.02 7.81 9.71
CA SER A 425 4.39 8.26 9.55
C SER A 425 4.83 8.33 8.10
N VAL A 426 4.09 7.71 7.17
CA VAL A 426 4.51 7.76 5.77
C VAL A 426 4.28 9.13 5.14
N PHE A 427 3.53 10.03 5.78
CA PHE A 427 3.13 11.22 5.05
C PHE A 427 4.22 12.28 5.03
N PRO A 428 4.85 12.62 6.16
CA PRO A 428 5.91 13.65 6.12
C PRO A 428 7.05 13.27 5.18
N PRO A 429 7.59 12.05 5.27
CA PRO A 429 8.68 11.70 4.35
C PRO A 429 8.23 11.57 2.91
N THR A 430 7.03 11.00 2.67
CA THR A 430 6.53 10.93 1.31
C THR A 430 6.35 12.31 0.72
N LEU A 431 5.88 13.27 1.54
CA LEU A 431 5.69 14.63 1.05
C LEU A 431 7.04 15.28 0.74
N THR A 432 8.04 14.99 1.56
CA THR A 432 9.40 15.43 1.23
C THR A 432 9.82 14.91 -0.14
N LEU A 433 9.59 13.62 -0.39
CA LEU A 433 9.91 13.06 -1.71
C LEU A 433 9.12 13.74 -2.82
N VAL A 434 7.85 14.05 -2.55
CA VAL A 434 7.00 14.68 -3.57
C VAL A 434 7.61 16.02 -3.97
N LEU A 435 7.88 16.87 -2.97
CA LEU A 435 8.43 18.19 -3.29
C LEU A 435 9.80 18.09 -3.93
N GLY A 436 10.62 17.14 -3.48
CA GLY A 436 11.92 16.95 -4.10
C GLY A 436 11.81 16.60 -5.57
N ILE A 437 10.92 15.66 -5.89
CA ILE A 437 10.71 15.28 -7.28
C ILE A 437 10.24 16.48 -8.10
N LEU A 438 9.24 17.20 -7.58
CA LEU A 438 8.70 18.35 -8.31
C LEU A 438 9.78 19.37 -8.62
N PHE A 439 10.58 19.75 -7.62
CA PHE A 439 11.58 20.78 -7.85
C PHE A 439 12.74 20.28 -8.71
N ALA A 440 13.23 19.06 -8.44
CA ALA A 440 14.30 18.50 -9.26
C ALA A 440 13.90 18.49 -10.72
N ASP A 441 12.69 18.02 -11.01
CA ASP A 441 12.19 18.07 -12.37
C ASP A 441 12.12 19.50 -12.88
N TYR A 442 11.55 20.41 -12.08
CA TYR A 442 11.47 21.80 -12.49
C TYR A 442 12.82 22.29 -13.00
N PHE A 443 13.90 21.92 -12.31
CA PHE A 443 15.21 22.43 -12.68
C PHE A 443 15.78 21.75 -13.93
N ALA A 444 15.67 20.42 -14.04
CA ALA A 444 16.41 19.74 -15.10
C ALA A 444 15.71 18.46 -15.59
N GLY A 445 14.39 18.49 -15.68
CA GLY A 445 13.68 17.30 -16.15
C GLY A 445 13.95 15.99 -15.39
N LEU A 446 13.68 14.89 -16.11
CA LEU A 446 13.90 13.56 -15.55
C LEU A 446 15.39 13.29 -15.31
N TYR A 447 16.26 13.81 -16.18
CA TYR A 447 17.69 13.73 -15.90
C TYR A 447 18.00 14.35 -14.54
N GLY A 448 17.34 15.46 -14.22
CA GLY A 448 17.53 16.09 -12.94
C GLY A 448 16.93 15.31 -11.79
N VAL A 449 15.85 14.58 -12.06
CA VAL A 449 15.35 13.66 -11.03
C VAL A 449 16.42 12.64 -10.69
N ALA A 450 17.07 12.09 -11.71
CA ALA A 450 18.16 11.14 -11.47
C ALA A 450 19.32 11.80 -10.74
N ILE A 451 19.66 13.03 -11.12
CA ILE A 451 20.73 13.75 -10.45
C ILE A 451 20.35 14.07 -9.02
N ALA A 452 19.06 14.23 -8.73
CA ALA A 452 18.63 14.44 -7.36
C ALA A 452 18.83 13.17 -6.54
N ALA A 453 18.45 12.02 -7.09
CA ALA A 453 18.78 10.76 -6.43
C ALA A 453 20.27 10.67 -6.14
N LEU A 454 21.10 11.05 -7.13
CA LEU A 454 22.54 10.96 -6.97
C LEU A 454 23.04 11.90 -5.88
N GLY A 455 22.68 13.18 -5.96
CA GLY A 455 23.07 14.10 -4.91
C GLY A 455 22.66 13.60 -3.55
N MET A 456 21.43 13.11 -3.43
CA MET A 456 20.97 12.52 -2.18
C MET A 456 21.93 11.43 -1.72
N LEU A 457 22.50 10.68 -2.65
CA LEU A 457 23.48 9.65 -2.32
C LEU A 457 24.91 10.05 -2.64
N SER A 458 25.17 11.34 -2.91
CA SER A 458 26.49 11.75 -3.35
C SER A 458 27.57 11.40 -2.32
N PHE A 459 27.24 11.46 -1.03
CA PHE A 459 28.19 11.11 0.02
C PHE A 459 27.81 9.78 0.68
N VAL A 460 27.70 8.72 -0.13
CA VAL A 460 27.23 7.44 0.38
C VAL A 460 28.26 6.81 1.32
N ALA A 461 29.54 7.10 1.13
CA ALA A 461 30.56 6.47 1.97
C ALA A 461 30.34 6.80 3.44
N THR A 462 30.11 8.08 3.76
CA THR A 462 29.89 8.48 5.14
C THR A 462 28.58 7.93 5.68
N SER A 463 27.53 7.93 4.86
CA SER A 463 26.25 7.37 5.30
C SER A 463 26.39 5.89 5.66
N VAL A 464 27.07 5.12 4.80
CA VAL A 464 27.24 3.70 5.05
C VAL A 464 28.15 3.46 6.25
N SER A 465 29.16 4.33 6.46
CA SER A 465 30.02 4.17 7.62
C SER A 465 29.25 4.42 8.92
N VAL A 466 28.44 5.48 8.96
CA VAL A 466 27.62 5.74 10.14
C VAL A 466 26.63 4.60 10.37
N ASP A 467 26.10 4.04 9.29
CA ASP A 467 25.15 2.93 9.44
C ASP A 467 25.83 1.68 9.99
N SER A 468 27.04 1.37 9.51
CA SER A 468 27.76 0.20 9.98
C SER A 468 28.36 0.38 11.37
N TYR A 469 28.52 1.62 11.81
CA TYR A 469 28.95 1.86 13.19
C TYR A 469 28.00 1.21 14.18
N GLY A 470 26.70 1.34 13.96
CA GLY A 470 25.70 0.87 14.88
C GLY A 470 25.88 -0.57 15.35
N PRO A 471 25.86 -1.52 14.41
CA PRO A 471 25.95 -2.93 14.81
C PRO A 471 27.27 -3.28 15.49
N ILE A 472 28.37 -2.63 15.13
CA ILE A 472 29.64 -2.88 15.80
C ILE A 472 29.54 -2.52 17.28
N ALA A 473 28.97 -1.35 17.57
CA ALA A 473 28.78 -0.95 18.96
C ALA A 473 27.78 -1.87 19.67
N ASP A 474 26.76 -2.33 18.94
CA ASP A 474 25.82 -3.29 19.50
C ASP A 474 26.53 -4.55 19.95
N ASN A 475 27.42 -5.07 19.09
CA ASN A 475 28.18 -6.27 19.44
C ASN A 475 29.14 -6.00 20.59
N ALA A 476 29.74 -4.80 20.62
CA ALA A 476 30.62 -4.46 21.74
C ALA A 476 29.87 -4.51 23.06
N GLY A 477 28.69 -3.87 23.12
CA GLY A 477 27.90 -3.89 24.33
C GLY A 477 27.44 -5.29 24.70
N GLY A 478 27.07 -6.09 23.69
CA GLY A 478 26.66 -7.46 23.98
C GLY A 478 27.79 -8.30 24.55
N ILE A 479 28.99 -8.13 24.01
CA ILE A 479 30.15 -8.84 24.54
C ILE A 479 30.44 -8.37 25.96
N SER A 480 30.31 -7.06 26.21
CA SER A 480 30.54 -6.55 27.56
C SER A 480 29.56 -7.17 28.56
N GLU A 481 28.28 -7.26 28.18
CA GLU A 481 27.29 -7.82 29.09
C GLU A 481 27.46 -9.33 29.25
N MET A 482 27.91 -10.03 28.20
CA MET A 482 28.13 -11.47 28.32
C MET A 482 29.38 -11.79 29.13
N CYS A 483 30.38 -10.91 29.13
CA CYS A 483 31.63 -11.12 29.86
C CYS A 483 31.62 -10.55 31.27
N GLU A 484 30.52 -9.93 31.69
CA GLU A 484 30.40 -9.36 33.05
C GLU A 484 31.53 -8.37 33.33
N LEU A 485 31.60 -7.34 32.48
CA LEU A 485 32.60 -6.30 32.63
C LEU A 485 32.17 -5.29 33.71
N ASP A 486 33.07 -4.37 34.02
CA ASP A 486 32.82 -3.40 35.08
C ASP A 486 31.58 -2.56 34.75
N PRO A 487 30.82 -2.12 35.76
CA PRO A 487 29.59 -1.36 35.48
C PRO A 487 29.82 -0.04 34.76
N GLU A 488 30.94 0.64 35.01
CA GLU A 488 31.19 1.90 34.30
C GLU A 488 31.49 1.65 32.83
N VAL A 489 32.29 0.62 32.54
CA VAL A 489 32.56 0.27 31.16
C VAL A 489 31.27 -0.13 30.46
N ARG A 490 30.41 -0.88 31.15
CA ARG A 490 29.11 -1.24 30.60
C ARG A 490 28.25 -0.01 30.35
N LYS A 491 28.33 0.99 31.23
CA LYS A 491 27.58 2.22 31.01
C LYS A 491 28.05 2.91 29.73
N ILE A 492 29.36 2.98 29.53
CA ILE A 492 29.90 3.57 28.30
C ILE A 492 29.36 2.81 27.08
N THR A 493 29.44 1.47 27.13
CA THR A 493 28.99 0.67 25.99
C THR A 493 27.50 0.82 25.74
N ASP A 494 26.69 0.99 26.80
CA ASP A 494 25.26 1.16 26.62
C ASP A 494 24.93 2.52 26.00
N HIS A 495 25.69 3.55 26.39
CA HIS A 495 25.54 4.85 25.74
C HIS A 495 25.85 4.74 24.25
N LEU A 496 26.96 4.06 23.91
CA LEU A 496 27.29 3.85 22.51
C LEU A 496 26.19 3.08 21.79
N ASP A 497 25.60 2.08 22.45
CA ASP A 497 24.55 1.29 21.81
C ASP A 497 23.32 2.13 21.52
N ALA A 498 22.96 3.04 22.44
CA ALA A 498 21.80 3.90 22.17
C ALA A 498 22.08 4.87 21.02
N VAL A 499 23.28 5.45 20.99
CA VAL A 499 23.65 6.30 19.86
C VAL A 499 23.57 5.51 18.55
N GLY A 500 24.07 4.28 18.56
CA GLY A 500 23.97 3.43 17.39
C GLY A 500 22.54 3.12 17.00
N ASN A 501 21.65 2.99 17.99
CA ASN A 501 20.23 2.76 17.68
C ASN A 501 19.65 3.94 16.93
N THR A 502 19.95 5.16 17.38
CA THR A 502 19.43 6.34 16.67
C THR A 502 20.01 6.43 15.27
N THR A 503 21.33 6.24 15.12
CA THR A 503 21.92 6.30 13.79
C THR A 503 21.36 5.20 12.89
N ALA A 504 21.02 4.04 13.46
CA ALA A 504 20.44 2.96 12.68
C ALA A 504 19.08 3.36 12.15
N ALA A 505 18.24 3.95 13.00
CA ALA A 505 16.93 4.40 12.53
C ALA A 505 17.07 5.43 11.41
N ILE A 506 17.95 6.42 11.60
CA ILE A 506 18.12 7.45 10.59
C ILE A 506 18.66 6.85 9.29
N GLY A 507 19.62 5.94 9.39
CA GLY A 507 20.20 5.35 8.20
C GLY A 507 19.21 4.48 7.43
N LYS A 508 18.38 3.73 8.16
CA LYS A 508 17.35 2.92 7.50
C LYS A 508 16.36 3.82 6.76
N GLY A 509 15.94 4.92 7.40
CA GLY A 509 15.05 5.85 6.71
C GLY A 509 15.67 6.46 5.47
N PHE A 510 16.95 6.87 5.58
CA PHE A 510 17.64 7.42 4.43
C PHE A 510 17.74 6.38 3.30
N ALA A 511 17.96 5.12 3.67
CA ALA A 511 18.05 4.07 2.67
C ALA A 511 16.71 3.88 1.96
N ILE A 512 15.59 3.95 2.70
CA ILE A 512 14.27 3.80 2.08
C ILE A 512 14.01 4.95 1.10
N GLY A 513 14.27 6.18 1.54
CA GLY A 513 14.08 7.33 0.66
C GLY A 513 14.93 7.23 -0.59
N SER A 514 16.19 6.83 -0.43
CA SER A 514 17.06 6.67 -1.59
C SER A 514 16.53 5.57 -2.51
N ALA A 515 15.99 4.49 -1.93
CA ALA A 515 15.43 3.42 -2.76
C ALA A 515 14.28 3.92 -3.59
N ILE A 516 13.41 4.74 -3.00
CA ILE A 516 12.28 5.28 -3.77
C ILE A 516 12.79 6.17 -4.90
N PHE A 517 13.74 7.05 -4.59
CA PHE A 517 14.25 7.95 -5.64
C PHE A 517 14.92 7.18 -6.76
N ALA A 518 15.75 6.18 -6.42
CA ALA A 518 16.41 5.38 -7.43
C ALA A 518 15.42 4.55 -8.23
N ALA A 519 14.38 4.03 -7.57
CA ALA A 519 13.39 3.24 -8.29
C ALA A 519 12.64 4.10 -9.29
N LEU A 520 12.33 5.35 -8.92
CA LEU A 520 11.66 6.24 -9.87
C LEU A 520 12.59 6.59 -11.04
N SER A 521 13.87 6.84 -10.76
CA SER A 521 14.81 7.06 -11.87
C SER A 521 14.87 5.85 -12.80
N LEU A 522 14.84 4.65 -12.23
CA LEU A 522 14.88 3.44 -13.06
C LEU A 522 13.58 3.26 -13.83
N PHE A 523 12.45 3.70 -13.29
CA PHE A 523 11.22 3.70 -14.07
C PHE A 523 11.35 4.60 -15.29
N ALA A 524 11.86 5.82 -15.07
CA ALA A 524 12.12 6.70 -16.20
C ALA A 524 13.05 6.04 -17.20
N SER A 525 14.11 5.38 -16.72
CA SER A 525 15.06 4.72 -17.61
C SER A 525 14.38 3.64 -18.44
N TYR A 526 13.47 2.89 -17.82
CA TYR A 526 12.68 1.89 -18.54
C TYR A 526 11.93 2.54 -19.70
N MET A 527 11.19 3.61 -19.40
CA MET A 527 10.42 4.29 -20.45
C MET A 527 11.33 4.78 -21.57
N PHE A 528 12.47 5.37 -21.23
CA PHE A 528 13.39 5.83 -22.27
C PHE A 528 13.92 4.67 -23.09
N SER A 529 14.18 3.53 -22.43
CA SER A 529 14.73 2.37 -23.10
C SER A 529 13.74 1.68 -24.02
N GLN A 530 12.45 2.01 -23.91
CA GLN A 530 11.48 1.49 -24.87
C GLN A 530 11.67 2.01 -26.30
N ILE A 531 12.51 3.02 -26.52
CA ILE A 531 12.67 3.59 -27.86
C ILE A 531 13.03 2.50 -28.86
N SER A 532 12.31 2.48 -29.98
CA SER A 532 12.56 1.58 -31.09
C SER A 532 13.14 2.34 -32.28
N PRO A 533 13.79 1.64 -33.21
CA PRO A 533 14.29 2.32 -34.42
C PRO A 533 13.20 2.91 -35.29
N SER A 534 11.94 2.51 -35.10
CA SER A 534 10.83 3.01 -35.91
C SER A 534 10.26 4.32 -35.40
N ASP A 535 10.66 4.77 -34.21
CA ASP A 535 10.17 6.01 -33.63
C ASP A 535 11.10 7.19 -33.88
N ILE A 536 12.03 7.05 -34.84
CA ILE A 536 13.03 8.09 -35.04
C ILE A 536 12.38 9.40 -35.44
N GLY A 537 11.39 9.35 -36.34
CA GLY A 537 10.70 10.56 -36.74
C GLY A 537 9.64 11.01 -35.75
N LYS A 538 9.08 10.08 -34.99
CA LYS A 538 7.97 10.41 -34.10
C LYS A 538 8.38 11.53 -33.14
N PRO A 539 7.47 12.42 -32.79
CA PRO A 539 7.80 13.44 -31.79
C PRO A 539 8.12 12.79 -30.47
N PRO A 540 9.00 13.42 -29.66
CA PRO A 540 9.34 12.80 -28.38
C PRO A 540 8.15 12.52 -27.49
N SER A 541 7.14 13.40 -27.50
CA SER A 541 5.96 13.18 -26.67
C SER A 541 5.28 11.86 -27.02
N LEU A 542 5.47 11.35 -28.23
CA LEU A 542 4.84 10.10 -28.63
C LEU A 542 5.61 8.90 -28.10
N VAL A 543 6.93 9.01 -27.95
CA VAL A 543 7.75 7.89 -27.52
C VAL A 543 7.78 7.79 -26.00
N LEU A 544 8.05 8.90 -25.31
CA LEU A 544 8.17 8.91 -23.85
C LEU A 544 6.77 9.04 -23.26
N LEU A 545 6.05 7.92 -23.25
CA LEU A 545 4.64 7.92 -22.92
C LEU A 545 4.24 6.61 -22.27
N LEU A 546 3.59 6.70 -21.11
CA LEU A 546 2.92 5.58 -20.46
C LEU A 546 1.52 6.07 -20.08
N ASN A 547 0.53 5.69 -20.88
CA ASN A 547 -0.82 6.22 -20.74
C ASN A 547 -1.54 5.46 -19.64
N MET A 548 -2.11 6.19 -18.69
CA MET A 548 -2.75 5.57 -17.55
C MET A 548 -4.21 5.20 -17.81
N LEU A 549 -4.78 5.63 -18.93
CA LEU A 549 -6.13 5.17 -19.29
C LEU A 549 -6.11 3.78 -19.91
N ASP A 550 -5.02 3.41 -20.59
N ASP A 550 -5.03 3.42 -20.61
CA ASP A 550 -4.91 2.07 -21.16
CA ASP A 550 -4.90 2.07 -21.14
C ASP A 550 -5.18 1.01 -20.11
C ASP A 550 -5.22 1.05 -20.07
N ALA A 551 -6.24 0.22 -20.32
CA ALA A 551 -6.61 -0.80 -19.34
C ALA A 551 -5.44 -1.70 -18.97
N ARG A 552 -4.54 -1.95 -19.92
N ARG A 552 -4.53 -1.95 -19.91
CA ARG A 552 -3.37 -2.78 -19.61
CA ARG A 552 -3.38 -2.78 -19.60
C ARG A 552 -2.54 -2.15 -18.50
C ARG A 552 -2.53 -2.15 -18.50
N VAL A 553 -2.36 -0.83 -18.54
CA VAL A 553 -1.49 -0.18 -17.55
C VAL A 553 -2.15 -0.20 -16.18
N ILE A 554 -3.45 0.09 -16.09
CA ILE A 554 -4.13 0.03 -14.80
C ILE A 554 -4.07 -1.38 -14.24
N ALA A 555 -4.32 -2.38 -15.09
CA ALA A 555 -4.27 -3.76 -14.65
C ALA A 555 -2.88 -4.11 -14.12
N GLY A 556 -1.84 -3.72 -14.85
CA GLY A 556 -0.49 -4.00 -14.40
C GLY A 556 -0.16 -3.33 -13.08
N ALA A 557 -0.63 -2.10 -12.88
CA ALA A 557 -0.39 -1.41 -11.61
C ALA A 557 -1.03 -2.17 -10.46
N LEU A 558 -2.29 -2.57 -10.62
CA LEU A 558 -2.94 -3.36 -9.57
C LEU A 558 -2.15 -4.63 -9.28
N LEU A 559 -1.72 -5.32 -10.34
CA LEU A 559 -0.97 -6.57 -10.14
C LEU A 559 0.32 -6.31 -9.38
N GLY A 560 1.04 -5.25 -9.72
CA GLY A 560 2.30 -4.97 -9.05
C GLY A 560 2.11 -4.66 -7.57
N ALA A 561 1.11 -3.85 -7.25
CA ALA A 561 0.83 -3.56 -5.85
C ALA A 561 0.53 -4.85 -5.09
N ALA A 562 -0.32 -5.71 -5.68
CA ALA A 562 -0.69 -6.95 -4.99
C ALA A 562 0.51 -7.85 -4.78
N ILE A 563 1.38 -7.94 -5.78
CA ILE A 563 2.58 -8.76 -5.65
C ILE A 563 3.48 -8.22 -4.56
N THR A 564 3.58 -6.90 -4.43
CA THR A 564 4.41 -6.33 -3.36
C THR A 564 3.87 -6.74 -1.99
N TYR A 565 2.55 -6.63 -1.80
CA TYR A 565 1.98 -7.06 -0.53
C TYR A 565 2.24 -8.54 -0.27
N TYR A 566 2.07 -9.38 -1.30
CA TYR A 566 2.31 -10.82 -1.12
C TYR A 566 3.77 -11.09 -0.77
N PHE A 567 4.69 -10.44 -1.46
CA PHE A 567 6.11 -10.50 -1.13
C PHE A 567 6.34 -10.25 0.36
N SER A 568 5.77 -9.17 0.88
CA SER A 568 5.94 -8.82 2.29
C SER A 568 5.41 -9.92 3.20
N GLY A 569 4.20 -10.40 2.93
CA GLY A 569 3.61 -11.45 3.78
C GLY A 569 4.43 -12.73 3.76
N TYR A 570 4.89 -13.14 2.59
CA TYR A 570 5.73 -14.32 2.49
C TYR A 570 6.97 -14.17 3.36
N LEU A 571 7.59 -12.98 3.33
CA LEU A 571 8.79 -12.80 4.15
C LEU A 571 8.46 -12.93 5.64
N ILE A 572 7.33 -12.36 6.07
CA ILE A 572 6.94 -12.48 7.47
C ILE A 572 6.84 -13.95 7.87
N SER A 573 6.15 -14.75 7.05
CA SER A 573 6.00 -16.17 7.40
C SER A 573 7.34 -16.92 7.36
N ALA A 574 8.21 -16.56 6.41
CA ALA A 574 9.50 -17.22 6.30
C ALA A 574 10.34 -17.03 7.56
N VAL A 575 10.32 -15.82 8.12
CA VAL A 575 11.09 -15.59 9.34
C VAL A 575 10.66 -16.58 10.43
N THR A 576 9.35 -16.71 10.64
CA THR A 576 8.86 -17.59 11.70
C THR A 576 9.22 -19.04 11.43
N LYS A 577 9.14 -19.48 10.16
CA LYS A 577 9.49 -20.85 9.84
C LYS A 577 10.96 -21.13 10.17
N ALA A 578 11.86 -20.24 9.72
CA ALA A 578 13.27 -20.41 10.03
C ALA A 578 13.52 -20.38 11.53
N ALA A 579 12.79 -19.53 12.26
CA ALA A 579 12.97 -19.45 13.71
C ALA A 579 12.56 -20.75 14.39
N MET A 580 11.42 -21.31 13.98
CA MET A 580 10.97 -22.58 14.57
C MET A 580 11.97 -23.69 14.29
N LYS A 581 12.52 -23.72 13.07
CA LYS A 581 13.51 -24.75 12.77
C LYS A 581 14.77 -24.57 13.60
N MET A 582 15.21 -23.31 13.80
CA MET A 582 16.38 -23.08 14.64
C MET A 582 16.11 -23.50 16.08
N VAL A 583 14.89 -23.27 16.57
CA VAL A 583 14.54 -23.74 17.91
C VAL A 583 14.66 -25.25 17.99
N ASP A 584 14.16 -25.95 16.96
CA ASP A 584 14.30 -27.40 16.92
C ASP A 584 15.77 -27.81 16.97
N GLU A 585 16.62 -27.10 16.23
CA GLU A 585 18.05 -27.41 16.21
C GLU A 585 18.68 -27.18 17.57
N ILE A 586 18.27 -26.11 18.27
CA ILE A 586 18.81 -25.84 19.60
C ILE A 586 18.39 -26.94 20.58
N ARG A 587 17.14 -27.41 20.47
CA ARG A 587 16.71 -28.52 21.32
CA ARG A 587 16.70 -28.52 21.31
C ARG A 587 17.52 -29.78 21.03
N ARG A 588 17.80 -30.04 19.75
CA ARG A 588 18.63 -31.19 19.40
C ARG A 588 20.03 -31.04 19.97
N GLN A 589 20.59 -29.84 19.91
CA GLN A 589 21.93 -29.61 20.46
C GLN A 589 21.95 -29.84 21.96
N ALA A 590 20.87 -29.47 22.65
CA ALA A 590 20.79 -29.75 24.08
C ALA A 590 20.68 -31.25 24.33
N ARG A 591 19.90 -31.96 23.52
CA ARG A 591 19.75 -33.40 23.70
C ARG A 591 21.06 -34.13 23.48
N GLU A 592 21.93 -33.61 22.62
CA GLU A 592 23.20 -34.26 22.31
C GLU A 592 24.37 -33.45 22.87
N LYS A 602 30.86 -25.55 25.48
CA LYS A 602 30.78 -24.77 24.25
C LYS A 602 29.81 -25.44 23.25
N PRO A 603 28.65 -24.83 23.02
CA PRO A 603 27.67 -25.42 22.11
C PRO A 603 28.07 -25.22 20.66
N ASP A 604 27.21 -25.74 19.77
CA ASP A 604 27.42 -25.68 18.32
C ASP A 604 26.94 -24.32 17.81
N TYR A 605 27.89 -23.42 17.56
CA TYR A 605 27.57 -22.09 17.04
C TYR A 605 27.40 -22.12 15.53
N ASN A 606 28.48 -22.38 14.80
CA ASN A 606 28.42 -22.39 13.35
C ASN A 606 27.40 -23.42 12.85
N ARG A 607 27.11 -24.46 13.63
CA ARG A 607 26.11 -25.44 13.20
C ARG A 607 24.74 -24.79 13.04
N CYS A 608 24.24 -24.17 14.10
CA CYS A 608 22.92 -23.53 14.02
C CYS A 608 22.96 -22.33 13.07
N ILE A 609 24.06 -21.58 13.06
CA ILE A 609 24.16 -20.45 12.13
C ILE A 609 24.03 -20.94 10.69
N GLU A 610 24.68 -22.06 10.35
CA GLU A 610 24.63 -22.56 8.99
C GLU A 610 23.28 -23.18 8.66
N ILE A 611 22.65 -23.86 9.62
CA ILE A 611 21.31 -24.37 9.38
C ILE A 611 20.35 -23.22 9.06
N THR A 612 20.38 -22.17 9.88
CA THR A 612 19.50 -21.04 9.64
C THR A 612 19.85 -20.32 8.33
N SER A 613 21.14 -20.21 8.02
CA SER A 613 21.54 -19.57 6.77
C SER A 613 21.06 -20.37 5.56
N ASP A 614 21.21 -21.69 5.60
CA ASP A 614 20.77 -22.51 4.47
C ASP A 614 19.25 -22.47 4.33
N ASN A 615 18.52 -22.48 5.44
CA ASN A 615 17.07 -22.40 5.35
C ASN A 615 16.63 -21.04 4.81
N ALA A 616 17.27 -19.96 5.27
CA ALA A 616 16.94 -18.63 4.76
C ALA A 616 17.27 -18.50 3.27
N LEU A 617 18.40 -19.05 2.83
CA LEU A 617 18.75 -19.02 1.42
C LEU A 617 17.81 -19.86 0.57
N LYS A 618 17.34 -21.00 1.10
CA LYS A 618 16.37 -21.79 0.37
C LYS A 618 15.04 -21.06 0.27
N GLN A 619 14.65 -20.34 1.33
CA GLN A 619 13.39 -19.61 1.29
C GLN A 619 13.46 -18.41 0.35
N MET A 620 14.58 -17.68 0.36
CA MET A 620 14.67 -16.50 -0.49
C MET A 620 14.47 -16.82 -1.96
N GLY A 621 14.58 -18.09 -2.33
CA GLY A 621 14.44 -18.44 -3.74
C GLY A 621 13.14 -17.95 -4.33
N TYR A 622 12.04 -18.06 -3.58
CA TYR A 622 10.74 -17.73 -4.15
C TYR A 622 10.51 -16.22 -4.20
N PRO A 623 10.81 -15.46 -3.15
CA PRO A 623 10.74 -13.99 -3.29
C PRO A 623 11.68 -13.47 -4.36
N ALA A 624 12.89 -14.04 -4.45
CA ALA A 624 13.83 -13.63 -5.48
C ALA A 624 13.26 -13.92 -6.85
N PHE A 625 12.63 -15.09 -7.02
CA PHE A 625 12.02 -15.42 -8.30
C PHE A 625 10.86 -14.48 -8.62
N ILE A 626 10.05 -14.12 -7.61
CA ILE A 626 9.03 -13.11 -7.82
C ILE A 626 9.67 -11.84 -8.39
N ALA A 627 10.62 -11.29 -7.63
CA ALA A 627 11.22 -10.00 -7.99
C ALA A 627 11.88 -10.03 -9.37
N ILE A 628 12.48 -11.16 -9.76
CA ILE A 628 13.23 -11.19 -11.00
C ILE A 628 12.36 -11.59 -12.19
N LEU A 629 11.39 -12.48 -12.02
CA LEU A 629 10.65 -13.02 -13.15
C LEU A 629 9.30 -12.34 -13.39
N THR A 630 8.70 -11.72 -12.38
CA THR A 630 7.42 -11.05 -12.61
C THR A 630 7.44 -10.18 -13.87
N PRO A 631 8.44 -9.34 -14.11
CA PRO A 631 8.42 -8.56 -15.36
C PRO A 631 8.55 -9.43 -16.60
N LEU A 632 9.36 -10.49 -16.56
CA LEU A 632 9.51 -11.35 -17.75
C LEU A 632 8.20 -12.06 -18.06
N VAL A 633 7.62 -12.73 -17.07
CA VAL A 633 6.33 -13.40 -17.25
C VAL A 633 5.30 -12.42 -17.81
N THR A 634 5.03 -11.35 -17.05
CA THR A 634 3.95 -10.45 -17.41
C THR A 634 4.24 -9.70 -18.71
N GLY A 635 5.51 -9.49 -19.05
CA GLY A 635 5.86 -8.75 -20.24
C GLY A 635 5.75 -9.59 -21.50
N PHE A 636 6.31 -10.80 -21.46
CA PHE A 636 6.10 -11.72 -22.57
C PHE A 636 4.64 -12.11 -22.70
N LEU A 637 3.85 -11.94 -21.64
CA LEU A 637 2.42 -12.23 -21.72
CA LEU A 637 2.42 -12.23 -21.72
C LEU A 637 1.64 -11.06 -22.31
N LEU A 638 1.89 -9.84 -21.85
CA LEU A 638 1.04 -8.71 -22.16
C LEU A 638 1.74 -7.47 -22.67
N GLY A 639 3.06 -7.35 -22.55
CA GLY A 639 3.75 -6.24 -23.22
C GLY A 639 4.44 -5.26 -22.29
N ALA A 640 4.82 -4.08 -22.84
CA ALA A 640 5.59 -3.12 -22.06
C ALA A 640 4.73 -2.10 -21.33
N GLU A 641 3.52 -1.83 -21.83
CA GLU A 641 2.60 -0.99 -21.07
C GLU A 641 2.15 -1.67 -19.79
N PHE A 642 1.79 -2.96 -19.87
CA PHE A 642 1.42 -3.69 -18.67
C PHE A 642 2.56 -3.72 -17.66
N VAL A 643 3.79 -3.93 -18.12
CA VAL A 643 4.91 -3.96 -17.17
C VAL A 643 5.19 -2.57 -16.61
N GLY A 644 5.00 -1.51 -17.39
CA GLY A 644 5.10 -0.17 -16.82
C GLY A 644 4.10 0.03 -15.69
N GLY A 645 2.88 -0.47 -15.90
CA GLY A 645 1.89 -0.42 -14.82
C GLY A 645 2.37 -1.18 -13.59
N VAL A 646 2.88 -2.41 -13.81
CA VAL A 646 3.41 -3.21 -12.71
C VAL A 646 4.46 -2.42 -11.94
N LEU A 647 5.35 -1.73 -12.66
CA LEU A 647 6.43 -1.00 -12.00
C LEU A 647 5.88 0.13 -11.13
N ILE A 648 4.88 0.86 -11.63
CA ILE A 648 4.30 1.93 -10.82
C ILE A 648 3.65 1.36 -9.57
N GLY A 649 2.89 0.27 -9.72
CA GLY A 649 2.23 -0.31 -8.56
C GLY A 649 3.24 -0.76 -7.53
N THR A 650 4.27 -1.48 -7.98
CA THR A 650 5.33 -1.94 -7.09
C THR A 650 5.98 -0.77 -6.38
N VAL A 651 6.32 0.30 -7.11
CA VAL A 651 7.03 1.42 -6.50
C VAL A 651 6.16 2.07 -5.43
N LEU A 652 4.91 2.38 -5.78
CA LEU A 652 4.02 3.04 -4.82
C LEU A 652 3.81 2.19 -3.59
N SER A 653 3.36 0.94 -3.77
N SER A 653 3.36 0.94 -3.77
CA SER A 653 3.06 0.09 -2.63
CA SER A 653 3.05 0.10 -2.63
C SER A 653 4.31 -0.22 -1.82
C SER A 653 4.31 -0.24 -1.82
N GLY A 654 5.44 -0.46 -2.49
CA GLY A 654 6.67 -0.74 -1.77
C GLY A 654 7.15 0.45 -0.96
N ALA A 655 7.07 1.65 -1.52
CA ALA A 655 7.44 2.84 -0.75
C ALA A 655 6.60 2.93 0.52
N MET A 656 5.27 2.83 0.36
CA MET A 656 4.42 2.98 1.53
C MET A 656 4.68 1.89 2.56
N LEU A 657 4.71 0.62 2.13
CA LEU A 657 4.90 -0.48 3.07
C LEU A 657 6.27 -0.42 3.73
N ALA A 658 7.31 -0.06 2.98
CA ALA A 658 8.64 0.07 3.55
C ALA A 658 8.64 1.10 4.68
N ILE A 659 8.18 2.32 4.39
CA ILE A 659 8.16 3.35 5.43
C ILE A 659 7.35 2.89 6.63
N LEU A 660 6.17 2.32 6.38
CA LEU A 660 5.30 1.90 7.47
C LEU A 660 6.00 0.88 8.36
N THR A 661 6.49 -0.21 7.77
CA THR A 661 7.08 -1.29 8.56
C THR A 661 8.31 -0.81 9.31
N ALA A 662 9.20 -0.07 8.64
CA ALA A 662 10.39 0.42 9.32
C ALA A 662 10.03 1.28 10.53
N ASN A 663 9.18 2.30 10.33
CA ASN A 663 8.88 3.21 11.42
C ASN A 663 8.13 2.50 12.54
N SER A 664 7.22 1.59 12.22
CA SER A 664 6.48 0.88 13.27
C SER A 664 7.42 0.04 14.12
N GLY A 665 8.30 -0.73 13.48
CA GLY A 665 9.24 -1.53 14.25
C GLY A 665 10.14 -0.65 15.13
N GLY A 666 10.63 0.46 14.57
CA GLY A 666 11.46 1.36 15.36
C GLY A 666 10.72 1.92 16.55
N ALA A 667 9.47 2.34 16.36
CA ALA A 667 8.71 2.91 17.45
C ALA A 667 8.44 1.89 18.54
N TRP A 668 8.12 0.65 18.16
CA TRP A 668 7.89 -0.38 19.17
C TRP A 668 9.15 -0.63 19.99
N ASP A 669 10.29 -0.79 19.30
CA ASP A 669 11.54 -1.04 20.02
C ASP A 669 11.88 0.10 20.96
N ASN A 670 11.82 1.35 20.46
CA ASN A 670 12.20 2.49 21.27
C ASN A 670 11.17 2.80 22.36
N ALA A 671 9.93 2.35 22.22
CA ALA A 671 8.98 2.47 23.33
C ALA A 671 9.31 1.48 24.44
N LYS A 672 9.65 0.24 24.07
CA LYS A 672 10.15 -0.69 25.08
C LYS A 672 11.35 -0.10 25.81
N LYS A 673 12.28 0.49 25.08
CA LYS A 673 13.43 1.12 25.73
C LYS A 673 12.99 2.30 26.60
N TYR A 674 12.09 3.15 26.09
CA TYR A 674 11.53 4.23 26.89
C TYR A 674 11.10 3.73 28.26
N LEU A 675 10.39 2.60 28.30
CA LEU A 675 9.96 2.08 29.60
C LEU A 675 11.13 1.51 30.39
N GLU A 676 12.04 0.78 29.74
CA GLU A 676 13.15 0.17 30.47
C GLU A 676 13.95 1.21 31.26
N ALA A 677 14.03 2.43 30.76
CA ALA A 677 14.69 3.51 31.48
C ALA A 677 13.82 4.10 32.58
N GLY A 678 12.67 3.50 32.87
CA GLY A 678 11.81 3.99 33.93
C GLY A 678 11.12 5.31 33.62
N ASN A 679 11.07 5.71 32.35
CA ASN A 679 10.37 6.92 31.95
C ASN A 679 8.88 6.86 32.20
N LEU A 680 8.35 5.71 32.61
CA LEU A 680 6.94 5.56 32.97
C LEU A 680 6.89 5.31 34.47
N GLU A 681 6.65 6.37 35.23
CA GLU A 681 6.69 6.29 36.69
C GLU A 681 5.75 5.21 37.19
N GLY A 682 6.30 4.27 37.96
CA GLY A 682 5.51 3.20 38.55
C GLY A 682 5.67 1.86 37.89
N TYR A 683 6.24 1.80 36.68
CA TYR A 683 6.37 0.57 35.93
C TYR A 683 7.80 0.39 35.46
N GLY A 684 8.27 -0.86 35.48
CA GLY A 684 9.60 -1.20 35.06
C GLY A 684 9.66 -2.60 34.49
N LYS A 685 10.87 -3.12 34.25
CA LYS A 685 11.01 -4.47 33.69
C LYS A 685 10.20 -5.47 34.48
N GLY A 686 9.34 -6.21 33.77
CA GLY A 686 8.51 -7.25 34.35
C GLY A 686 7.04 -6.88 34.46
N SER A 687 6.73 -5.59 34.54
CA SER A 687 5.34 -5.19 34.66
C SER A 687 4.57 -5.55 33.39
N GLU A 688 3.23 -5.46 33.48
CA GLU A 688 2.37 -5.84 32.38
C GLU A 688 2.54 -4.93 31.16
N PRO A 689 2.63 -3.61 31.33
CA PRO A 689 2.93 -2.76 30.16
C PRO A 689 4.22 -3.16 29.46
N HIS A 690 5.24 -3.54 30.22
CA HIS A 690 6.49 -4.00 29.61
C HIS A 690 6.28 -5.28 28.80
N LYS A 691 5.45 -6.19 29.31
CA LYS A 691 5.13 -7.39 28.54
C LYS A 691 4.43 -7.04 27.24
N ALA A 692 3.48 -6.11 27.29
CA ALA A 692 2.81 -5.67 26.07
C ALA A 692 3.80 -5.10 25.06
N LEU A 693 4.70 -4.24 25.54
CA LEU A 693 5.69 -3.66 24.64
C LEU A 693 6.64 -4.71 24.09
N VAL A 694 6.93 -5.76 24.88
CA VAL A 694 7.77 -6.84 24.38
C VAL A 694 7.06 -7.59 23.24
N ILE A 695 5.76 -7.85 23.39
CA ILE A 695 5.00 -8.45 22.30
C ILE A 695 5.08 -7.55 21.07
N GLY A 696 4.84 -6.26 21.25
CA GLY A 696 4.93 -5.33 20.14
C GLY A 696 6.27 -5.38 19.44
N ASP A 697 7.36 -5.47 20.22
CA ASP A 697 8.69 -5.47 19.63
C ASP A 697 8.97 -6.78 18.88
N THR A 698 8.52 -7.92 19.44
CA THR A 698 8.70 -9.18 18.71
C THR A 698 7.91 -9.16 17.41
N VAL A 699 6.74 -8.50 17.41
CA VAL A 699 5.97 -8.35 16.17
C VAL A 699 6.71 -7.45 15.19
N GLY A 700 7.31 -6.37 15.68
CA GLY A 700 7.93 -5.39 14.80
C GLY A 700 9.29 -5.76 14.26
N ASP A 701 10.03 -6.63 14.95
CA ASP A 701 11.38 -6.97 14.53
C ASP A 701 11.42 -7.44 13.08
N PRO A 702 10.67 -8.50 12.72
CA PRO A 702 10.67 -8.94 11.32
C PRO A 702 10.24 -7.86 10.35
N LEU A 703 9.32 -6.97 10.74
CA LEU A 703 8.85 -5.96 9.81
C LEU A 703 9.95 -4.96 9.49
N LYS A 704 10.65 -4.45 10.51
CA LYS A 704 11.65 -3.43 10.29
C LYS A 704 12.94 -3.98 9.72
N ASP A 705 13.32 -5.21 10.09
CA ASP A 705 14.63 -5.73 9.72
C ASP A 705 14.59 -6.74 8.58
N THR A 706 13.41 -7.15 8.12
CA THR A 706 13.32 -8.09 7.00
C THR A 706 12.43 -7.55 5.89
N VAL A 707 11.20 -7.13 6.21
CA VAL A 707 10.25 -6.78 5.17
C VAL A 707 10.62 -5.44 4.52
N GLY A 708 10.82 -4.41 5.32
CA GLY A 708 11.11 -3.09 4.81
C GLY A 708 12.27 -3.06 3.82
N PRO A 709 13.42 -3.60 4.26
CA PRO A 709 14.58 -3.63 3.36
C PRO A 709 14.36 -4.49 2.13
N SER A 710 13.75 -5.65 2.29
CA SER A 710 13.44 -6.49 1.12
C SER A 710 12.62 -5.71 0.11
N LEU A 711 11.72 -4.83 0.59
CA LEU A 711 10.93 -4.02 -0.33
C LEU A 711 11.78 -2.94 -0.98
N ASP A 712 12.65 -2.29 -0.19
CA ASP A 712 13.64 -1.39 -0.77
C ASP A 712 14.31 -2.02 -1.97
N ILE A 713 14.63 -3.31 -1.87
CA ILE A 713 15.30 -4.00 -2.97
C ILE A 713 14.31 -4.29 -4.10
N LEU A 714 13.19 -4.92 -3.79
CA LEU A 714 12.18 -5.26 -4.79
C LEU A 714 11.95 -4.10 -5.75
N ILE A 715 11.62 -2.92 -5.21
CA ILE A 715 11.20 -1.80 -6.06
C ILE A 715 12.29 -1.37 -7.03
N LYS A 716 13.55 -1.69 -6.75
CA LYS A 716 14.65 -1.35 -7.67
C LYS A 716 14.98 -2.49 -8.63
N ILE A 717 15.12 -3.71 -8.11
CA ILE A 717 15.57 -4.82 -8.95
C ILE A 717 14.52 -5.13 -10.01
N MET A 718 13.23 -5.06 -9.67
CA MET A 718 12.22 -5.30 -10.70
C MET A 718 12.37 -4.29 -11.83
N SER A 719 12.66 -3.03 -11.49
CA SER A 719 12.87 -2.01 -12.52
C SER A 719 14.09 -2.33 -13.38
N VAL A 720 15.17 -2.82 -12.75
CA VAL A 720 16.38 -3.11 -13.53
C VAL A 720 16.11 -4.23 -14.53
N VAL A 721 15.55 -5.34 -14.03
CA VAL A 721 15.18 -6.44 -14.93
C VAL A 721 14.29 -5.93 -16.06
N SER A 722 13.34 -5.04 -15.75
CA SER A 722 12.44 -4.52 -16.78
C SER A 722 13.20 -3.71 -17.82
N VAL A 723 14.03 -2.78 -17.36
CA VAL A 723 14.87 -1.99 -18.26
C VAL A 723 15.62 -2.90 -19.22
N ILE A 724 16.11 -4.03 -18.72
CA ILE A 724 16.93 -4.91 -19.56
C ILE A 724 16.08 -5.71 -20.54
N ALA A 725 15.09 -6.44 -20.02
CA ALA A 725 14.31 -7.36 -20.84
C ALA A 725 13.29 -6.68 -21.76
N VAL A 726 12.99 -5.40 -21.54
CA VAL A 726 12.03 -4.72 -22.40
C VAL A 726 12.55 -4.66 -23.83
N SER A 727 13.88 -4.70 -24.01
CA SER A 727 14.43 -4.77 -25.35
C SER A 727 13.91 -6.00 -26.09
N ILE A 728 13.55 -7.06 -25.34
CA ILE A 728 13.08 -8.29 -25.93
C ILE A 728 11.55 -8.30 -26.01
N PHE A 729 10.89 -8.22 -24.85
CA PHE A 729 9.46 -8.51 -24.86
C PHE A 729 8.60 -7.33 -25.30
N LYS A 730 9.17 -6.15 -25.52
CA LYS A 730 8.41 -5.02 -26.03
C LYS A 730 7.64 -5.41 -27.29
N HIS A 731 8.33 -6.09 -28.21
CA HIS A 731 7.73 -6.55 -29.45
C HIS A 731 7.44 -8.05 -29.47
N VAL A 732 8.08 -8.81 -28.58
CA VAL A 732 7.83 -10.25 -28.47
C VAL A 732 6.94 -10.49 -27.25
N HIS A 733 5.64 -10.27 -27.39
CA HIS A 733 4.69 -10.56 -26.33
C HIS A 733 3.48 -11.28 -26.90
N LEU A 734 2.97 -12.25 -26.13
CA LEU A 734 1.92 -13.15 -26.59
C LEU A 734 0.63 -12.40 -26.89
N PHE A 735 0.01 -11.83 -25.87
CA PHE A 735 -1.22 -11.05 -26.05
C PHE A 735 -0.90 -9.57 -26.23
N ALA B 13 -40.88 0.43 -22.28
CA ALA B 13 -39.82 1.28 -21.74
C ALA B 13 -40.29 1.94 -20.44
N ALA B 14 -41.49 2.51 -20.47
CA ALA B 14 -42.04 3.13 -19.26
C ALA B 14 -42.18 2.13 -18.12
N LEU B 15 -42.49 0.88 -18.43
CA LEU B 15 -42.56 -0.16 -17.41
C LEU B 15 -41.23 -0.31 -16.68
N PHE B 16 -40.14 -0.29 -17.43
CA PHE B 16 -38.81 -0.33 -16.81
C PHE B 16 -38.64 0.86 -15.87
N PHE B 17 -39.04 2.06 -16.32
CA PHE B 17 -38.97 3.23 -15.45
C PHE B 17 -39.87 3.08 -14.22
N LEU B 18 -40.88 2.20 -14.30
CA LEU B 18 -41.74 1.95 -13.15
C LEU B 18 -41.14 0.97 -12.15
N ILE B 19 -40.22 0.12 -12.60
CA ILE B 19 -39.66 -0.93 -11.73
C ILE B 19 -39.18 -0.39 -10.38
N PRO B 20 -38.50 0.77 -10.33
CA PRO B 20 -38.04 1.27 -9.02
C PRO B 20 -39.16 1.45 -8.00
N LEU B 21 -40.30 1.98 -8.44
CA LEU B 21 -41.44 2.11 -7.54
C LEU B 21 -41.97 0.74 -7.11
N VAL B 22 -41.91 -0.24 -8.00
CA VAL B 22 -42.26 -1.60 -7.62
C VAL B 22 -41.36 -2.06 -6.49
N ALA B 23 -40.05 -1.76 -6.57
CA ALA B 23 -39.14 -2.19 -5.52
C ALA B 23 -39.41 -1.47 -4.21
N LEU B 24 -39.70 -0.17 -4.27
CA LEU B 24 -40.02 0.57 -3.05
C LEU B 24 -41.30 0.03 -2.40
N GLY B 25 -42.31 -0.27 -3.21
CA GLY B 25 -43.53 -0.84 -2.67
C GLY B 25 -43.33 -2.24 -2.13
N PHE B 26 -42.48 -3.02 -2.79
CA PHE B 26 -42.09 -4.32 -2.27
C PHE B 26 -41.45 -4.18 -0.89
N ALA B 27 -40.59 -3.17 -0.73
CA ALA B 27 -39.99 -2.91 0.57
C ALA B 27 -41.06 -2.57 1.61
N ALA B 28 -42.02 -1.73 1.24
CA ALA B 28 -43.10 -1.39 2.17
C ALA B 28 -43.91 -2.63 2.56
N ALA B 29 -44.18 -3.50 1.58
CA ALA B 29 -44.98 -4.69 1.84
C ALA B 29 -44.25 -5.66 2.76
N ASN B 30 -42.94 -5.85 2.53
CA ASN B 30 -42.16 -6.71 3.42
C ASN B 30 -42.07 -6.11 4.82
N PHE B 31 -41.93 -4.79 4.90
CA PHE B 31 -41.97 -4.10 6.18
C PHE B 31 -43.24 -4.47 6.94
N ALA B 32 -44.40 -4.30 6.30
CA ALA B 32 -45.66 -4.64 6.96
C ALA B 32 -45.72 -6.13 7.31
N ALA B 33 -45.30 -7.00 6.39
CA ALA B 33 -45.42 -8.43 6.62
C ALA B 33 -44.62 -8.88 7.83
N VAL B 34 -43.39 -8.40 7.97
CA VAL B 34 -42.59 -8.76 9.13
C VAL B 34 -43.16 -8.10 10.39
N VAL B 35 -43.60 -6.85 10.28
CA VAL B 35 -44.16 -6.17 11.45
C VAL B 35 -45.35 -6.94 12.00
N ARG B 36 -46.10 -7.63 11.13
CA ARG B 36 -47.27 -8.37 11.60
C ARG B 36 -46.88 -9.53 12.52
N LYS B 37 -45.68 -10.08 12.38
CA LYS B 37 -45.27 -11.21 13.19
C LYS B 37 -45.12 -10.80 14.65
N PRO B 38 -45.14 -11.77 15.58
CA PRO B 38 -45.20 -11.43 17.01
C PRO B 38 -43.86 -11.14 17.67
N GLU B 39 -43.87 -10.13 18.53
CA GLU B 39 -42.67 -9.76 19.29
C GLU B 39 -42.37 -10.78 20.39
N GLY B 40 -43.40 -11.23 21.11
CA GLY B 40 -43.24 -12.29 22.09
C GLY B 40 -43.03 -11.79 23.51
N THR B 41 -42.06 -12.38 24.21
CA THR B 41 -41.86 -12.07 25.62
C THR B 41 -41.55 -10.58 25.80
N GLU B 42 -41.90 -10.07 26.99
CA GLU B 42 -41.68 -8.65 27.28
C GLU B 42 -40.20 -8.34 27.49
N ARG B 43 -39.42 -9.31 27.96
CA ARG B 43 -37.98 -9.11 28.11
C ARG B 43 -37.34 -8.79 26.77
N MET B 44 -37.65 -9.61 25.76
CA MET B 44 -37.23 -9.34 24.39
C MET B 44 -37.64 -7.95 23.97
N LYS B 45 -38.88 -7.56 24.29
CA LYS B 45 -39.39 -6.26 23.89
C LYS B 45 -38.58 -5.13 24.49
N GLU B 46 -38.18 -5.27 25.77
CA GLU B 46 -37.40 -4.22 26.41
C GLU B 46 -36.01 -4.09 25.78
N ILE B 47 -35.35 -5.23 25.55
CA ILE B 47 -34.02 -5.19 24.93
C ILE B 47 -34.10 -4.54 23.55
N SER B 48 -35.08 -4.96 22.75
CA SER B 48 -35.22 -4.40 21.40
C SER B 48 -35.63 -2.94 21.43
N SER B 49 -36.38 -2.51 22.46
CA SER B 49 -36.69 -1.09 22.59
C SER B 49 -35.42 -0.28 22.83
N TYR B 50 -34.55 -0.77 23.70
CA TYR B 50 -33.24 -0.13 23.87
C TYR B 50 -32.54 0.01 22.52
N ILE B 51 -32.50 -1.09 21.76
CA ILE B 51 -31.80 -1.07 20.48
C ILE B 51 -32.41 -0.04 19.53
N ARG B 52 -33.74 -0.03 19.43
CA ARG B 52 -34.41 0.89 18.51
C ARG B 52 -34.19 2.34 18.89
N SER B 53 -34.25 2.64 20.20
CA SER B 53 -34.02 4.01 20.62
C SER B 53 -32.61 4.47 20.30
N GLY B 54 -31.62 3.61 20.56
CA GLY B 54 -30.25 3.95 20.19
C GLY B 54 -30.09 4.19 18.70
N ALA B 55 -30.69 3.31 17.89
CA ALA B 55 -30.59 3.44 16.44
C ALA B 55 -31.21 4.75 15.96
N ASP B 56 -32.42 5.06 16.44
CA ASP B 56 -33.09 6.29 16.01
C ASP B 56 -32.31 7.53 16.46
N SER B 57 -31.74 7.50 17.67
CA SER B 57 -30.94 8.63 18.12
C SER B 57 -29.74 8.84 17.21
N PHE B 58 -29.00 7.77 16.92
CA PHE B 58 -27.85 7.88 16.03
C PHE B 58 -28.28 8.42 14.66
N LEU B 59 -29.36 7.87 14.11
CA LEU B 59 -29.85 8.30 12.81
C LEU B 59 -30.15 9.80 12.81
N ALA B 60 -30.86 10.27 13.83
CA ALA B 60 -31.22 11.69 13.89
C ALA B 60 -29.98 12.57 13.93
N HIS B 61 -29.03 12.25 14.81
CA HIS B 61 -27.82 13.06 14.91
C HIS B 61 -27.08 13.11 13.58
N GLU B 62 -26.88 11.95 12.96
CA GLU B 62 -26.11 11.92 11.72
C GLU B 62 -26.86 12.63 10.60
N THR B 63 -28.19 12.49 10.56
CA THR B 63 -28.95 13.15 9.49
C THR B 63 -28.89 14.66 9.65
N LYS B 64 -28.90 15.15 10.89
CA LYS B 64 -28.73 16.58 11.11
C LYS B 64 -27.40 17.05 10.50
N ALA B 65 -26.30 16.37 10.86
CA ALA B 65 -25.02 16.77 10.30
C ALA B 65 -24.98 16.65 8.77
N ILE B 66 -25.60 15.59 8.24
CA ILE B 66 -25.65 15.38 6.80
C ILE B 66 -26.34 16.53 6.11
N PHE B 67 -27.50 16.95 6.64
CA PHE B 67 -28.23 18.07 6.06
C PHE B 67 -27.39 19.34 6.07
N LYS B 68 -26.75 19.61 7.22
CA LYS B 68 -25.89 20.78 7.33
C LYS B 68 -24.86 20.79 6.20
N VAL B 69 -24.14 19.68 6.01
CA VAL B 69 -23.09 19.66 4.98
C VAL B 69 -23.71 19.73 3.58
N ALA B 70 -24.82 19.03 3.36
CA ALA B 70 -25.39 18.92 2.03
C ALA B 70 -25.89 20.25 1.50
N ILE B 71 -26.44 21.11 2.37
CA ILE B 71 -26.90 22.40 1.89
C ILE B 71 -25.74 23.23 1.36
N VAL B 72 -24.63 23.26 2.10
CA VAL B 72 -23.44 23.98 1.66
C VAL B 72 -22.97 23.44 0.32
N ILE B 73 -22.92 22.10 0.20
CA ILE B 73 -22.41 21.52 -1.04
C ILE B 73 -23.32 21.87 -2.21
N ALA B 74 -24.64 21.83 -1.99
CA ALA B 74 -25.57 22.14 -3.07
C ALA B 74 -25.48 23.61 -3.49
N ILE B 75 -25.31 24.51 -2.51
CA ILE B 75 -25.13 25.92 -2.86
C ILE B 75 -23.88 26.12 -3.70
N LEU B 76 -22.77 25.48 -3.30
CA LEU B 76 -21.55 25.61 -4.08
C LEU B 76 -21.70 24.99 -5.47
N LEU B 77 -22.45 23.90 -5.57
CA LEU B 77 -22.67 23.25 -6.85
C LEU B 77 -23.60 24.04 -7.75
N MET B 78 -24.46 24.90 -7.18
CA MET B 78 -25.29 25.76 -8.01
C MET B 78 -24.53 27.01 -8.44
N ILE B 79 -23.75 27.61 -7.53
CA ILE B 79 -22.98 28.80 -7.88
C ILE B 79 -22.03 28.49 -9.03
N PHE B 80 -21.20 27.46 -8.88
CA PHE B 80 -20.40 26.93 -9.95
C PHE B 80 -21.15 25.80 -10.66
N THR B 81 -20.67 25.44 -11.84
CA THR B 81 -21.32 24.41 -12.66
C THR B 81 -22.73 24.90 -13.00
N THR B 82 -23.78 24.16 -12.65
CA THR B 82 -25.15 24.51 -13.00
C THR B 82 -26.06 24.25 -11.81
N TRP B 83 -27.31 24.72 -11.91
CA TRP B 83 -28.27 24.55 -10.82
C TRP B 83 -28.85 23.13 -10.81
N GLN B 84 -29.08 22.56 -12.00
CA GLN B 84 -29.53 21.17 -12.06
C GLN B 84 -28.56 20.25 -11.34
N THR B 85 -27.26 20.56 -11.37
CA THR B 85 -26.28 19.73 -10.69
C THR B 85 -26.54 19.68 -9.19
N GLY B 86 -26.76 20.85 -8.58
CA GLY B 86 -27.05 20.88 -7.15
C GLY B 86 -28.37 20.22 -6.81
N VAL B 87 -29.36 20.40 -7.68
CA VAL B 87 -30.65 19.73 -7.44
C VAL B 87 -30.49 18.22 -7.47
N ALA B 88 -29.74 17.70 -8.45
CA ALA B 88 -29.49 16.26 -8.52
C ALA B 88 -28.69 15.79 -7.32
N PHE B 89 -27.74 16.61 -6.85
CA PHE B 89 -26.99 16.26 -5.65
C PHE B 89 -27.93 16.02 -4.48
N LEU B 90 -28.82 16.99 -4.22
CA LEU B 90 -29.76 16.84 -3.11
C LEU B 90 -30.67 15.65 -3.32
N LEU B 91 -31.09 15.41 -4.57
CA LEU B 91 -31.95 14.26 -4.86
C LEU B 91 -31.25 12.95 -4.47
N GLY B 92 -30.00 12.78 -4.88
CA GLY B 92 -29.29 11.56 -4.55
C GLY B 92 -29.05 11.41 -3.06
N ALA B 93 -28.66 12.50 -2.40
CA ALA B 93 -28.52 12.46 -0.94
C ALA B 93 -29.79 11.95 -0.29
N VAL B 94 -30.95 12.47 -0.73
CA VAL B 94 -32.21 12.07 -0.12
C VAL B 94 -32.51 10.60 -0.40
N MET B 95 -32.29 10.13 -1.63
CA MET B 95 -32.57 8.74 -1.94
C MET B 95 -31.75 7.80 -1.06
N SER B 96 -30.45 8.07 -0.93
CA SER B 96 -29.61 7.16 -0.15
C SER B 96 -29.98 7.22 1.33
N ALA B 97 -30.21 8.43 1.86
CA ALA B 97 -30.60 8.55 3.26
C ALA B 97 -31.92 7.82 3.52
N SER B 98 -32.86 7.91 2.58
CA SER B 98 -34.13 7.21 2.73
C SER B 98 -33.92 5.71 2.80
N ALA B 99 -33.14 5.17 1.84
CA ALA B 99 -32.87 3.73 1.87
C ALA B 99 -32.27 3.32 3.21
N GLY B 100 -31.32 4.11 3.72
CA GLY B 100 -30.68 3.75 4.97
C GLY B 100 -31.64 3.77 6.15
N ILE B 101 -32.42 4.83 6.29
CA ILE B 101 -33.34 4.94 7.42
C ILE B 101 -34.36 3.81 7.39
N VAL B 102 -34.93 3.56 6.21
CA VAL B 102 -35.93 2.50 6.09
C VAL B 102 -35.33 1.16 6.49
N GLY B 103 -34.16 0.84 5.94
CA GLY B 103 -33.54 -0.45 6.26
C GLY B 103 -33.23 -0.60 7.74
N MET B 104 -32.74 0.48 8.37
CA MET B 104 -32.38 0.38 9.78
C MET B 104 -33.61 0.21 10.66
N LYS B 105 -34.67 0.99 10.41
CA LYS B 105 -35.89 0.80 11.19
C LYS B 105 -36.41 -0.62 11.05
N MET B 106 -36.44 -1.13 9.81
CA MET B 106 -36.92 -2.50 9.60
C MET B 106 -36.08 -3.51 10.37
N ALA B 107 -34.75 -3.37 10.33
CA ALA B 107 -33.90 -4.35 11.00
C ALA B 107 -34.09 -4.31 12.51
N THR B 108 -34.09 -3.10 13.09
CA THR B 108 -34.29 -2.98 14.53
C THR B 108 -35.65 -3.51 14.95
N ARG B 109 -36.64 -3.48 14.05
CA ARG B 109 -37.94 -4.07 14.37
C ARG B 109 -37.92 -5.60 14.27
N ALA B 110 -37.22 -6.15 13.28
CA ALA B 110 -37.29 -7.58 13.00
C ALA B 110 -36.36 -8.43 13.86
N ASN B 111 -35.39 -7.80 14.54
CA ASN B 111 -34.46 -8.57 15.35
C ASN B 111 -35.16 -9.48 16.36
N VAL B 112 -36.30 -9.05 16.91
CA VAL B 112 -37.00 -9.89 17.88
C VAL B 112 -37.89 -10.91 17.19
N ARG B 113 -38.58 -10.51 16.12
CA ARG B 113 -39.50 -11.42 15.46
C ARG B 113 -38.77 -12.64 14.91
N VAL B 114 -37.50 -12.48 14.52
CA VAL B 114 -36.73 -13.65 14.12
C VAL B 114 -36.61 -14.64 15.28
N ALA B 115 -36.24 -14.14 16.46
CA ALA B 115 -36.08 -15.01 17.61
C ALA B 115 -37.42 -15.64 18.01
N GLU B 116 -38.51 -14.89 17.85
CA GLU B 116 -39.83 -15.44 18.19
C GLU B 116 -40.22 -16.55 17.23
N ALA B 117 -39.93 -16.39 15.94
CA ALA B 117 -40.15 -17.49 15.01
C ALA B 117 -39.35 -18.72 15.44
N ALA B 118 -38.07 -18.53 15.75
CA ALA B 118 -37.22 -19.65 16.12
C ALA B 118 -37.70 -20.34 17.39
N ARG B 119 -38.24 -19.56 18.33
CA ARG B 119 -38.68 -20.13 19.61
C ARG B 119 -40.04 -20.81 19.45
N THR B 120 -41.03 -20.09 18.92
CA THR B 120 -42.36 -20.64 18.76
C THR B 120 -42.33 -21.92 17.93
N THR B 121 -41.64 -21.90 16.80
CA THR B 121 -41.63 -23.06 15.91
C THR B 121 -40.50 -24.03 16.21
N LYS B 122 -39.52 -23.64 17.03
CA LYS B 122 -38.37 -24.51 17.32
C LYS B 122 -37.76 -25.02 16.02
N LYS B 123 -37.82 -24.19 14.99
CA LYS B 123 -37.34 -24.54 13.66
C LYS B 123 -36.50 -23.40 13.12
N ILE B 124 -35.70 -23.72 12.10
CA ILE B 124 -34.81 -22.74 11.49
C ILE B 124 -35.50 -21.96 10.37
N GLY B 125 -36.43 -22.58 9.65
CA GLY B 125 -37.03 -22.00 8.48
C GLY B 125 -37.76 -20.69 8.70
N PRO B 126 -38.75 -20.66 9.60
CA PRO B 126 -39.50 -19.41 9.80
C PRO B 126 -38.64 -18.25 10.28
N ALA B 127 -37.69 -18.51 11.19
CA ALA B 127 -36.80 -17.45 11.64
C ALA B 127 -35.95 -16.90 10.50
N LEU B 128 -35.38 -17.79 9.68
CA LEU B 128 -34.60 -17.34 8.54
C LEU B 128 -35.45 -16.52 7.58
N LYS B 129 -36.69 -16.95 7.33
CA LYS B 129 -37.55 -16.20 6.41
C LYS B 129 -37.85 -14.82 6.97
N VAL B 130 -38.12 -14.72 8.27
CA VAL B 130 -38.37 -13.41 8.88
C VAL B 130 -37.14 -12.52 8.73
N ALA B 131 -35.95 -13.06 9.01
CA ALA B 131 -34.74 -12.25 8.96
C ALA B 131 -34.43 -11.80 7.52
N TYR B 132 -34.64 -12.69 6.55
CA TYR B 132 -34.34 -12.32 5.18
C TYR B 132 -35.34 -11.32 4.63
N GLN B 133 -36.63 -11.47 4.98
CA GLN B 133 -37.59 -10.44 4.63
C GLN B 133 -37.23 -9.11 5.29
N GLY B 134 -36.61 -9.16 6.47
CA GLY B 134 -36.13 -7.93 7.08
C GLY B 134 -35.02 -7.27 6.27
N GLY B 135 -34.02 -8.05 5.88
CA GLY B 135 -32.91 -7.50 5.13
C GLY B 135 -33.28 -7.06 3.72
N SER B 136 -34.27 -7.72 3.12
CA SER B 136 -34.69 -7.35 1.78
C SER B 136 -35.29 -5.95 1.76
N VAL B 137 -35.73 -5.43 2.91
CA VAL B 137 -36.19 -4.04 2.94
C VAL B 137 -35.04 -3.10 2.62
N MET B 138 -33.89 -3.31 3.27
CA MET B 138 -32.73 -2.48 2.95
C MET B 138 -32.29 -2.71 1.51
N GLY B 139 -32.28 -3.97 1.07
CA GLY B 139 -31.88 -4.25 -0.31
C GLY B 139 -32.75 -3.53 -1.32
N LEU B 140 -34.07 -3.68 -1.18
CA LEU B 140 -35.01 -3.09 -2.12
C LEU B 140 -35.08 -1.58 -1.98
N SER B 141 -34.92 -1.04 -0.77
CA SER B 141 -34.87 0.41 -0.62
C SER B 141 -33.65 0.96 -1.33
N VAL B 142 -32.48 0.35 -1.14
CA VAL B 142 -31.29 0.74 -1.87
C VAL B 142 -31.58 0.76 -3.37
N GLY B 143 -31.92 -0.41 -3.93
CA GLY B 143 -32.16 -0.48 -5.36
C GLY B 143 -33.20 0.50 -5.85
N GLY B 144 -34.38 0.47 -5.23
CA GLY B 144 -35.48 1.29 -5.70
C GLY B 144 -35.20 2.77 -5.59
N PHE B 145 -34.76 3.23 -4.41
CA PHE B 145 -34.46 4.64 -4.25
C PHE B 145 -33.38 5.11 -5.23
N ALA B 146 -32.30 4.33 -5.36
CA ALA B 146 -31.21 4.73 -6.25
C ALA B 146 -31.71 4.85 -7.68
N LEU B 147 -32.31 3.78 -8.22
CA LEU B 147 -32.77 3.82 -9.59
C LEU B 147 -33.93 4.78 -9.79
N LEU B 148 -34.71 5.06 -8.74
CA LEU B 148 -35.75 6.07 -8.84
C LEU B 148 -35.14 7.45 -9.05
N GLY B 149 -34.19 7.82 -8.20
CA GLY B 149 -33.48 9.08 -8.42
C GLY B 149 -32.89 9.16 -9.80
N LEU B 150 -32.30 8.05 -10.27
CA LEU B 150 -31.65 8.10 -11.59
C LEU B 150 -32.68 8.26 -12.71
N VAL B 151 -33.81 7.55 -12.63
CA VAL B 151 -34.86 7.71 -13.64
C VAL B 151 -35.41 9.13 -13.61
N LEU B 152 -35.61 9.68 -12.42
CA LEU B 152 -36.08 11.07 -12.32
C LEU B 152 -35.10 12.02 -13.00
N VAL B 153 -33.80 11.82 -12.77
CA VAL B 153 -32.82 12.69 -13.41
C VAL B 153 -32.86 12.52 -14.92
N TYR B 154 -32.94 11.27 -15.40
CA TYR B 154 -32.92 11.02 -16.82
C TYR B 154 -34.16 11.55 -17.52
N LEU B 155 -35.29 11.62 -16.82
CA LEU B 155 -36.53 12.09 -17.43
C LEU B 155 -36.65 13.61 -17.33
N ILE B 156 -36.61 14.14 -16.11
CA ILE B 156 -36.78 15.57 -15.87
C ILE B 156 -35.66 16.36 -16.56
N PHE B 157 -34.43 16.22 -16.06
CA PHE B 157 -33.31 16.97 -16.62
C PHE B 157 -32.85 16.39 -17.95
N GLY B 158 -32.97 15.07 -18.15
CA GLY B 158 -32.42 14.44 -19.31
C GLY B 158 -33.14 14.76 -20.61
N LYS B 159 -34.40 14.33 -20.72
CA LYS B 159 -35.16 14.49 -21.95
C LYS B 159 -36.05 15.73 -21.95
N TRP B 160 -36.80 15.96 -20.87
CA TRP B 160 -37.69 17.12 -20.81
C TRP B 160 -36.92 18.41 -21.06
N MET B 161 -35.82 18.62 -20.34
CA MET B 161 -34.99 19.80 -20.53
C MET B 161 -33.95 19.64 -21.63
N GLY B 162 -33.95 18.51 -22.33
CA GLY B 162 -33.10 18.36 -23.51
C GLY B 162 -31.62 18.43 -23.22
N GLN B 163 -31.18 17.95 -22.06
CA GLN B 163 -29.75 17.82 -21.79
C GLN B 163 -29.15 16.62 -22.50
N VAL B 164 -29.97 15.60 -22.80
CA VAL B 164 -29.57 14.51 -23.67
C VAL B 164 -29.73 14.87 -25.14
N ASP B 165 -30.27 16.05 -25.45
CA ASP B 165 -30.47 16.47 -26.83
C ASP B 165 -29.28 17.27 -27.36
N ASN B 166 -28.78 18.22 -26.58
CA ASN B 166 -27.65 19.02 -27.04
C ASN B 166 -26.37 18.20 -27.05
N LEU B 167 -25.97 17.68 -25.89
CA LEU B 167 -24.79 16.83 -25.76
C LEU B 167 -23.52 17.54 -26.20
N ASN B 168 -23.54 18.87 -26.25
CA ASN B 168 -22.38 19.67 -26.58
C ASN B 168 -21.84 20.35 -25.32
N ILE B 169 -20.57 20.76 -25.40
CA ILE B 169 -19.91 21.39 -24.26
C ILE B 169 -20.54 22.76 -24.01
N TYR B 170 -21.11 22.93 -22.81
CA TYR B 170 -21.72 24.17 -22.36
C TYR B 170 -20.75 24.91 -21.46
N THR B 171 -20.73 26.25 -21.59
CA THR B 171 -19.88 27.12 -20.80
C THR B 171 -20.77 27.94 -19.87
N ASN B 172 -20.57 27.79 -18.56
CA ASN B 172 -21.43 28.47 -17.60
C ASN B 172 -20.96 29.92 -17.40
N TRP B 173 -21.74 30.67 -16.62
CA TRP B 173 -21.48 32.11 -16.48
C TRP B 173 -20.09 32.40 -15.95
N LEU B 174 -19.54 31.52 -15.11
CA LEU B 174 -18.19 31.69 -14.59
C LEU B 174 -17.11 31.35 -15.61
N GLY B 175 -17.48 30.76 -16.74
CA GLY B 175 -16.53 30.30 -17.73
C GLY B 175 -16.17 28.84 -17.64
N ILE B 176 -16.75 28.12 -16.68
CA ILE B 176 -16.49 26.70 -16.51
C ILE B 176 -17.23 25.93 -17.59
N ASN B 177 -16.53 25.04 -18.29
CA ASN B 177 -17.08 24.31 -19.42
C ASN B 177 -17.22 22.82 -19.08
N PHE B 178 -18.26 22.21 -19.63
CA PHE B 178 -18.58 20.80 -19.35
C PHE B 178 -19.81 20.39 -20.17
N VAL B 179 -19.98 19.09 -20.35
CA VAL B 179 -21.19 18.56 -20.98
C VAL B 179 -22.29 18.53 -19.91
N PRO B 180 -23.43 19.21 -20.13
CA PRO B 180 -24.40 19.38 -19.04
C PRO B 180 -24.86 18.10 -18.35
N PHE B 181 -25.36 17.13 -19.11
CA PHE B 181 -25.96 15.94 -18.52
C PHE B 181 -24.92 15.15 -17.72
N ALA B 182 -23.70 15.08 -18.23
CA ALA B 182 -22.61 14.45 -17.48
C ALA B 182 -22.45 15.09 -16.11
N MET B 183 -22.37 16.43 -16.08
CA MET B 183 -22.19 17.13 -14.81
C MET B 183 -23.39 16.90 -13.89
N THR B 184 -24.59 16.79 -14.44
CA THR B 184 -25.77 16.53 -13.61
C THR B 184 -25.67 15.18 -12.91
N VAL B 185 -25.42 14.12 -13.70
CA VAL B 185 -25.29 12.80 -13.09
C VAL B 185 -24.12 12.77 -12.11
N SER B 186 -23.07 13.56 -12.38
CA SER B 186 -21.97 13.64 -11.43
C SER B 186 -22.42 14.22 -10.10
N GLY B 187 -23.25 15.27 -10.14
CA GLY B 187 -23.79 15.81 -8.90
C GLY B 187 -24.60 14.77 -8.13
N TYR B 188 -25.45 14.02 -8.83
CA TYR B 188 -26.24 12.97 -8.17
C TYR B 188 -25.32 11.96 -7.49
N ALA B 189 -24.30 11.51 -8.20
CA ALA B 189 -23.34 10.58 -7.62
C ALA B 189 -22.70 11.17 -6.37
N LEU B 190 -22.29 12.43 -6.43
CA LEU B 190 -21.67 13.06 -5.26
C LEU B 190 -22.62 13.09 -4.08
N GLY B 191 -23.92 13.29 -4.32
CA GLY B 191 -24.88 13.20 -3.23
C GLY B 191 -24.85 11.85 -2.54
N CYS B 192 -24.98 10.79 -3.35
CA CYS B 192 -24.86 9.44 -2.78
C CYS B 192 -23.55 9.28 -2.03
N SER B 193 -22.48 9.88 -2.55
CA SER B 193 -21.16 9.73 -1.93
C SER B 193 -21.12 10.40 -0.56
N ILE B 194 -21.77 11.55 -0.42
CA ILE B 194 -21.80 12.23 0.88
C ILE B 194 -22.53 11.35 1.90
N ILE B 195 -23.70 10.84 1.50
CA ILE B 195 -24.43 9.97 2.43
C ILE B 195 -23.55 8.80 2.85
N ALA B 196 -22.88 8.16 1.88
CA ALA B 196 -22.07 7.00 2.18
C ALA B 196 -20.87 7.35 3.07
N MET B 197 -20.22 8.49 2.80
CA MET B 197 -19.08 8.88 3.62
C MET B 197 -19.51 9.08 5.06
N PHE B 198 -20.59 9.83 5.27
CA PHE B 198 -21.11 9.96 6.63
C PHE B 198 -21.32 8.60 7.26
N ASP B 199 -22.20 7.79 6.64
CA ASP B 199 -22.49 6.46 7.18
C ASP B 199 -21.19 5.73 7.54
N ARG B 200 -20.36 5.42 6.54
CA ARG B 200 -19.17 4.62 6.79
C ARG B 200 -18.24 5.27 7.80
N VAL B 201 -17.61 6.41 7.50
CA VAL B 201 -16.62 6.96 8.42
C VAL B 201 -17.23 7.11 9.82
N GLY B 202 -18.26 7.94 9.94
CA GLY B 202 -18.82 8.20 11.25
C GLY B 202 -19.31 6.95 11.95
N GLY B 203 -20.32 6.30 11.37
CA GLY B 203 -20.87 5.12 12.00
C GLY B 203 -19.84 4.05 12.31
N GLY B 204 -18.77 3.95 11.52
CA GLY B 204 -17.75 2.98 11.81
C GLY B 204 -16.94 3.34 13.03
N VAL B 205 -16.52 4.61 13.12
CA VAL B 205 -15.90 5.09 14.35
C VAL B 205 -16.80 4.78 15.54
N TYR B 206 -18.09 5.09 15.41
CA TYR B 206 -19.03 4.86 16.50
C TYR B 206 -19.10 3.38 16.88
N THR B 207 -19.35 2.51 15.88
CA THR B 207 -19.54 1.10 16.14
C THR B 207 -18.33 0.50 16.84
N LYS B 208 -17.14 0.76 16.30
CA LYS B 208 -15.96 0.12 16.87
C LYS B 208 -15.56 0.74 18.20
N ALA B 209 -15.86 2.03 18.41
CA ALA B 209 -15.70 2.59 19.75
C ALA B 209 -16.62 1.89 20.73
N ALA B 210 -17.86 1.60 20.33
CA ALA B 210 -18.79 0.91 21.21
C ALA B 210 -18.32 -0.50 21.53
N ASP B 211 -17.84 -1.23 20.51
CA ASP B 211 -17.36 -2.59 20.75
C ASP B 211 -16.15 -2.59 21.66
N MET B 212 -15.19 -1.68 21.42
CA MET B 212 -14.01 -1.60 22.28
C MET B 212 -14.40 -1.24 23.71
N ALA B 213 -15.35 -0.32 23.88
CA ALA B 213 -15.78 0.05 25.23
C ALA B 213 -16.47 -1.12 25.92
N ALA B 214 -17.28 -1.89 25.18
CA ALA B 214 -17.90 -3.07 25.75
C ALA B 214 -16.85 -4.04 26.26
N ASP B 215 -15.81 -4.30 25.45
CA ASP B 215 -14.73 -5.18 25.90
C ASP B 215 -14.02 -4.60 27.12
N LEU B 216 -13.82 -3.28 27.14
CA LEU B 216 -13.07 -2.64 28.22
C LEU B 216 -13.80 -2.72 29.56
N VAL B 217 -15.07 -2.29 29.60
CA VAL B 217 -15.79 -2.25 30.86
C VAL B 217 -15.79 -3.61 31.56
N GLY B 218 -15.71 -4.69 30.79
CA GLY B 218 -15.61 -6.01 31.39
C GLY B 218 -14.42 -6.18 32.31
N LYS B 219 -13.33 -5.44 32.07
CA LYS B 219 -12.11 -5.59 32.85
C LYS B 219 -11.92 -4.49 33.90
N THR B 220 -12.78 -3.47 33.93
CA THR B 220 -12.67 -2.46 34.97
C THR B 220 -13.27 -2.99 36.28
N GLU B 221 -13.27 -2.14 37.31
CA GLU B 221 -13.86 -2.55 38.58
C GLU B 221 -15.37 -2.77 38.46
N LEU B 222 -16.00 -2.25 37.40
CA LEU B 222 -17.43 -2.42 37.24
C LEU B 222 -17.82 -3.88 37.10
N ASN B 223 -16.96 -4.69 36.47
CA ASN B 223 -17.22 -6.12 36.26
C ASN B 223 -18.57 -6.32 35.58
N LEU B 224 -18.80 -5.53 34.53
CA LEU B 224 -20.04 -5.63 33.76
C LEU B 224 -19.91 -6.67 32.65
N PRO B 225 -20.79 -7.67 32.58
CA PRO B 225 -20.65 -8.69 31.54
C PRO B 225 -20.82 -8.08 30.16
N GLU B 226 -20.15 -8.69 29.17
CA GLU B 226 -20.27 -8.20 27.80
C GLU B 226 -21.69 -8.36 27.27
N ASP B 227 -22.28 -9.55 27.44
CA ASP B 227 -23.60 -9.85 26.91
C ASP B 227 -24.70 -9.65 27.96
N ASP B 228 -24.68 -8.49 28.63
CA ASP B 228 -25.63 -8.19 29.69
C ASP B 228 -26.22 -6.80 29.47
N PRO B 229 -27.55 -6.65 29.55
CA PRO B 229 -28.13 -5.30 29.40
C PRO B 229 -27.62 -4.31 30.43
N ARG B 230 -27.08 -4.77 31.57
CA ARG B 230 -26.52 -3.83 32.54
C ARG B 230 -25.42 -3.00 31.92
N ASN B 231 -24.65 -3.59 31.01
CA ASN B 231 -23.60 -2.89 30.27
C ASN B 231 -24.21 -2.01 29.20
N PRO B 232 -24.10 -0.68 29.29
CA PRO B 232 -24.67 0.17 28.23
C PRO B 232 -24.00 -0.07 26.88
N ALA B 233 -22.70 -0.34 26.88
CA ALA B 233 -21.98 -0.60 25.64
C ALA B 233 -22.52 -1.81 24.91
N THR B 234 -23.20 -2.74 25.61
CA THR B 234 -23.81 -3.87 24.92
C THR B 234 -24.92 -3.39 23.99
N ILE B 235 -25.80 -2.52 24.48
CA ILE B 235 -26.85 -1.97 23.63
C ILE B 235 -26.24 -1.07 22.55
N ALA B 236 -25.21 -0.30 22.90
CA ALA B 236 -24.55 0.50 21.87
C ALA B 236 -23.99 -0.37 20.76
N ASP B 237 -23.44 -1.54 21.12
CA ASP B 237 -22.87 -2.45 20.12
C ASP B 237 -23.96 -3.11 19.28
N ASN B 238 -25.07 -3.49 19.91
CA ASN B 238 -26.18 -4.06 19.15
C ASN B 238 -26.76 -3.02 18.19
N VAL B 239 -26.72 -1.75 18.55
CA VAL B 239 -27.12 -0.69 17.63
C VAL B 239 -26.07 -0.53 16.53
N GLY B 240 -24.79 -0.60 16.89
CA GLY B 240 -23.74 -0.42 15.92
C GLY B 240 -23.71 -1.49 14.85
N ASP B 241 -24.07 -2.73 15.21
CA ASP B 241 -24.11 -3.78 14.19
C ASP B 241 -25.06 -3.39 13.06
N ASN B 242 -26.21 -2.80 13.41
CA ASN B 242 -27.13 -2.32 12.38
C ASN B 242 -26.58 -1.10 11.67
N VAL B 243 -25.99 -0.17 12.42
CA VAL B 243 -25.37 1.00 11.80
C VAL B 243 -24.36 0.57 10.73
N GLY B 244 -23.68 -0.54 10.96
CA GLY B 244 -22.61 -0.97 10.09
C GLY B 244 -23.03 -1.85 8.93
N ASP B 245 -23.54 -3.05 9.22
CA ASP B 245 -23.79 -4.01 8.15
C ASP B 245 -25.13 -3.82 7.46
N VAL B 246 -25.92 -2.82 7.86
CA VAL B 246 -27.16 -2.46 7.18
C VAL B 246 -27.05 -1.09 6.53
N ALA B 247 -26.76 -0.06 7.32
CA ALA B 247 -26.65 1.29 6.77
C ALA B 247 -25.33 1.48 6.04
N GLY B 248 -24.21 1.18 6.69
CA GLY B 248 -22.90 1.40 6.09
C GLY B 248 -22.67 0.61 4.81
N LEU B 249 -22.79 -0.72 4.90
CA LEU B 249 -22.53 -1.56 3.73
C LEU B 249 -23.57 -1.31 2.64
N GLY B 250 -24.83 -1.06 3.03
CA GLY B 250 -25.84 -0.75 2.03
C GLY B 250 -25.54 0.53 1.28
N ALA B 251 -25.15 1.57 2.02
CA ALA B 251 -24.79 2.83 1.37
C ALA B 251 -23.56 2.68 0.50
N ASP B 252 -22.59 1.87 0.94
CA ASP B 252 -21.39 1.64 0.14
C ASP B 252 -21.76 0.98 -1.19
N LEU B 253 -22.54 -0.09 -1.13
CA LEU B 253 -22.95 -0.76 -2.37
C LEU B 253 -23.79 0.16 -3.25
N LEU B 254 -24.64 0.99 -2.64
CA LEU B 254 -25.44 1.94 -3.42
C LEU B 254 -24.55 2.93 -4.14
N GLU B 255 -23.52 3.44 -3.45
CA GLU B 255 -22.60 4.38 -4.09
C GLU B 255 -21.86 3.73 -5.25
N SER B 256 -21.37 2.50 -5.07
CA SER B 256 -20.68 1.82 -6.17
C SER B 256 -21.61 1.58 -7.36
N PHE B 257 -22.82 1.09 -7.08
CA PHE B 257 -23.84 0.90 -8.11
C PHE B 257 -24.03 2.17 -8.94
N VAL B 258 -24.43 3.25 -8.27
CA VAL B 258 -24.67 4.51 -8.96
C VAL B 258 -23.40 5.01 -9.64
N GLY B 259 -22.23 4.74 -9.07
CA GLY B 259 -21.00 5.20 -9.67
C GLY B 259 -20.72 4.51 -10.99
N ALA B 260 -20.89 3.19 -11.04
CA ALA B 260 -20.72 2.48 -12.30
C ALA B 260 -21.66 3.03 -13.36
N ILE B 261 -22.93 3.24 -12.99
CA ILE B 261 -23.90 3.72 -13.98
C ILE B 261 -23.54 5.13 -14.45
N VAL B 262 -23.20 6.01 -13.51
CA VAL B 262 -22.84 7.38 -13.86
C VAL B 262 -21.58 7.41 -14.72
N SER B 263 -20.64 6.50 -14.46
CA SER B 263 -19.43 6.47 -15.28
C SER B 263 -19.76 6.08 -16.71
N SER B 264 -20.57 5.05 -16.88
CA SER B 264 -21.05 4.71 -18.23
C SER B 264 -21.61 5.95 -18.90
N ILE B 265 -22.47 6.67 -18.18
CA ILE B 265 -23.15 7.83 -18.78
C ILE B 265 -22.16 8.92 -19.14
N ILE B 266 -21.19 9.21 -18.27
CA ILE B 266 -20.25 10.31 -18.54
C ILE B 266 -19.37 9.96 -19.74
N LEU B 267 -18.83 8.74 -19.76
CA LEU B 267 -18.04 8.32 -20.91
C LEU B 267 -18.85 8.48 -22.20
N ALA B 268 -20.09 7.96 -22.20
CA ALA B 268 -20.92 8.07 -23.39
C ALA B 268 -21.11 9.53 -23.79
N SER B 269 -21.55 10.37 -22.85
CA SER B 269 -21.79 11.77 -23.15
C SER B 269 -20.56 12.44 -23.76
N TYR B 270 -19.38 12.18 -23.19
CA TYR B 270 -18.18 12.85 -23.67
C TYR B 270 -17.59 12.21 -24.92
N MET B 271 -18.04 11.03 -25.32
CA MET B 271 -17.61 10.50 -26.61
C MET B 271 -18.18 11.31 -27.77
N PHE B 272 -19.32 11.95 -27.59
CA PHE B 272 -19.91 12.75 -28.67
C PHE B 272 -18.99 13.89 -29.09
N PRO B 273 -18.53 14.76 -28.19
CA PRO B 273 -17.53 15.77 -28.61
C PRO B 273 -16.19 15.19 -28.99
N ILE B 274 -15.86 13.97 -28.53
CA ILE B 274 -14.53 13.42 -28.78
C ILE B 274 -14.34 13.10 -30.25
N TYR B 275 -15.21 12.24 -30.79
CA TYR B 275 -15.00 11.68 -32.13
C TYR B 275 -15.65 12.56 -33.21
N VAL B 276 -15.14 13.79 -33.33
CA VAL B 276 -15.53 14.70 -34.39
C VAL B 276 -14.31 14.94 -35.28
N GLN B 277 -14.54 14.99 -36.59
CA GLN B 277 -13.49 15.20 -37.58
C GLN B 277 -13.76 16.47 -38.37
N LYS B 278 -12.75 17.32 -38.51
CA LYS B 278 -12.85 18.52 -39.33
C LYS B 278 -12.53 18.12 -40.77
N ILE B 279 -13.55 17.60 -41.44
CA ILE B 279 -13.36 17.09 -42.80
C ILE B 279 -13.08 18.23 -43.77
N GLY B 280 -13.75 19.36 -43.60
CA GLY B 280 -13.48 20.54 -44.40
C GLY B 280 -13.41 21.75 -43.49
N GLU B 281 -14.45 22.58 -43.53
CA GLU B 281 -14.65 23.62 -42.54
C GLU B 281 -15.75 23.24 -41.57
N ASN B 282 -16.31 22.04 -41.69
CA ASN B 282 -17.41 21.56 -40.87
C ASN B 282 -16.91 20.44 -39.96
N LEU B 283 -17.46 20.38 -38.76
CA LEU B 283 -17.15 19.32 -37.81
C LEU B 283 -18.18 18.20 -37.94
N VAL B 284 -17.73 17.01 -38.33
CA VAL B 284 -18.58 15.86 -38.56
C VAL B 284 -18.41 14.90 -37.38
N HIS B 285 -19.49 14.68 -36.63
CA HIS B 285 -19.45 13.77 -35.49
C HIS B 285 -19.38 12.34 -36.01
N GLN B 286 -18.26 11.67 -35.76
CA GLN B 286 -18.10 10.29 -36.20
C GLN B 286 -18.95 9.33 -35.38
N VAL B 287 -19.37 9.73 -34.18
CA VAL B 287 -20.35 8.98 -33.39
C VAL B 287 -21.59 9.86 -33.25
N PRO B 288 -22.71 9.52 -33.90
CA PRO B 288 -23.83 10.45 -33.96
C PRO B 288 -24.67 10.44 -32.69
N LYS B 289 -25.48 11.50 -32.54
CA LYS B 289 -26.30 11.67 -31.35
C LYS B 289 -27.10 10.42 -31.02
N GLU B 290 -27.58 9.72 -32.04
CA GLU B 290 -28.39 8.52 -31.80
C GLU B 290 -27.61 7.50 -30.98
N THR B 291 -26.40 7.14 -31.41
CA THR B 291 -25.61 6.16 -30.69
C THR B 291 -25.24 6.66 -29.30
N ILE B 292 -24.86 7.93 -29.19
CA ILE B 292 -24.46 8.48 -27.90
C ILE B 292 -25.60 8.40 -26.90
N GLN B 293 -26.80 8.79 -27.33
CA GLN B 293 -27.95 8.74 -26.42
C GLN B 293 -28.35 7.31 -26.09
N ALA B 294 -28.23 6.41 -27.07
CA ALA B 294 -28.50 5.00 -26.80
C ALA B 294 -27.56 4.47 -25.72
N LEU B 295 -26.28 4.88 -25.76
CA LEU B 295 -25.33 4.44 -24.75
C LEU B 295 -25.48 5.20 -23.44
N ILE B 296 -26.07 6.38 -23.46
CA ILE B 296 -26.38 7.08 -22.21
C ILE B 296 -27.52 6.36 -21.49
N SER B 297 -28.50 5.85 -22.24
CA SER B 297 -29.68 5.23 -21.63
C SER B 297 -29.53 3.73 -21.40
N TYR B 298 -28.67 3.04 -22.14
CA TYR B 298 -28.51 1.60 -21.96
C TYR B 298 -28.12 1.21 -20.54
N PRO B 299 -27.19 1.90 -19.87
CA PRO B 299 -26.88 1.52 -18.47
C PRO B 299 -28.08 1.60 -17.54
N ILE B 300 -28.92 2.63 -17.69
CA ILE B 300 -30.09 2.76 -16.83
C ILE B 300 -31.03 1.58 -17.01
N PHE B 301 -31.26 1.19 -18.27
CA PHE B 301 -32.13 0.04 -18.53
C PHE B 301 -31.52 -1.25 -18.03
N PHE B 302 -30.20 -1.41 -18.19
CA PHE B 302 -29.52 -2.59 -17.63
C PHE B 302 -29.75 -2.68 -16.12
N ALA B 303 -29.59 -1.56 -15.42
CA ALA B 303 -29.75 -1.55 -13.97
C ALA B 303 -31.19 -1.81 -13.57
N LEU B 304 -32.15 -1.29 -14.35
CA LEU B 304 -33.56 -1.53 -14.04
C LEU B 304 -33.90 -3.02 -14.22
N VAL B 305 -33.40 -3.63 -15.29
CA VAL B 305 -33.56 -5.07 -15.47
C VAL B 305 -32.93 -5.82 -14.30
N GLY B 306 -31.76 -5.36 -13.85
CA GLY B 306 -31.14 -5.97 -12.69
C GLY B 306 -32.02 -5.90 -11.46
N LEU B 307 -32.65 -4.75 -11.23
CA LEU B 307 -33.52 -4.62 -10.06
C LEU B 307 -34.74 -5.53 -10.19
N GLY B 308 -35.27 -5.68 -11.41
CA GLY B 308 -36.38 -6.60 -11.61
C GLY B 308 -36.01 -8.04 -11.30
N CYS B 309 -34.87 -8.51 -11.85
CA CYS B 309 -34.41 -9.85 -11.54
C CYS B 309 -34.13 -10.02 -10.06
N SER B 310 -33.63 -8.97 -9.40
CA SER B 310 -33.38 -9.03 -7.97
C SER B 310 -34.66 -9.23 -7.19
N MET B 311 -35.70 -8.46 -7.53
CA MET B 311 -37.00 -8.64 -6.90
C MET B 311 -37.52 -10.05 -7.14
N LEU B 312 -37.31 -10.60 -8.33
CA LEU B 312 -37.78 -11.95 -8.61
C LEU B 312 -37.06 -12.99 -7.75
N GLY B 313 -35.73 -12.88 -7.64
CA GLY B 313 -35.00 -13.81 -6.79
C GLY B 313 -35.42 -13.71 -5.34
N ILE B 314 -35.59 -12.48 -4.84
CA ILE B 314 -36.05 -12.29 -3.46
C ILE B 314 -37.43 -12.91 -3.28
N LEU B 315 -38.33 -12.69 -4.25
CA LEU B 315 -39.66 -13.28 -4.19
C LEU B 315 -39.59 -14.80 -4.12
N TYR B 316 -38.78 -15.40 -4.99
CA TYR B 316 -38.65 -16.85 -5.00
C TYR B 316 -38.17 -17.36 -3.65
N VAL B 317 -37.21 -16.67 -3.04
CA VAL B 317 -36.67 -17.18 -1.78
C VAL B 317 -37.62 -16.93 -0.60
N ILE B 318 -38.43 -15.87 -0.64
CA ILE B 318 -39.34 -15.62 0.47
C ILE B 318 -40.60 -16.48 0.36
N VAL B 319 -40.97 -16.90 -0.86
CA VAL B 319 -42.12 -17.80 -1.02
C VAL B 319 -41.70 -19.27 -1.09
N LYS B 320 -40.41 -19.54 -1.29
CA LYS B 320 -39.92 -20.91 -1.37
C LYS B 320 -40.37 -21.72 -0.17
N LYS B 321 -40.46 -23.03 -0.36
CA LYS B 321 -40.79 -23.92 0.75
C LYS B 321 -39.71 -23.79 1.83
N PRO B 322 -40.07 -23.53 3.09
CA PRO B 322 -39.05 -23.38 4.12
C PRO B 322 -38.12 -24.58 4.18
N SER B 323 -36.85 -24.33 4.48
CA SER B 323 -35.82 -25.36 4.53
C SER B 323 -34.99 -25.15 5.80
N ASP B 324 -34.04 -26.07 6.02
CA ASP B 324 -33.18 -26.05 7.19
C ASP B 324 -31.74 -25.65 6.86
N ASN B 325 -31.47 -25.26 5.62
CA ASN B 325 -30.12 -24.86 5.20
C ASN B 325 -30.13 -23.38 4.82
N PRO B 326 -29.72 -22.47 5.71
CA PRO B 326 -29.83 -21.03 5.41
C PRO B 326 -28.87 -20.57 4.33
N GLN B 327 -27.60 -20.98 4.47
CA GLN B 327 -26.59 -20.63 3.49
C GLN B 327 -27.06 -20.96 2.08
N ARG B 328 -27.66 -22.14 1.90
CA ARG B 328 -28.16 -22.54 0.59
C ARG B 328 -29.24 -21.60 0.10
N GLU B 329 -30.14 -21.17 0.99
CA GLU B 329 -31.23 -20.28 0.60
C GLU B 329 -30.69 -18.94 0.10
N LEU B 330 -29.77 -18.34 0.86
CA LEU B 330 -29.22 -17.06 0.44
C LEU B 330 -28.45 -17.19 -0.87
N ASN B 331 -27.64 -18.24 -0.99
CA ASN B 331 -26.91 -18.46 -2.24
C ASN B 331 -27.86 -18.68 -3.41
N ILE B 332 -29.02 -19.30 -3.16
CA ILE B 332 -30.01 -19.48 -4.21
C ILE B 332 -30.55 -18.13 -4.67
N SER B 333 -30.87 -17.25 -3.70
CA SER B 333 -31.27 -15.90 -4.06
C SER B 333 -30.25 -15.27 -5.00
N LEU B 334 -28.97 -15.30 -4.59
CA LEU B 334 -27.92 -14.67 -5.38
C LEU B 334 -27.86 -15.26 -6.80
N TRP B 335 -27.78 -16.58 -6.90
CA TRP B 335 -27.59 -17.20 -8.21
C TRP B 335 -28.80 -16.99 -9.12
N THR B 336 -30.01 -17.03 -8.55
CA THR B 336 -31.19 -16.77 -9.37
C THR B 336 -31.13 -15.36 -9.95
N SER B 337 -30.89 -14.37 -9.10
CA SER B 337 -30.80 -13.00 -9.61
C SER B 337 -29.73 -12.90 -10.69
N ALA B 338 -28.57 -13.51 -10.44
CA ALA B 338 -27.45 -13.43 -11.39
C ALA B 338 -27.85 -13.98 -12.76
N LEU B 339 -28.33 -15.22 -12.80
CA LEU B 339 -28.63 -15.84 -14.09
C LEU B 339 -29.75 -15.10 -14.81
N LEU B 340 -30.80 -14.71 -14.08
CA LEU B 340 -31.87 -13.97 -14.72
C LEU B 340 -31.35 -12.70 -15.37
N THR B 341 -30.53 -11.93 -14.63
CA THR B 341 -29.96 -10.72 -15.20
C THR B 341 -29.13 -11.04 -16.44
N VAL B 342 -28.30 -12.09 -16.37
CA VAL B 342 -27.46 -12.44 -17.51
C VAL B 342 -28.32 -12.62 -18.76
N VAL B 343 -29.32 -13.49 -18.68
CA VAL B 343 -30.13 -13.80 -19.87
C VAL B 343 -30.86 -12.55 -20.37
N LEU B 344 -31.63 -11.92 -19.48
CA LEU B 344 -32.45 -10.79 -19.89
C LEU B 344 -31.58 -9.69 -20.49
N THR B 345 -30.44 -9.39 -19.86
CA THR B 345 -29.55 -8.38 -20.39
C THR B 345 -28.92 -8.81 -21.70
N ALA B 346 -28.76 -10.12 -21.93
CA ALA B 346 -28.33 -10.58 -23.25
C ALA B 346 -29.29 -10.08 -24.31
N PHE B 347 -30.58 -10.38 -24.12
CA PHE B 347 -31.55 -9.92 -25.11
C PHE B 347 -31.61 -8.39 -25.17
N LEU B 348 -31.59 -7.73 -24.01
CA LEU B 348 -31.59 -6.28 -23.97
C LEU B 348 -30.46 -5.70 -24.79
N THR B 349 -29.23 -6.15 -24.52
CA THR B 349 -28.07 -5.65 -25.25
C THR B 349 -28.25 -5.87 -26.75
N TYR B 350 -28.56 -7.10 -27.15
CA TYR B 350 -28.58 -7.39 -28.58
C TYR B 350 -29.64 -6.56 -29.30
N PHE B 351 -30.82 -6.39 -28.68
CA PHE B 351 -31.92 -5.70 -29.36
C PHE B 351 -31.82 -4.18 -29.25
N TYR B 352 -31.15 -3.67 -28.21
CA TYR B 352 -31.11 -2.24 -27.96
C TYR B 352 -29.97 -1.54 -28.68
N LEU B 353 -28.90 -2.26 -28.99
CA LEU B 353 -27.72 -1.69 -29.65
C LEU B 353 -27.52 -2.24 -31.05
N LYS B 354 -28.47 -3.02 -31.57
CA LYS B 354 -28.27 -3.70 -32.84
C LYS B 354 -28.11 -2.70 -33.98
N ASP B 355 -29.03 -1.75 -34.08
CA ASP B 355 -29.10 -0.86 -35.23
C ASP B 355 -28.30 0.42 -35.06
N LEU B 356 -27.35 0.45 -34.14
CA LEU B 356 -26.53 1.64 -33.90
C LEU B 356 -25.30 1.62 -34.78
N GLN B 357 -24.87 2.82 -35.20
CA GLN B 357 -23.73 2.99 -36.09
C GLN B 357 -22.60 3.69 -35.35
N GLY B 358 -21.37 3.27 -35.64
CA GLY B 358 -20.20 3.84 -35.03
C GLY B 358 -19.71 3.15 -33.78
N LEU B 359 -20.31 2.00 -33.42
CA LEU B 359 -19.87 1.28 -32.23
C LEU B 359 -18.42 0.85 -32.32
N ASP B 360 -17.88 0.69 -33.53
CA ASP B 360 -16.48 0.32 -33.67
C ASP B 360 -15.57 1.43 -33.16
N VAL B 361 -15.93 2.69 -33.43
CA VAL B 361 -15.14 3.81 -32.96
C VAL B 361 -15.19 3.95 -31.44
N LEU B 362 -16.16 3.29 -30.80
CA LEU B 362 -16.34 3.37 -29.35
C LEU B 362 -15.59 2.29 -28.59
N GLY B 363 -15.08 1.27 -29.30
CA GLY B 363 -14.37 0.18 -28.68
C GLY B 363 -15.10 -1.14 -28.71
N PHE B 364 -16.33 -1.17 -29.26
CA PHE B 364 -17.08 -2.41 -29.33
C PHE B 364 -16.44 -3.34 -30.36
N ARG B 365 -15.92 -4.48 -29.90
CA ARG B 365 -15.16 -5.37 -30.76
C ARG B 365 -16.03 -6.36 -31.52
N PHE B 366 -17.12 -6.82 -30.90
CA PHE B 366 -18.04 -7.77 -31.50
C PHE B 366 -19.41 -7.16 -31.76
N GLY B 367 -19.44 -5.84 -31.97
CA GLY B 367 -20.68 -5.19 -32.30
C GLY B 367 -21.59 -4.98 -31.10
N ALA B 368 -22.89 -4.97 -31.38
CA ALA B 368 -23.88 -4.61 -30.38
C ALA B 368 -23.85 -5.52 -29.15
N ILE B 369 -23.30 -6.73 -29.27
CA ILE B 369 -23.27 -7.66 -28.13
C ILE B 369 -22.03 -7.49 -27.27
N SER B 370 -21.08 -6.64 -27.68
CA SER B 370 -19.83 -6.46 -26.94
C SER B 370 -20.06 -6.14 -25.46
N PRO B 371 -20.81 -5.09 -25.13
CA PRO B 371 -20.93 -4.71 -23.72
C PRO B 371 -21.54 -5.78 -22.84
N TRP B 372 -22.48 -6.58 -23.37
CA TRP B 372 -23.04 -7.66 -22.57
C TRP B 372 -21.93 -8.62 -22.11
N PHE B 373 -21.08 -9.03 -23.05
CA PHE B 373 -19.91 -9.83 -22.66
C PHE B 373 -19.14 -9.15 -21.53
N SER B 374 -19.02 -7.82 -21.57
CA SER B 374 -18.38 -7.10 -20.48
C SER B 374 -19.21 -7.23 -19.21
N ALA B 375 -20.50 -6.92 -19.27
CA ALA B 375 -21.33 -6.92 -18.08
C ALA B 375 -21.20 -8.25 -17.34
N ILE B 376 -21.47 -9.35 -18.04
CA ILE B 376 -21.45 -10.65 -17.39
C ILE B 376 -20.10 -10.88 -16.72
N ILE B 377 -19.01 -10.46 -17.36
CA ILE B 377 -17.69 -10.63 -16.74
C ILE B 377 -17.68 -10.05 -15.34
N GLY B 378 -18.07 -8.78 -15.22
CA GLY B 378 -18.22 -8.17 -13.91
C GLY B 378 -18.91 -9.12 -12.94
N ILE B 379 -20.11 -9.56 -13.31
CA ILE B 379 -20.89 -10.46 -12.47
C ILE B 379 -19.98 -11.54 -11.92
N PHE B 380 -19.38 -12.33 -12.83
CA PHE B 380 -18.60 -13.47 -12.38
C PHE B 380 -17.46 -13.02 -11.49
N SER B 381 -16.72 -11.99 -11.93
CA SER B 381 -15.66 -11.45 -11.09
C SER B 381 -16.16 -11.26 -9.68
N GLY B 382 -17.28 -10.56 -9.54
CA GLY B 382 -17.88 -10.33 -8.23
C GLY B 382 -17.98 -11.61 -7.43
N ILE B 383 -18.73 -12.59 -7.92
CA ILE B 383 -18.94 -13.78 -7.11
C ILE B 383 -17.58 -14.37 -6.75
N LEU B 384 -16.68 -14.43 -7.74
CA LEU B 384 -15.38 -15.01 -7.50
C LEU B 384 -14.63 -14.23 -6.42
N ILE B 385 -14.62 -12.91 -6.54
CA ILE B 385 -13.98 -12.10 -5.52
C ILE B 385 -14.61 -12.39 -4.16
N GLY B 386 -15.93 -12.48 -4.11
CA GLY B 386 -16.57 -12.89 -2.87
C GLY B 386 -15.94 -14.15 -2.31
N PHE B 387 -15.86 -15.19 -3.14
CA PHE B 387 -15.30 -16.46 -2.68
C PHE B 387 -13.94 -16.25 -2.03
N TRP B 388 -13.08 -15.43 -2.64
CA TRP B 388 -11.75 -15.27 -2.09
C TRP B 388 -11.81 -14.72 -0.67
N ALA B 389 -12.67 -13.72 -0.44
CA ALA B 389 -12.81 -13.18 0.91
C ALA B 389 -13.18 -14.29 1.89
N GLU B 390 -13.97 -15.27 1.45
CA GLU B 390 -14.34 -16.34 2.36
C GLU B 390 -13.19 -17.32 2.57
N TYR B 391 -12.38 -17.55 1.53
CA TYR B 391 -11.31 -18.52 1.65
C TYR B 391 -10.28 -18.09 2.67
N TYR B 392 -9.98 -16.79 2.74
CA TYR B 392 -8.96 -16.25 3.62
C TYR B 392 -9.50 -15.80 4.97
N THR B 393 -10.80 -15.98 5.24
CA THR B 393 -11.38 -15.58 6.52
C THR B 393 -12.16 -16.69 7.23
N SER B 394 -12.64 -17.70 6.53
CA SER B 394 -13.36 -18.79 7.16
C SER B 394 -12.39 -19.82 7.73
N TYR B 395 -12.69 -20.33 8.93
CA TYR B 395 -11.88 -21.41 9.47
C TYR B 395 -12.24 -22.76 8.87
N ARG B 396 -13.21 -22.79 7.96
CA ARG B 396 -13.46 -23.98 7.15
C ARG B 396 -12.31 -24.25 6.18
N TYR B 397 -11.53 -23.23 5.84
CA TYR B 397 -10.41 -23.35 4.91
C TYR B 397 -9.09 -23.19 5.66
N LYS B 398 -8.00 -23.42 4.92
CA LYS B 398 -6.68 -23.63 5.50
C LYS B 398 -6.10 -22.40 6.21
N PRO B 399 -6.21 -21.20 5.66
CA PRO B 399 -5.47 -20.06 6.26
C PRO B 399 -5.90 -19.75 7.69
N THR B 400 -7.20 -19.60 7.93
CA THR B 400 -7.68 -19.31 9.27
C THR B 400 -7.44 -20.50 10.22
N GLN B 401 -7.53 -21.73 9.72
CA GLN B 401 -7.15 -22.87 10.54
C GLN B 401 -5.72 -22.74 11.03
N PHE B 402 -4.80 -22.40 10.12
CA PHE B 402 -3.40 -22.24 10.51
C PHE B 402 -3.25 -21.11 11.52
N LEU B 403 -3.93 -19.99 11.29
CA LEU B 403 -3.85 -18.87 12.22
C LEU B 403 -4.32 -19.28 13.61
N GLY B 404 -5.49 -19.93 13.69
CA GLY B 404 -5.98 -20.37 14.98
C GLY B 404 -5.05 -21.36 15.66
N LYS B 405 -4.55 -22.33 14.90
CA LYS B 405 -3.64 -23.32 15.48
C LYS B 405 -2.37 -22.68 16.00
N SER B 406 -1.85 -21.67 15.31
CA SER B 406 -0.61 -21.02 15.74
C SER B 406 -0.78 -20.25 17.05
N SER B 407 -2.00 -20.08 17.54
CA SER B 407 -2.21 -19.40 18.82
C SER B 407 -1.33 -19.97 19.92
N ILE B 408 -1.04 -21.27 19.88
CA ILE B 408 -0.25 -21.91 20.94
C ILE B 408 1.19 -21.40 20.99
N GLU B 409 1.64 -20.69 19.96
CA GLU B 409 3.01 -20.19 19.88
C GLU B 409 3.19 -18.81 20.50
N GLY B 410 2.12 -18.17 20.94
CA GLY B 410 2.20 -16.86 21.55
C GLY B 410 1.21 -15.89 20.92
N THR B 411 1.22 -14.67 21.46
CA THR B 411 0.38 -13.61 20.94
C THR B 411 1.05 -12.89 19.78
N GLY B 412 2.34 -12.60 19.90
CA GLY B 412 3.07 -12.03 18.78
C GLY B 412 3.00 -12.90 17.55
N MET B 413 3.01 -14.22 17.73
CA MET B 413 2.87 -15.11 16.58
C MET B 413 1.50 -14.97 15.95
N VAL B 414 0.46 -14.83 16.75
CA VAL B 414 -0.89 -14.62 16.23
C VAL B 414 -0.93 -13.34 15.41
N ILE B 415 -0.35 -12.26 15.93
CA ILE B 415 -0.37 -10.98 15.22
C ILE B 415 0.39 -11.09 13.90
N SER B 416 1.62 -11.62 13.95
CA SER B 416 2.42 -11.72 12.73
C SER B 416 1.73 -12.57 11.69
N ASN B 417 1.18 -13.72 12.11
CA ASN B 417 0.53 -14.59 11.14
C ASN B 417 -0.74 -13.96 10.58
N GLY B 418 -1.43 -13.13 11.36
CA GLY B 418 -2.59 -12.44 10.82
C GLY B 418 -2.20 -11.42 9.76
N LEU B 419 -1.17 -10.61 10.06
CA LEU B 419 -0.69 -9.66 9.06
C LEU B 419 -0.24 -10.38 7.80
N SER B 420 0.52 -11.45 7.96
CA SER B 420 0.94 -12.26 6.82
C SER B 420 -0.26 -12.74 6.01
N LEU B 421 -1.27 -13.27 6.71
CA LEU B 421 -2.47 -13.75 6.03
C LEU B 421 -3.09 -12.66 5.18
N GLY B 422 -3.31 -11.48 5.75
CA GLY B 422 -3.94 -10.42 4.98
C GLY B 422 -3.12 -9.99 3.78
N MET B 423 -1.82 -9.75 4.03
CA MET B 423 -0.93 -9.30 2.95
C MET B 423 -0.96 -10.29 1.80
N LYS B 424 -0.85 -11.59 2.09
CA LYS B 424 -0.89 -12.55 1.00
C LYS B 424 -2.29 -12.66 0.41
N SER B 425 -3.33 -12.43 1.21
CA SER B 425 -4.70 -12.58 0.75
C SER B 425 -5.08 -11.53 -0.27
N VAL B 426 -4.33 -10.44 -0.35
CA VAL B 426 -4.71 -9.42 -1.33
C VAL B 426 -4.46 -9.85 -2.77
N PHE B 427 -3.74 -10.97 -3.01
CA PHE B 427 -3.31 -11.26 -4.39
C PHE B 427 -4.37 -11.94 -5.25
N PRO B 428 -5.04 -13.00 -4.77
CA PRO B 428 -6.06 -13.66 -5.61
C PRO B 428 -7.15 -12.71 -6.06
N PRO B 429 -7.75 -11.92 -5.16
CA PRO B 429 -8.80 -11.00 -5.63
C PRO B 429 -8.27 -9.91 -6.55
N THR B 430 -7.06 -9.40 -6.29
CA THR B 430 -6.49 -8.40 -7.19
C THR B 430 -6.29 -8.98 -8.59
N LEU B 431 -5.87 -10.24 -8.66
CA LEU B 431 -5.69 -10.88 -9.97
C LEU B 431 -7.02 -11.10 -10.66
N THR B 432 -8.05 -11.46 -9.90
CA THR B 432 -9.39 -11.52 -10.46
C THR B 432 -9.77 -10.17 -11.09
N LEU B 433 -9.54 -9.08 -10.35
CA LEU B 433 -9.86 -7.75 -10.88
C LEU B 433 -9.03 -7.45 -12.13
N VAL B 434 -7.77 -7.85 -12.13
CA VAL B 434 -6.88 -7.57 -13.27
C VAL B 434 -7.40 -8.24 -14.52
N LEU B 435 -7.69 -9.54 -14.43
CA LEU B 435 -8.20 -10.26 -15.60
C LEU B 435 -9.57 -9.73 -16.01
N GLY B 436 -10.41 -9.38 -15.04
CA GLY B 436 -11.70 -8.82 -15.38
C GLY B 436 -11.57 -7.54 -16.18
N ILE B 437 -10.70 -6.63 -15.72
CA ILE B 437 -10.50 -5.38 -16.44
C ILE B 437 -9.95 -5.64 -17.84
N LEU B 438 -8.93 -6.50 -17.94
CA LEU B 438 -8.34 -6.78 -19.24
C LEU B 438 -9.38 -7.29 -20.23
N PHE B 439 -10.20 -8.27 -19.83
CA PHE B 439 -11.17 -8.84 -20.77
C PHE B 439 -12.32 -7.88 -21.05
N ALA B 440 -12.83 -7.20 -20.03
CA ALA B 440 -13.89 -6.21 -20.24
C ALA B 440 -13.44 -5.17 -21.26
N ASP B 441 -12.22 -4.66 -21.11
CA ASP B 441 -11.67 -3.75 -22.10
C ASP B 441 -11.60 -4.42 -23.47
N TYR B 442 -11.05 -5.64 -23.52
CA TYR B 442 -10.98 -6.36 -24.80
C TYR B 442 -12.30 -6.30 -25.53
N PHE B 443 -13.40 -6.47 -24.79
CA PHE B 443 -14.71 -6.51 -25.45
C PHE B 443 -15.22 -5.12 -25.83
N ALA B 444 -15.08 -4.11 -24.96
CA ALA B 444 -15.77 -2.85 -25.24
C ALA B 444 -15.06 -1.64 -24.63
N GLY B 445 -13.73 -1.62 -24.64
CA GLY B 445 -13.01 -0.47 -24.09
C GLY B 445 -13.35 -0.08 -22.64
N LEU B 446 -13.06 1.19 -22.35
CA LEU B 446 -13.34 1.73 -21.02
C LEU B 446 -14.85 1.75 -20.74
N TYR B 447 -15.66 1.99 -21.76
CA TYR B 447 -17.10 1.86 -21.60
C TYR B 447 -17.47 0.48 -21.08
N GLY B 448 -16.82 -0.55 -21.59
CA GLY B 448 -17.07 -1.90 -21.10
C GLY B 448 -16.51 -2.14 -19.72
N VAL B 449 -15.43 -1.45 -19.37
CA VAL B 449 -14.97 -1.52 -17.97
C VAL B 449 -16.05 -0.99 -17.04
N ALA B 450 -16.66 0.14 -17.41
CA ALA B 450 -17.77 0.68 -16.62
C ALA B 450 -18.97 -0.28 -16.60
N ILE B 451 -19.27 -0.88 -17.75
CA ILE B 451 -20.37 -1.84 -17.81
C ILE B 451 -20.05 -3.08 -16.98
N ALA B 452 -18.77 -3.41 -16.81
CA ALA B 452 -18.40 -4.53 -15.92
C ALA B 452 -18.63 -4.15 -14.47
N ALA B 453 -18.24 -2.93 -14.09
CA ALA B 453 -18.60 -2.44 -12.76
C ALA B 453 -20.09 -2.55 -12.53
N LEU B 454 -20.90 -2.18 -13.53
CA LEU B 454 -22.34 -2.25 -13.39
C LEU B 454 -22.84 -3.69 -13.26
N GLY B 455 -22.45 -4.56 -14.20
CA GLY B 455 -22.82 -5.96 -14.12
C GLY B 455 -22.47 -6.57 -12.78
N MET B 456 -21.27 -6.30 -12.28
CA MET B 456 -20.87 -6.78 -10.97
C MET B 456 -21.88 -6.38 -9.90
N LEU B 457 -22.47 -5.19 -10.04
CA LEU B 457 -23.48 -4.69 -9.12
C LEU B 457 -24.89 -4.74 -9.72
N SER B 458 -25.07 -5.49 -10.81
CA SER B 458 -26.37 -5.49 -11.50
C SER B 458 -27.50 -5.91 -10.57
N PHE B 459 -27.23 -6.83 -9.65
CA PHE B 459 -28.24 -7.27 -8.69
C PHE B 459 -27.90 -6.76 -7.29
N VAL B 460 -27.78 -5.44 -7.14
CA VAL B 460 -27.33 -4.88 -5.87
C VAL B 460 -28.39 -5.07 -4.79
N ALA B 461 -29.67 -5.13 -5.15
CA ALA B 461 -30.71 -5.29 -4.14
C ALA B 461 -30.53 -6.59 -3.36
N THR B 462 -30.30 -7.69 -4.08
CA THR B 462 -30.11 -8.98 -3.42
C THR B 462 -28.82 -9.01 -2.60
N SER B 463 -27.75 -8.43 -3.14
CA SER B 463 -26.49 -8.38 -2.40
C SER B 463 -26.65 -7.63 -1.09
N VAL B 464 -27.32 -6.47 -1.14
CA VAL B 464 -27.50 -5.67 0.07
C VAL B 464 -28.46 -6.35 1.02
N SER B 465 -29.45 -7.08 0.51
CA SER B 465 -30.37 -7.79 1.39
C SER B 465 -29.65 -8.91 2.15
N VAL B 466 -28.84 -9.69 1.45
CA VAL B 466 -28.05 -10.72 2.14
C VAL B 466 -27.06 -10.07 3.12
N ASP B 467 -26.53 -8.90 2.77
CA ASP B 467 -25.61 -8.22 3.68
C ASP B 467 -26.32 -7.77 4.96
N SER B 468 -27.55 -7.26 4.83
CA SER B 468 -28.31 -6.81 5.98
C SER B 468 -28.91 -7.96 6.78
N TYR B 469 -29.05 -9.15 6.18
CA TYR B 469 -29.52 -10.30 6.95
C TYR B 469 -28.62 -10.57 8.15
N GLY B 470 -27.31 -10.49 7.97
CA GLY B 470 -26.37 -10.82 9.01
C GLY B 470 -26.63 -10.15 10.34
N PRO B 471 -26.61 -8.82 10.37
CA PRO B 471 -26.78 -8.12 11.64
C PRO B 471 -28.14 -8.35 12.30
N ILE B 472 -29.18 -8.58 11.51
CA ILE B 472 -30.50 -8.89 12.08
C ILE B 472 -30.41 -10.19 12.88
N ALA B 473 -29.78 -11.22 12.30
CA ALA B 473 -29.61 -12.48 13.01
C ALA B 473 -28.68 -12.31 14.22
N ASP B 474 -27.66 -11.46 14.09
CA ASP B 474 -26.78 -11.21 15.22
C ASP B 474 -27.56 -10.62 16.40
N ASN B 475 -28.41 -9.63 16.12
CA ASN B 475 -29.22 -9.04 17.18
C ASN B 475 -30.24 -10.03 17.73
N ALA B 476 -30.80 -10.88 16.87
CA ALA B 476 -31.75 -11.89 17.36
C ALA B 476 -31.07 -12.83 18.36
N GLY B 477 -29.89 -13.35 18.00
CA GLY B 477 -29.17 -14.22 18.91
C GLY B 477 -28.73 -13.51 20.18
N GLY B 478 -28.31 -12.24 20.06
CA GLY B 478 -27.93 -11.50 21.23
C GLY B 478 -29.08 -11.26 22.19
N ILE B 479 -30.26 -10.96 21.63
CA ILE B 479 -31.45 -10.80 22.46
C ILE B 479 -31.82 -12.13 23.12
N SER B 480 -31.72 -13.23 22.37
CA SER B 480 -32.02 -14.54 22.96
C SER B 480 -31.10 -14.84 24.13
N GLU B 481 -29.80 -14.60 23.97
CA GLU B 481 -28.86 -14.91 25.05
C GLU B 481 -28.99 -13.92 26.21
N MET B 482 -29.35 -12.67 25.93
CA MET B 482 -29.53 -11.71 27.02
C MET B 482 -30.80 -12.01 27.81
N CYS B 483 -31.79 -12.63 27.19
CA CYS B 483 -33.03 -13.00 27.86
C CYS B 483 -32.95 -14.41 28.43
N GLU B 484 -31.82 -15.09 28.27
CA GLU B 484 -31.62 -16.45 28.80
C GLU B 484 -32.71 -17.39 28.28
N LEU B 485 -32.76 -17.50 26.95
CA LEU B 485 -33.74 -18.34 26.29
C LEU B 485 -33.31 -19.81 26.37
N ASP B 486 -34.22 -20.68 25.94
CA ASP B 486 -33.96 -22.11 26.01
C ASP B 486 -32.73 -22.48 25.19
N PRO B 487 -32.00 -23.51 25.59
CA PRO B 487 -30.77 -23.86 24.85
C PRO B 487 -31.01 -24.25 23.40
N GLU B 488 -32.16 -24.87 23.09
CA GLU B 488 -32.47 -25.20 21.70
C GLU B 488 -32.75 -23.96 20.90
N VAL B 489 -33.49 -23.01 21.47
CA VAL B 489 -33.75 -21.74 20.81
C VAL B 489 -32.43 -21.00 20.58
N ARG B 490 -31.55 -21.02 21.59
CA ARG B 490 -30.24 -20.41 21.44
C ARG B 490 -29.44 -21.11 20.33
N LYS B 491 -29.57 -22.43 20.21
CA LYS B 491 -28.88 -23.15 19.15
C LYS B 491 -29.36 -22.70 17.78
N ILE B 492 -30.68 -22.58 17.61
CA ILE B 492 -31.22 -22.12 16.33
C ILE B 492 -30.70 -20.73 15.99
N THR B 493 -30.82 -19.79 16.93
CA THR B 493 -30.41 -18.42 16.66
C THR B 493 -28.90 -18.32 16.44
N ASP B 494 -28.10 -19.12 17.15
CA ASP B 494 -26.66 -19.09 16.97
C ASP B 494 -26.24 -19.68 15.62
N HIS B 495 -26.95 -20.71 15.16
CA HIS B 495 -26.70 -21.22 13.81
C HIS B 495 -26.96 -20.13 12.77
N LEU B 496 -28.08 -19.41 12.92
CA LEU B 496 -28.34 -18.29 12.02
C LEU B 496 -27.23 -17.25 12.11
N ASP B 497 -26.73 -16.98 13.31
CA ASP B 497 -25.66 -16.00 13.48
C ASP B 497 -24.37 -16.43 12.79
N ALA B 498 -24.05 -17.73 12.83
CA ALA B 498 -22.85 -18.21 12.15
C ALA B 498 -22.98 -18.08 10.62
N VAL B 499 -24.15 -18.43 10.09
CA VAL B 499 -24.37 -18.24 8.65
C VAL B 499 -24.19 -16.76 8.30
N GLY B 500 -24.74 -15.88 9.13
CA GLY B 500 -24.53 -14.45 8.91
C GLY B 500 -23.07 -14.06 9.01
N ASN B 501 -22.31 -14.74 9.87
CA ASN B 501 -20.88 -14.45 9.99
C ASN B 501 -20.16 -14.70 8.67
N THR B 502 -20.46 -15.83 8.01
CA THR B 502 -19.83 -16.09 6.71
C THR B 502 -20.30 -15.10 5.64
N THR B 503 -21.61 -14.86 5.59
CA THR B 503 -22.14 -13.94 4.58
C THR B 503 -21.58 -12.53 4.76
N ALA B 504 -21.26 -12.14 5.99
CA ALA B 504 -20.70 -10.80 6.24
C ALA B 504 -19.34 -10.66 5.58
N ALA B 505 -18.47 -11.65 5.76
CA ALA B 505 -17.16 -11.61 5.12
C ALA B 505 -17.31 -11.57 3.60
N ILE B 506 -18.18 -12.40 3.05
CA ILE B 506 -18.35 -12.39 1.59
C ILE B 506 -18.83 -11.02 1.13
N GLY B 507 -19.77 -10.43 1.87
CA GLY B 507 -20.32 -9.14 1.46
C GLY B 507 -19.30 -8.02 1.55
N LYS B 508 -18.46 -8.04 2.59
CA LYS B 508 -17.40 -7.04 2.69
C LYS B 508 -16.41 -7.16 1.55
N GLY B 509 -16.03 -8.39 1.20
CA GLY B 509 -15.13 -8.58 0.07
C GLY B 509 -15.75 -8.09 -1.23
N PHE B 510 -17.02 -8.42 -1.45
CA PHE B 510 -17.70 -7.97 -2.65
C PHE B 510 -17.78 -6.45 -2.69
N ALA B 511 -18.03 -5.82 -1.54
CA ALA B 511 -18.11 -4.35 -1.51
C ALA B 511 -16.77 -3.72 -1.83
N ILE B 512 -15.68 -4.30 -1.33
CA ILE B 512 -14.36 -3.76 -1.65
C ILE B 512 -14.09 -3.85 -3.15
N GLY B 513 -14.35 -5.03 -3.72
CA GLY B 513 -14.14 -5.19 -5.15
C GLY B 513 -14.99 -4.23 -5.98
N SER B 514 -16.25 -4.06 -5.60
CA SER B 514 -17.12 -3.13 -6.30
C SER B 514 -16.62 -1.70 -6.17
N ALA B 515 -16.14 -1.32 -4.99
CA ALA B 515 -15.62 0.03 -4.82
C ALA B 515 -14.41 0.26 -5.72
N ILE B 516 -13.54 -0.74 -5.83
CA ILE B 516 -12.37 -0.59 -6.70
C ILE B 516 -12.81 -0.44 -8.16
N PHE B 517 -13.73 -1.31 -8.60
CA PHE B 517 -14.18 -1.23 -10.00
C PHE B 517 -14.83 0.12 -10.29
N ALA B 518 -15.70 0.58 -9.39
CA ALA B 518 -16.36 1.86 -9.60
C ALA B 518 -15.36 3.02 -9.54
N ALA B 519 -14.34 2.92 -8.67
CA ALA B 519 -13.34 3.98 -8.62
C ALA B 519 -12.54 4.05 -9.90
N LEU B 520 -12.21 2.90 -10.48
CA LEU B 520 -11.48 2.90 -11.75
C LEU B 520 -12.35 3.47 -12.87
N SER B 521 -13.63 3.10 -12.90
CA SER B 521 -14.53 3.70 -13.88
C SER B 521 -14.62 5.22 -13.69
N LEU B 522 -14.64 5.67 -12.44
CA LEU B 522 -14.68 7.10 -12.18
C LEU B 522 -13.39 7.78 -12.60
N PHE B 523 -12.25 7.09 -12.47
CA PHE B 523 -11.00 7.64 -12.98
C PHE B 523 -11.08 7.85 -14.49
N ALA B 524 -11.59 6.86 -15.21
CA ALA B 524 -11.83 7.04 -16.65
C ALA B 524 -12.75 8.21 -16.92
N SER B 525 -13.82 8.34 -16.13
CA SER B 525 -14.76 9.45 -16.29
C SER B 525 -14.08 10.79 -16.08
N TYR B 526 -13.19 10.86 -15.09
CA TYR B 526 -12.38 12.05 -14.85
C TYR B 526 -11.58 12.42 -16.10
N MET B 527 -10.84 11.45 -16.63
CA MET B 527 -10.04 11.72 -17.82
C MET B 527 -10.92 12.21 -18.97
N PHE B 528 -12.07 11.57 -19.18
CA PHE B 528 -12.98 12.01 -20.24
C PHE B 528 -13.51 13.42 -19.97
N SER B 529 -13.79 13.73 -18.71
CA SER B 529 -14.32 15.03 -18.34
C SER B 529 -13.30 16.14 -18.48
N GLN B 530 -12.02 15.80 -18.61
CA GLN B 530 -11.03 16.85 -18.86
C GLN B 530 -11.17 17.50 -20.22
N ILE B 531 -12.00 16.94 -21.11
CA ILE B 531 -12.10 17.48 -22.48
C ILE B 531 -12.47 18.96 -22.42
N SER B 532 -11.72 19.77 -23.15
CA SER B 532 -12.01 21.18 -23.31
C SER B 532 -12.49 21.46 -24.72
N PRO B 533 -13.18 22.59 -24.95
CA PRO B 533 -13.58 22.93 -26.32
C PRO B 533 -12.40 23.17 -27.25
N SER B 534 -11.20 23.37 -26.73
CA SER B 534 -10.03 23.62 -27.56
C SER B 534 -9.38 22.35 -28.09
N ASP B 535 -9.74 21.18 -27.56
CA ASP B 535 -9.21 19.91 -28.03
C ASP B 535 -10.16 19.21 -29.00
N ILE B 536 -11.15 19.93 -29.53
CA ILE B 536 -12.20 19.29 -30.32
C ILE B 536 -11.61 18.68 -31.59
N GLY B 537 -10.71 19.40 -32.28
CA GLY B 537 -10.10 18.86 -33.47
C GLY B 537 -8.98 17.89 -33.18
N LYS B 538 -8.34 18.03 -32.02
CA LYS B 538 -7.20 17.19 -31.70
C LYS B 538 -7.58 15.72 -31.78
N PRO B 539 -6.66 14.84 -32.15
CA PRO B 539 -6.98 13.42 -32.19
C PRO B 539 -7.39 12.93 -30.82
N PRO B 540 -8.29 11.94 -30.76
CA PRO B 540 -8.74 11.46 -29.44
C PRO B 540 -7.60 10.92 -28.58
N SER B 541 -6.62 10.26 -29.19
CA SER B 541 -5.52 9.70 -28.42
C SER B 541 -4.73 10.78 -27.68
N LEU B 542 -4.76 12.01 -28.16
CA LEU B 542 -3.98 13.07 -27.52
C LEU B 542 -4.70 13.65 -26.30
N VAL B 543 -6.02 13.67 -26.30
CA VAL B 543 -6.75 14.32 -25.21
C VAL B 543 -6.95 13.36 -24.04
N LEU B 544 -7.39 12.14 -24.33
CA LEU B 544 -7.65 11.13 -23.31
C LEU B 544 -6.30 10.50 -22.95
N LEU B 545 -5.56 11.22 -22.11
CA LEU B 545 -4.16 10.86 -21.85
C LEU B 545 -3.78 11.29 -20.45
N LEU B 546 -3.17 10.36 -19.70
CA LEU B 546 -2.50 10.68 -18.44
C LEU B 546 -1.12 10.02 -18.48
N ASN B 547 -0.09 10.81 -18.79
CA ASN B 547 1.25 10.30 -18.96
C ASN B 547 1.92 10.13 -17.61
N MET B 548 2.44 8.93 -17.35
CA MET B 548 3.06 8.64 -16.06
C MET B 548 4.50 9.08 -15.98
N LEU B 549 5.10 9.51 -17.09
CA LEU B 549 6.44 10.08 -17.02
C LEU B 549 6.42 11.52 -16.51
N ASP B 550 5.35 12.25 -16.76
CA ASP B 550 5.20 13.58 -16.16
C ASP B 550 5.42 13.49 -14.67
N ALA B 551 6.42 14.23 -14.18
CA ALA B 551 6.79 14.14 -12.77
C ALA B 551 5.67 14.58 -11.84
N ARG B 552 4.80 15.47 -12.31
N ARG B 552 4.80 15.47 -12.32
CA ARG B 552 3.66 15.85 -11.47
CA ARG B 552 3.65 15.86 -11.52
C ARG B 552 2.74 14.66 -11.23
C ARG B 552 2.75 14.66 -11.24
N VAL B 553 2.59 13.77 -12.21
CA VAL B 553 1.74 12.61 -12.03
C VAL B 553 2.35 11.63 -11.03
N ILE B 554 3.66 11.36 -11.15
CA ILE B 554 4.32 10.47 -10.21
C ILE B 554 4.24 11.04 -8.79
N ALA B 555 4.52 12.34 -8.68
CA ALA B 555 4.45 13.02 -7.39
C ALA B 555 3.05 12.93 -6.79
N GLY B 556 2.01 13.18 -7.61
CA GLY B 556 0.65 13.07 -7.13
C GLY B 556 0.29 11.66 -6.70
N ALA B 557 0.79 10.66 -7.42
CA ALA B 557 0.53 9.28 -7.03
C ALA B 557 1.10 9.00 -5.64
N LEU B 558 2.37 9.37 -5.42
CA LEU B 558 2.94 9.18 -4.09
C LEU B 558 2.11 9.91 -3.04
N LEU B 559 1.67 11.12 -3.35
CA LEU B 559 0.87 11.89 -2.38
C LEU B 559 -0.42 11.16 -2.05
N GLY B 560 -1.11 10.62 -3.06
CA GLY B 560 -2.36 9.92 -2.81
C GLY B 560 -2.17 8.68 -1.96
N ALA B 561 -1.11 7.92 -2.25
CA ALA B 561 -0.80 6.74 -1.43
C ALA B 561 -0.55 7.14 0.02
N ALA B 562 0.25 8.19 0.23
CA ALA B 562 0.55 8.62 1.59
C ALA B 562 -0.69 9.10 2.32
N ILE B 563 -1.55 9.86 1.62
CA ILE B 563 -2.78 10.34 2.23
C ILE B 563 -3.69 9.18 2.61
N THR B 564 -3.73 8.14 1.77
CA THR B 564 -4.56 6.98 2.10
C THR B 564 -4.06 6.30 3.37
N TYR B 565 -2.75 6.06 3.46
CA TYR B 565 -2.22 5.44 4.68
C TYR B 565 -2.50 6.32 5.91
N TYR B 566 -2.32 7.64 5.76
CA TYR B 566 -2.57 8.54 6.88
C TYR B 566 -4.04 8.49 7.31
N PHE B 567 -4.94 8.55 6.34
CA PHE B 567 -6.37 8.37 6.57
C PHE B 567 -6.63 7.15 7.45
N SER B 568 -6.05 6.01 7.06
CA SER B 568 -6.27 4.78 7.83
C SER B 568 -5.77 4.91 9.27
N GLY B 569 -4.55 5.44 9.44
CA GLY B 569 -4.02 5.58 10.79
C GLY B 569 -4.86 6.49 11.67
N TYR B 570 -5.28 7.63 11.09
CA TYR B 570 -6.15 8.55 11.84
C TYR B 570 -7.42 7.86 12.29
N LEU B 571 -8.01 7.03 11.43
CA LEU B 571 -9.25 6.34 11.84
C LEU B 571 -8.98 5.39 13.00
N ILE B 572 -7.85 4.67 12.98
CA ILE B 572 -7.53 3.79 14.11
C ILE B 572 -7.49 4.58 15.41
N SER B 573 -6.76 5.70 15.41
CA SER B 573 -6.62 6.48 16.63
C SER B 573 -7.96 7.06 17.08
N ALA B 574 -8.79 7.49 16.12
CA ALA B 574 -10.09 8.04 16.47
C ALA B 574 -10.96 6.99 17.17
N VAL B 575 -10.94 5.76 16.66
CA VAL B 575 -11.71 4.69 17.30
C VAL B 575 -11.26 4.52 18.74
N THR B 576 -9.95 4.45 18.98
CA THR B 576 -9.49 4.22 20.36
C THR B 576 -9.91 5.35 21.28
N LYS B 577 -9.79 6.60 20.81
CA LYS B 577 -10.16 7.74 21.65
C LYS B 577 -11.64 7.72 22.00
N ALA B 578 -12.50 7.51 21.00
CA ALA B 578 -13.93 7.47 21.27
C ALA B 578 -14.28 6.36 22.25
N ALA B 579 -13.59 5.21 22.16
CA ALA B 579 -13.86 4.12 23.09
C ALA B 579 -13.52 4.51 24.52
N MET B 580 -12.35 5.12 24.72
CA MET B 580 -11.99 5.55 26.08
C MET B 580 -12.99 6.57 26.61
N LYS B 581 -13.45 7.49 25.75
CA LYS B 581 -14.43 8.47 26.22
C LYS B 581 -15.75 7.81 26.63
N MET B 582 -16.19 6.80 25.86
CA MET B 582 -17.42 6.11 26.24
C MET B 582 -17.25 5.38 27.57
N VAL B 583 -16.07 4.80 27.80
CA VAL B 583 -15.82 4.16 29.10
C VAL B 583 -15.90 5.19 30.22
N ASP B 584 -15.31 6.37 30.00
CA ASP B 584 -15.40 7.42 31.02
C ASP B 584 -16.85 7.79 31.31
N GLU B 585 -17.67 7.92 30.26
CA GLU B 585 -19.07 8.29 30.50
C GLU B 585 -19.82 7.18 31.23
N ILE B 586 -19.51 5.91 30.93
CA ILE B 586 -20.18 4.82 31.64
C ILE B 586 -19.77 4.83 33.11
N ARG B 587 -18.49 5.12 33.40
CA ARG B 587 -18.07 5.27 34.79
C ARG B 587 -18.82 6.40 35.47
N ARG B 588 -18.97 7.54 34.78
CA ARG B 588 -19.71 8.66 35.36
C ARG B 588 -21.15 8.28 35.64
N GLN B 589 -21.77 7.52 34.72
CA GLN B 589 -23.15 7.09 34.93
C GLN B 589 -23.27 6.14 36.13
N ALA B 590 -22.28 5.27 36.31
CA ALA B 590 -22.30 4.39 37.48
C ALA B 590 -22.13 5.19 38.78
N ARG B 591 -21.22 6.16 38.78
CA ARG B 591 -21.00 6.97 39.99
C ARG B 591 -22.24 7.78 40.32
N GLU B 592 -23.02 8.18 39.32
CA GLU B 592 -24.20 9.00 39.53
C GLU B 592 -25.48 8.21 39.24
N PRO B 603 -30.17 2.08 32.88
CA PRO B 603 -28.84 2.65 32.62
C PRO B 603 -28.89 3.77 31.59
N ASP B 604 -27.74 4.42 31.35
CA ASP B 604 -27.67 5.49 30.35
C ASP B 604 -27.42 4.83 29.00
N TYR B 605 -28.50 4.59 28.26
CA TYR B 605 -28.39 3.99 26.92
C TYR B 605 -28.20 5.09 25.88
N ASN B 606 -29.26 5.85 25.62
CA ASN B 606 -29.16 6.93 24.65
C ASN B 606 -28.13 7.97 25.07
N ARG B 607 -27.86 8.09 26.36
CA ARG B 607 -26.86 9.06 26.81
C ARG B 607 -25.48 8.71 26.25
N CYS B 608 -25.00 7.50 26.54
CA CYS B 608 -23.69 7.11 26.03
C CYS B 608 -23.71 6.98 24.51
N ILE B 609 -24.83 6.48 23.95
CA ILE B 609 -24.93 6.37 22.50
C ILE B 609 -24.74 7.73 21.85
N GLU B 610 -25.36 8.76 22.40
CA GLU B 610 -25.27 10.10 21.82
C GLU B 610 -23.93 10.74 22.09
N ILE B 611 -23.33 10.50 23.26
CA ILE B 611 -21.98 11.01 23.50
C ILE B 611 -21.02 10.46 22.45
N THR B 612 -21.04 9.14 22.24
CA THR B 612 -20.15 8.54 21.25
C THR B 612 -20.52 8.98 19.84
N SER B 613 -21.81 9.16 19.55
CA SER B 613 -22.21 9.61 18.21
C SER B 613 -21.67 11.00 17.94
N ASP B 614 -21.79 11.92 18.91
CA ASP B 614 -21.28 13.27 18.71
C ASP B 614 -19.76 13.27 18.59
N ASN B 615 -19.07 12.45 19.38
CA ASN B 615 -17.61 12.41 19.26
C ASN B 615 -17.18 11.83 17.92
N ALA B 616 -17.87 10.79 17.43
CA ALA B 616 -17.54 10.23 16.13
C ALA B 616 -17.81 11.24 15.01
N LEU B 617 -18.91 11.99 15.13
CA LEU B 617 -19.19 13.01 14.13
C LEU B 617 -18.16 14.13 14.16
N LYS B 618 -17.64 14.45 15.36
CA LYS B 618 -16.56 15.43 15.45
C LYS B 618 -15.28 14.90 14.84
N GLN B 619 -15.01 13.60 15.00
CA GLN B 619 -13.81 13.00 14.40
C GLN B 619 -13.90 12.99 12.88
N MET B 620 -15.08 12.69 12.35
CA MET B 620 -15.26 12.58 10.91
C MET B 620 -14.87 13.83 10.15
N GLY B 621 -14.78 14.98 10.81
CA GLY B 621 -14.47 16.20 10.10
C GLY B 621 -13.17 16.14 9.32
N TYR B 622 -12.13 15.56 9.93
CA TYR B 622 -10.81 15.62 9.31
C TYR B 622 -10.65 14.57 8.21
N PRO B 623 -11.10 13.32 8.41
CA PRO B 623 -11.09 12.39 7.27
C PRO B 623 -11.96 12.85 6.11
N ALA B 624 -13.13 13.40 6.40
CA ALA B 624 -13.99 13.91 5.34
C ALA B 624 -13.34 15.08 4.62
N PHE B 625 -12.72 15.99 5.37
CA PHE B 625 -12.03 17.10 4.73
C PHE B 625 -10.87 16.61 3.88
N ILE B 626 -10.11 15.63 4.37
CA ILE B 626 -9.07 15.03 3.54
C ILE B 626 -9.66 14.52 2.23
N ALA B 627 -10.64 13.62 2.34
CA ALA B 627 -11.18 12.95 1.17
C ALA B 627 -11.77 13.92 0.16
N ILE B 628 -12.39 14.99 0.64
CA ILE B 628 -13.09 15.91 -0.27
C ILE B 628 -12.20 17.04 -0.76
N LEU B 629 -11.25 17.50 0.05
CA LEU B 629 -10.49 18.69 -0.27
C LEU B 629 -9.16 18.39 -0.93
N THR B 630 -8.59 17.19 -0.74
CA THR B 630 -7.34 16.87 -1.42
C THR B 630 -7.39 17.20 -2.90
N PRO B 631 -8.41 16.78 -3.68
CA PRO B 631 -8.41 17.16 -5.10
C PRO B 631 -8.56 18.66 -5.31
N LEU B 632 -9.36 19.35 -4.50
CA LEU B 632 -9.53 20.80 -4.73
C LEU B 632 -8.23 21.54 -4.50
N VAL B 633 -7.62 21.35 -3.32
CA VAL B 633 -6.33 21.98 -3.02
C VAL B 633 -5.33 21.64 -4.11
N THR B 634 -5.07 20.35 -4.30
CA THR B 634 -3.99 19.94 -5.19
C THR B 634 -4.25 20.32 -6.64
N GLY B 635 -5.52 20.42 -7.04
CA GLY B 635 -5.84 20.76 -8.42
C GLY B 635 -5.68 22.24 -8.67
N PHE B 636 -6.22 23.07 -7.77
CA PHE B 636 -5.99 24.50 -7.91
C PHE B 636 -4.53 24.86 -7.71
N LEU B 637 -3.74 23.99 -7.09
CA LEU B 637 -2.32 24.27 -6.90
C LEU B 637 -1.47 23.81 -8.08
N LEU B 638 -1.68 22.59 -8.57
CA LEU B 638 -0.75 21.94 -9.50
C LEU B 638 -1.38 21.42 -10.78
N GLY B 639 -2.70 21.30 -10.86
CA GLY B 639 -3.37 21.01 -12.12
C GLY B 639 -4.09 19.69 -12.10
N ALA B 640 -4.48 19.24 -13.30
CA ALA B 640 -5.28 18.04 -13.47
C ALA B 640 -4.45 16.78 -13.68
N GLU B 641 -3.23 16.90 -14.20
CA GLU B 641 -2.35 15.74 -14.25
C GLU B 641 -1.95 15.30 -12.84
N PHE B 642 -1.59 16.26 -11.99
CA PHE B 642 -1.26 15.95 -10.60
C PHE B 642 -2.44 15.28 -9.91
N VAL B 643 -3.66 15.77 -10.16
CA VAL B 643 -4.83 15.18 -9.53
C VAL B 643 -5.11 13.79 -10.08
N GLY B 644 -4.85 13.56 -11.37
CA GLY B 644 -4.94 12.20 -11.89
C GLY B 644 -3.98 11.27 -11.20
N GLY B 645 -2.76 11.75 -10.95
CA GLY B 645 -1.81 10.96 -10.18
C GLY B 645 -2.31 10.66 -8.78
N VAL B 646 -2.82 11.68 -8.08
CA VAL B 646 -3.36 11.47 -6.74
C VAL B 646 -4.46 10.41 -6.77
N LEU B 647 -5.34 10.46 -7.77
CA LEU B 647 -6.43 9.50 -7.85
C LEU B 647 -5.88 8.09 -8.04
N ILE B 648 -4.89 7.93 -8.92
CA ILE B 648 -4.34 6.60 -9.16
C ILE B 648 -3.68 6.06 -7.90
N GLY B 649 -2.89 6.91 -7.22
CA GLY B 649 -2.24 6.47 -6.00
C GLY B 649 -3.25 6.07 -4.95
N THR B 650 -4.27 6.91 -4.76
CA THR B 650 -5.32 6.61 -3.79
C THR B 650 -5.98 5.27 -4.11
N VAL B 651 -6.32 5.02 -5.37
CA VAL B 651 -7.01 3.79 -5.71
C VAL B 651 -6.09 2.59 -5.48
N LEU B 652 -4.85 2.66 -5.98
CA LEU B 652 -3.94 1.53 -5.84
C LEU B 652 -3.67 1.18 -4.37
N SER B 653 -3.54 2.20 -3.51
CA SER B 653 -3.26 1.89 -2.11
C SER B 653 -4.53 1.56 -1.33
N GLY B 654 -5.64 2.24 -1.64
CA GLY B 654 -6.89 1.95 -0.97
C GLY B 654 -7.37 0.54 -1.23
N ALA B 655 -7.28 0.07 -2.47
CA ALA B 655 -7.67 -1.30 -2.78
C ALA B 655 -6.89 -2.31 -1.92
N MET B 656 -5.55 -2.18 -1.92
CA MET B 656 -4.73 -3.13 -1.18
C MET B 656 -5.00 -3.06 0.32
N LEU B 657 -5.01 -1.84 0.88
CA LEU B 657 -5.22 -1.70 2.32
C LEU B 657 -6.59 -2.18 2.73
N ALA B 658 -7.61 -1.90 1.91
CA ALA B 658 -8.96 -2.38 2.19
C ALA B 658 -8.99 -3.90 2.27
N ILE B 659 -8.50 -4.55 1.22
CA ILE B 659 -8.50 -6.02 1.22
C ILE B 659 -7.72 -6.55 2.41
N LEU B 660 -6.55 -5.97 2.68
CA LEU B 660 -5.70 -6.43 3.77
C LEU B 660 -6.41 -6.34 5.11
N THR B 661 -6.92 -5.16 5.44
CA THR B 661 -7.53 -4.96 6.75
C THR B 661 -8.75 -5.86 6.91
N ALA B 662 -9.61 -5.91 5.89
CA ALA B 662 -10.79 -6.76 5.96
C ALA B 662 -10.40 -8.22 6.21
N ASN B 663 -9.51 -8.76 5.38
CA ASN B 663 -9.19 -10.18 5.49
C ASN B 663 -8.48 -10.50 6.79
N SER B 664 -7.59 -9.63 7.25
CA SER B 664 -6.88 -9.88 8.50
C SER B 664 -7.86 -9.89 9.68
N GLY B 665 -8.73 -8.89 9.77
CA GLY B 665 -9.70 -8.88 10.85
C GLY B 665 -10.63 -10.07 10.83
N GLY B 666 -11.11 -10.44 9.63
CA GLY B 666 -11.96 -11.61 9.52
C GLY B 666 -11.26 -12.88 9.94
N ALA B 667 -10.00 -13.03 9.51
CA ALA B 667 -9.25 -14.23 9.85
C ALA B 667 -9.02 -14.33 11.36
N TRP B 668 -8.68 -13.22 12.00
CA TRP B 668 -8.49 -13.24 13.45
C TRP B 668 -9.78 -13.63 14.16
N ASP B 669 -10.89 -12.99 13.79
CA ASP B 669 -12.18 -13.30 14.43
C ASP B 669 -12.53 -14.78 14.28
N ASN B 670 -12.46 -15.29 13.05
CA ASN B 670 -12.87 -16.67 12.83
C ASN B 670 -11.85 -17.68 13.36
N ALA B 671 -10.59 -17.28 13.58
CA ALA B 671 -9.66 -18.16 14.27
C ALA B 671 -10.01 -18.28 15.75
N LYS B 672 -10.34 -17.14 16.38
CA LYS B 672 -10.86 -17.21 17.73
C LYS B 672 -12.07 -18.15 17.80
N LYS B 673 -12.98 -18.04 16.82
CA LYS B 673 -14.13 -18.94 16.80
C LYS B 673 -13.70 -20.39 16.64
N TYR B 674 -12.78 -20.64 15.71
CA TYR B 674 -12.22 -21.97 15.49
C TYR B 674 -11.81 -22.61 16.82
N LEU B 675 -11.10 -21.85 17.66
CA LEU B 675 -10.69 -22.40 18.95
C LEU B 675 -11.89 -22.56 19.89
N GLU B 676 -12.74 -21.53 19.95
CA GLU B 676 -13.90 -21.60 20.85
C GLU B 676 -14.79 -22.80 20.54
N ALA B 677 -14.87 -23.19 19.26
CA ALA B 677 -15.62 -24.36 18.87
C ALA B 677 -14.87 -25.66 19.14
N GLY B 678 -13.72 -25.59 19.82
CA GLY B 678 -12.97 -26.77 20.17
C GLY B 678 -12.30 -27.48 19.03
N ASN B 679 -12.17 -26.83 17.87
CA ASN B 679 -11.42 -27.43 16.78
C ASN B 679 -9.95 -27.55 17.10
N LEU B 680 -9.50 -26.96 18.21
CA LEU B 680 -8.14 -27.09 18.71
C LEU B 680 -8.27 -27.79 20.06
N GLU B 681 -8.15 -29.12 20.05
N GLU B 681 -8.15 -29.12 20.06
CA GLU B 681 -8.33 -29.91 21.26
CA GLU B 681 -8.39 -29.89 21.27
C GLU B 681 -7.42 -29.39 22.36
C GLU B 681 -7.40 -29.50 22.37
N GLY B 682 -7.88 -29.55 23.60
CA GLY B 682 -7.10 -29.18 24.77
C GLY B 682 -7.25 -27.74 25.21
N TYR B 683 -7.79 -26.88 24.37
CA TYR B 683 -7.90 -25.46 24.67
C TYR B 683 -9.32 -24.97 24.42
N GLY B 684 -9.79 -24.09 25.31
CA GLY B 684 -11.12 -23.52 25.19
C GLY B 684 -11.17 -22.13 25.79
N LYS B 685 -12.37 -21.56 25.94
CA LYS B 685 -12.49 -20.21 26.49
C LYS B 685 -11.70 -20.09 27.79
N GLY B 686 -10.81 -19.10 27.85
CA GLY B 686 -10.01 -18.81 29.01
C GLY B 686 -8.56 -19.23 28.87
N SER B 687 -8.28 -20.22 28.04
CA SER B 687 -6.91 -20.69 27.87
C SER B 687 -6.05 -19.58 27.26
N GLU B 688 -4.73 -19.80 27.30
CA GLU B 688 -3.77 -18.81 26.82
C GLU B 688 -3.88 -18.61 25.31
N PRO B 689 -4.00 -19.67 24.50
CA PRO B 689 -4.24 -19.44 23.06
C PRO B 689 -5.49 -18.60 22.80
N HIS B 690 -6.56 -18.83 23.57
CA HIS B 690 -7.76 -18.03 23.40
C HIS B 690 -7.50 -16.58 23.77
N LYS B 691 -6.69 -16.33 24.80
CA LYS B 691 -6.31 -14.96 25.14
C LYS B 691 -5.57 -14.30 23.99
N ALA B 692 -4.61 -15.00 23.40
CA ALA B 692 -3.88 -14.46 22.26
C ALA B 692 -4.82 -14.14 21.10
N LEU B 693 -5.73 -15.07 20.79
CA LEU B 693 -6.65 -14.83 19.68
C LEU B 693 -7.60 -13.68 19.98
N VAL B 694 -7.95 -13.48 21.25
CA VAL B 694 -8.79 -12.34 21.59
C VAL B 694 -8.02 -11.04 21.40
N ILE B 695 -6.74 -11.01 21.77
CA ILE B 695 -5.93 -9.83 21.48
C ILE B 695 -5.92 -9.55 19.98
N GLY B 696 -5.68 -10.58 19.18
CA GLY B 696 -5.71 -10.42 17.73
C GLY B 696 -7.04 -9.88 17.23
N ASP B 697 -8.14 -10.39 17.78
CA ASP B 697 -9.46 -9.97 17.33
C ASP B 697 -9.75 -8.52 17.71
N THR B 698 -9.33 -8.10 18.91
CA THR B 698 -9.49 -6.71 19.29
C THR B 698 -8.65 -5.78 18.42
N VAL B 699 -7.46 -6.24 17.99
CA VAL B 699 -6.66 -5.43 17.07
C VAL B 699 -7.36 -5.35 15.72
N GLY B 700 -7.95 -6.45 15.25
CA GLY B 700 -8.52 -6.48 13.92
C GLY B 700 -9.88 -5.83 13.79
N ASP B 701 -10.65 -5.73 14.87
CA ASP B 701 -12.00 -5.18 14.78
C ASP B 701 -12.00 -3.80 14.12
N PRO B 702 -11.24 -2.84 14.66
CA PRO B 702 -11.19 -1.51 14.00
C PRO B 702 -10.73 -1.60 12.56
N LEU B 703 -9.84 -2.54 12.25
CA LEU B 703 -9.30 -2.64 10.90
C LEU B 703 -10.37 -3.09 9.91
N LYS B 704 -11.11 -4.14 10.24
CA LYS B 704 -12.08 -4.69 9.30
C LYS B 704 -13.36 -3.86 9.26
N ASP B 705 -13.76 -3.25 10.37
CA ASP B 705 -15.05 -2.59 10.44
C ASP B 705 -14.98 -1.06 10.32
N THR B 706 -13.78 -0.48 10.31
CA THR B 706 -13.67 0.97 10.15
C THR B 706 -12.76 1.35 8.99
N VAL B 707 -11.54 0.79 8.93
CA VAL B 707 -10.57 1.24 7.95
C VAL B 707 -10.98 0.79 6.54
N GLY B 708 -11.24 -0.51 6.38
CA GLY B 708 -11.56 -1.06 5.07
C GLY B 708 -12.69 -0.33 4.37
N PRO B 709 -13.84 -0.22 5.04
CA PRO B 709 -14.97 0.50 4.43
C PRO B 709 -14.70 1.97 4.19
N SER B 710 -14.06 2.65 5.14
CA SER B 710 -13.71 4.05 4.92
C SER B 710 -12.87 4.20 3.65
N LEU B 711 -12.00 3.23 3.37
CA LEU B 711 -11.20 3.28 2.15
C LEU B 711 -12.05 3.01 0.93
N ASP B 712 -12.95 2.02 1.02
CA ASP B 712 -13.93 1.80 -0.05
C ASP B 712 -14.56 3.11 -0.46
N ILE B 713 -14.86 3.97 0.52
CA ILE B 713 -15.48 5.25 0.21
C ILE B 713 -14.46 6.23 -0.37
N LEU B 714 -13.36 6.45 0.34
CA LEU B 714 -12.31 7.37 -0.10
C LEU B 714 -12.03 7.23 -1.59
N ILE B 715 -11.70 6.02 -2.03
CA ILE B 715 -11.24 5.82 -3.40
C ILE B 715 -12.29 6.25 -4.41
N LYS B 716 -13.57 6.29 -4.03
CA LYS B 716 -14.63 6.72 -4.94
C LYS B 716 -14.93 8.21 -4.81
N ILE B 717 -15.12 8.69 -3.58
CA ILE B 717 -15.55 10.08 -3.40
C ILE B 717 -14.48 11.05 -3.86
N MET B 718 -13.21 10.73 -3.63
CA MET B 718 -12.17 11.62 -4.14
C MET B 718 -12.27 11.71 -5.65
N SER B 719 -12.55 10.59 -6.32
CA SER B 719 -12.71 10.61 -7.78
C SER B 719 -13.90 11.45 -8.19
N VAL B 720 -15.01 11.36 -7.45
CA VAL B 720 -16.20 12.13 -7.83
C VAL B 720 -15.93 13.63 -7.71
N VAL B 721 -15.43 14.06 -6.55
CA VAL B 721 -15.08 15.46 -6.37
C VAL B 721 -14.13 15.90 -7.48
N SER B 722 -13.18 15.03 -7.86
CA SER B 722 -12.23 15.40 -8.90
C SER B 722 -12.94 15.55 -10.25
N VAL B 723 -13.76 14.57 -10.63
CA VAL B 723 -14.51 14.64 -11.87
C VAL B 723 -15.26 15.96 -11.97
N ILE B 724 -15.81 16.42 -10.85
CA ILE B 724 -16.62 17.63 -10.91
C ILE B 724 -15.74 18.87 -10.98
N ALA B 725 -14.80 19.03 -10.05
CA ALA B 725 -14.02 20.26 -9.96
C ALA B 725 -12.96 20.40 -11.05
N VAL B 726 -12.64 19.32 -11.78
CA VAL B 726 -11.66 19.45 -12.86
C VAL B 726 -12.14 20.40 -13.92
N SER B 727 -13.47 20.57 -14.06
CA SER B 727 -13.99 21.57 -14.97
C SER B 727 -13.48 22.96 -14.61
N ILE B 728 -13.17 23.18 -13.34
CA ILE B 728 -12.71 24.49 -12.87
C ILE B 728 -11.19 24.52 -12.87
N PHE B 729 -10.55 23.63 -12.11
CA PHE B 729 -9.11 23.77 -11.89
C PHE B 729 -8.26 23.20 -13.03
N LYS B 730 -8.89 22.55 -14.02
CA LYS B 730 -8.14 22.13 -15.20
C LYS B 730 -7.37 23.31 -15.81
N HIS B 731 -7.99 24.49 -15.85
N HIS B 731 -8.01 24.49 -15.84
CA HIS B 731 -7.37 25.69 -16.38
CA HIS B 731 -7.40 25.69 -16.38
C HIS B 731 -7.13 26.75 -15.31
C HIS B 731 -7.15 26.75 -15.32
N VAL B 732 -7.59 26.52 -14.08
CA VAL B 732 -7.39 27.46 -12.99
C VAL B 732 -6.52 26.79 -11.93
N HIS B 733 -5.21 26.77 -12.15
CA HIS B 733 -4.27 26.22 -11.17
C HIS B 733 -3.09 27.16 -11.01
N LEU B 734 -2.61 27.27 -9.78
CA LEU B 734 -1.57 28.25 -9.46
C LEU B 734 -0.29 27.95 -10.22
N PHE B 735 0.33 26.81 -9.95
CA PHE B 735 1.54 26.40 -10.65
C PHE B 735 1.21 25.53 -11.85
O1' LMT C . -1.57 -11.62 -16.63
C1 LMT C . -1.72 -11.94 -15.28
C2 LMT C . -0.69 -13.00 -14.92
C3 LMT C . -0.32 -12.97 -13.44
C4 LMT C . 0.86 -13.88 -13.11
C5 LMT C . 1.97 -13.14 -12.36
C6 LMT C . 3.18 -14.04 -12.11
C7 LMT C . 4.32 -13.35 -11.38
C8 LMT C . 5.64 -14.11 -11.55
C9 LMT C . 5.45 -15.62 -11.46
C10 LMT C . 6.73 -16.36 -11.08
C11 LMT C . 6.96 -16.36 -9.57
C12 LMT C . 8.45 -16.45 -9.24
H12 LMT C . -1.55 -11.04 -14.68
H11 LMT C . -2.72 -12.31 -15.10
H22 LMT C . -1.09 -13.97 -15.16
H21 LMT C . 0.21 -12.84 -15.51
H32 LMT C . -1.18 -13.28 -12.86
H31 LMT C . -0.06 -11.95 -13.16
H42 LMT C . 1.27 -14.27 -14.03
H41 LMT C . 0.51 -14.70 -12.49
H52 LMT C . 2.29 -12.29 -12.95
H51 LMT C . 1.58 -12.78 -11.41
H62 LMT C . 2.84 -14.89 -11.52
H61 LMT C . 3.54 -14.41 -13.07
H72 LMT C . 4.44 -12.35 -11.78
H71 LMT C . 4.08 -13.28 -10.33
H82 LMT C . 6.06 -13.86 -12.52
H81 LMT C . 6.34 -13.79 -10.78
H92 LMT C . 4.69 -15.83 -10.72
H91 LMT C . 5.11 -15.99 -12.43
H102 LMT C . 6.66 -17.38 -11.42
H101 LMT C . 7.58 -15.89 -11.56
H112 LMT C . 6.56 -15.44 -9.14
H111 LMT C . 6.45 -17.21 -9.12
H123 LMT C . 8.61 -16.17 -8.20
H122 LMT C . 8.79 -17.47 -9.39
H121 LMT C . 9.01 -15.78 -9.89
C1 PEG D . 8.37 26.93 -8.85
O1 PEG D . 9.39 26.14 -8.19
C2 PEG D . 8.91 28.40 -8.92
O2 PEG D . 7.89 29.24 -9.47
C3 PEG D . 7.61 29.05 -10.87
C4 PEG D . 6.11 28.64 -11.03
O4 PEG D . 5.86 28.52 -12.45
H11 PEG D . 7.45 26.85 -8.25
H12 PEG D . 8.20 26.50 -9.84
HO1 PEG D . 10.13 26.06 -8.80
H21 PEG D . 9.83 28.43 -9.53
H22 PEG D . 9.21 28.73 -7.90
H31 PEG D . 7.81 29.99 -11.44
H32 PEG D . 8.26 28.28 -11.31
H41 PEG D . 5.89 27.67 -10.57
H42 PEG D . 5.42 29.39 -10.63
HO4 PEG D . 5.61 29.40 -12.77
C1 PEG E . -9.73 5.03 -24.84
O1 PEG E . -9.57 6.25 -25.60
C2 PEG E . -8.49 4.12 -25.19
O2 PEG E . -7.63 4.06 -24.03
C3 PEG E . -6.41 4.82 -24.13
C4 PEG E . -6.75 6.35 -23.98
O4 PEG E . -6.36 7.00 -25.22
H11 PEG E . -10.69 4.58 -25.12
H12 PEG E . -9.76 5.31 -23.77
HO1 PEG E . -10.09 6.14 -26.41
H21 PEG E . -7.96 4.54 -26.06
H22 PEG E . -8.85 3.11 -25.48
H31 PEG E . -5.68 4.52 -23.34
H32 PEG E . -5.90 4.64 -25.10
H41 PEG E . -7.83 6.52 -23.84
H42 PEG E . -6.20 6.83 -23.17
HO4 PEG E . -5.39 7.04 -25.21
C1 PGE F . 15.42 -13.27 -21.18
O1 PGE F . 15.38 -14.64 -21.50
C2 PGE F . 16.68 -12.99 -20.24
O2 PGE F . 16.84 -11.59 -20.00
C3 PGE F . 17.90 -11.23 -19.10
C4 PGE F . 17.34 -10.43 -17.83
O4 PGE F . 16.55 -14.25 -14.98
C6 PGE F . 17.44 -13.47 -15.74
C5 PGE F . 16.68 -12.17 -16.25
O3 PGE F . 17.63 -11.15 -16.63
H1 PGE F . 15.49 -12.65 -22.09
H12 PGE F . 14.50 -12.96 -20.65
HO1 PGE F . 15.18 -15.20 -20.73
H2 PGE F . 16.55 -13.54 -19.28
H22 PGE F . 17.59 -13.39 -20.74
H3 PGE F . 18.65 -10.59 -19.61
H32 PGE F . 18.43 -12.14 -18.74
H4 PGE F . 17.80 -9.42 -17.81
H42 PGE F . 16.24 -10.29 -17.95
HO4 PGE F . 15.83 -14.63 -15.52
H6 PGE F . 17.82 -14.05 -16.62
H62 PGE F . 18.32 -13.18 -15.15
H5 PGE F . 16.04 -12.42 -17.12
H52 PGE F . 16.03 -11.79 -15.44
C1 PGE G . 4.45 -21.63 0.14
O1 PGE G . 5.46 -22.30 -0.58
C2 PGE G . 3.02 -22.09 -0.40
O2 PGE G . 2.59 -21.22 -1.44
C3 PGE G . 1.75 -21.79 -2.46
C4 PGE G . 2.65 -22.44 -3.61
O4 PGE G . 6.53 -22.13 -3.49
C6 PGE G . 5.73 -21.65 -4.55
C5 PGE G . 4.47 -20.87 -3.95
O3 PGE G . 3.25 -21.43 -4.43
H1 PGE G . 4.53 -21.86 1.23
H12 PGE G . 4.55 -20.52 0.03
HO1 PGE G . 5.55 -21.96 -1.49
H2 PGE G . 3.08 -23.14 -0.76
H22 PGE G . 2.29 -22.08 0.45
H3 PGE G . 1.10 -21.01 -2.91
H32 PGE G . 1.09 -22.57 -2.03
H4 PGE G . 3.42 -23.06 -3.13
H42 PGE G . 2.00 -23.10 -4.21
HO4 PGE G . 6.26 -23.02 -3.20
H6 PGE G . 5.37 -22.50 -5.18
H62 PGE G . 6.31 -20.97 -5.20
H5 PGE G . 4.50 -20.93 -2.83
H52 PGE G . 4.55 -19.80 -4.23
O1 PG4 H . 30.05 -13.07 -8.32
C1 PG4 H . 30.06 -13.91 -7.19
C2 PG4 H . 30.49 -12.97 -6.02
O2 PG4 H . 31.35 -13.75 -5.21
C3 PG4 H . 32.71 -13.35 -5.32
C4 PG4 H . 33.53 -14.49 -4.67
O3 PG4 H . 34.79 -13.93 -4.33
C5 PG4 H . 35.61 -14.82 -3.58
C6 PG4 H . 35.57 -14.29 -2.13
O4 PG4 H . 36.19 -15.30 -1.34
C7 PG4 H . 35.50 -15.58 -0.14
C8 PG4 H . 34.37 -16.55 -0.54
O5 PG4 H . 34.02 -17.19 0.66
HO1 PG4 H . 30.93 -13.09 -8.69
H11 PG4 H . 29.08 -14.37 -6.99
H12 PG4 H . 30.77 -14.76 -7.31
H21 PG4 H . 29.60 -12.61 -5.47
H22 PG4 H . 31.00 -12.06 -6.41
H31 PG4 H . 33.00 -13.18 -6.38
H32 PG4 H . 32.88 -12.37 -4.79
H41 PG4 H . 32.99 -14.90 -3.79
H42 PG4 H . 33.63 -15.34 -5.40
H51 PG4 H . 36.65 -14.84 -3.96
H52 PG4 H . 35.24 -15.87 -3.62
H61 PG4 H . 34.53 -14.11 -1.78
H62 PG4 H . 36.10 -13.32 -2.02
H71 PG4 H . 36.16 -16.05 0.62
H72 PG4 H . 35.08 -14.66 0.32
H81 PG4 H . 33.51 -16.01 -1.00
H82 PG4 H . 34.71 -17.27 -1.32
HO5 PG4 H . 33.39 -16.61 1.11
O1 PG4 I . 47.04 -7.25 0.87
C1 PG4 I . 46.11 -6.69 1.78
C2 PG4 I . 46.75 -6.91 3.17
O2 PG4 I . 46.38 -5.78 3.95
C3 PG4 I . 45.26 -6.04 4.79
C4 PG4 I . 45.84 -6.64 6.09
O3 PG4 I . 44.81 -7.44 6.64
C5 PG4 I . 44.94 -8.83 6.35
C6 PG4 I . 43.49 -9.38 6.27
O4 PG4 I . 43.12 -9.25 4.90
C7 PG4 I . 42.10 -8.29 4.71
C8 PG4 I . 41.95 -8.13 3.18
O5 PG4 I . 40.86 -8.96 2.84
HO1 PG4 I . 47.43 -6.52 0.38
H11 PG4 I . 45.94 -5.61 1.57
H12 PG4 I . 45.11 -7.17 1.69
H21 PG4 I . 47.85 -7.02 3.09
H22 PG4 I . 46.39 -7.86 3.63
H31 PG4 I . 44.71 -5.10 4.99
H32 PG4 I . 44.55 -6.73 4.30
H41 PG4 I . 46.76 -7.23 5.88
H42 PG4 I . 46.16 -5.83 6.79
H51 PG4 I . 45.51 -9.36 7.14
H52 PG4 I . 45.48 -9.01 5.41
H61 PG4 I . 42.80 -8.81 6.93
H62 PG4 I . 43.44 -10.44 6.59
H71 PG4 I . 41.13 -8.62 5.16
H72 PG4 I . 42.33 -7.32 5.19
H81 PG4 I . 41.77 -7.06 2.90
H82 PG4 I . 42.88 -8.43 2.65
HO5 PG4 I . 40.10 -8.39 2.75
C1 PGE J . -7.37 -6.47 -24.05
O1 PGE J . -7.52 -5.37 -23.18
C2 PGE J . -5.89 -6.49 -24.65
O2 PGE J . -5.87 -7.06 -25.97
C3 PGE J . -5.88 -8.50 -26.04
C4 PGE J . -5.56 -8.99 -27.53
O4 PGE J . -4.63 -5.38 -28.30
C6 PGE J . -5.98 -5.51 -28.70
C5 PGE J . -6.35 -7.06 -28.79
O3 PGE J . -5.24 -7.86 -28.37
H1 PGE J . -7.56 -7.43 -23.52
H12 PGE J . -8.10 -6.41 -24.90
HO1 PGE J . -8.19 -5.53 -22.49
H2 PGE J . -5.23 -7.06 -23.97
H22 PGE J . -5.50 -5.44 -24.68
H3 PGE J . -6.86 -8.91 -25.74
H32 PGE J . -5.12 -8.93 -25.35
H4 PGE J . -4.70 -9.69 -27.50
H42 PGE J . -6.43 -9.54 -27.92
HO4 PGE J . -4.38 -6.04 -27.63
H6 PGE J . -6.14 -5.04 -29.70
H62 PGE J . -6.66 -5.00 -27.99
H5 PGE J . -7.24 -7.27 -28.15
H52 PGE J . -6.63 -7.31 -29.84
O1 PG4 K . 3.29 -14.05 -7.39
C1 PG4 K . 2.31 -14.13 -6.39
C2 PG4 K . 1.69 -15.52 -6.62
O2 PG4 K . 1.32 -15.99 -5.34
C3 PG4 K . 0.66 -17.25 -5.41
C4 PG4 K . -0.81 -16.94 -5.11
O3 PG4 K . -1.29 -18.03 -4.35
C5 PG4 K . -1.28 -17.76 -2.96
C6 PG4 K . -1.49 -19.10 -2.25
O4 PG4 K . -0.56 -19.10 -1.20
C7 PG4 K . -1.17 -18.79 0.04
C8 PG4 K . 0.00 -18.53 1.04
O5 PG4 K . 1.16 -18.91 0.34
HO1 PG4 K . 4.14 -14.15 -6.95
H11 PG4 K . 2.73 -14.03 -5.38
H12 PG4 K . 1.55 -13.32 -6.50
H21 PG4 K . 2.41 -16.20 -7.11
H22 PG4 K . 0.80 -15.45 -7.30
H31 PG4 K . 0.79 -17.72 -6.40
H32 PG4 K . 1.10 -17.95 -4.67
H41 PG4 K . -0.90 -15.97 -4.56
H42 PG4 K . -1.39 -16.81 -6.05
H51 PG4 K . -2.08 -17.04 -2.67
H52 PG4 K . -0.32 -17.29 -2.63
H61 PG4 K . -1.31 -19.97 -2.94
H62 PG4 K . -2.53 -19.21 -1.88
H71 PG4 K . -1.83 -17.90 -0.03
H72 PG4 K . -1.81 -19.63 0.40
H81 PG4 K . 0.03 -17.47 1.35
H82 PG4 K . -0.13 -19.12 1.97
HO5 PG4 K . 0.96 -18.82 -0.60
C1 PEG L . 4.16 23.35 -5.11
O1 PEG L . 4.29 23.57 -3.69
C2 PEG L . 5.56 23.65 -5.73
O2 PEG L . 5.56 23.25 -7.12
C3 PEG L . 6.58 23.85 -7.96
C4 PEG L . 6.85 22.91 -9.18
O4 PEG L . 5.69 22.99 -10.04
H11 PEG L . 3.37 24.03 -5.47
H12 PEG L . 3.85 22.31 -5.26
HO1 PEG L . 4.08 24.50 -3.53
H21 PEG L . 6.34 23.12 -5.16
H22 PEG L . 5.77 24.74 -5.64
H31 PEG L . 6.27 24.85 -8.31
H32 PEG L . 7.52 24.00 -7.38
H41 PEG L . 7.71 23.24 -9.78
H42 PEG L . 6.99 21.86 -8.90
HO4 PEG L . 4.92 23.03 -9.45
C1 PEG M . 0.11 14.56 11.63
O1 PEG M . 0.37 13.80 12.84
C2 PEG M . 1.38 15.42 11.35
O2 PEG M . 1.18 16.13 10.11
C3 PEG M . 2.26 16.98 9.71
C4 PEG M . 2.04 17.37 8.21
O4 PEG M . 3.30 17.94 7.73
H11 PEG M . -0.78 15.17 11.81
H12 PEG M . -0.09 13.83 10.83
HO1 PEG M . 0.67 12.93 12.56
H21 PEG M . 2.27 14.77 11.31
H22 PEG M . 1.54 16.13 12.20
H31 PEG M . 2.30 17.90 10.33
H32 PEG M . 3.24 16.47 9.82
H41 PEG M . 1.82 16.51 7.57
H42 PEG M . 1.26 18.12 8.07
HO4 PEG M . 3.30 18.86 8.04
C1 PEG N . 1.69 -14.08 25.07
O1 PEG N . 0.57 -13.20 25.40
C2 PEG N . 2.97 -13.52 25.81
O2 PEG N . 2.61 -13.17 27.17
C3 PEG N . 3.07 -11.88 27.64
C4 PEG N . 4.58 -12.00 28.00
O4 PEG N . 5.30 -11.19 27.02
H11 PEG N . 1.79 -14.06 23.97
H12 PEG N . 1.41 -15.10 25.40
HO1 PEG N . 0.78 -12.33 25.06
H21 PEG N . 3.36 -12.64 25.26
H22 PEG N . 3.76 -14.29 25.80
H31 PEG N . 2.93 -11.10 26.87
H32 PEG N . 2.50 -11.56 28.53
H41 PEG N . 4.81 -11.58 29.00
H42 PEG N . 4.96 -13.03 27.94
HO4 PEG N . 5.59 -11.81 26.33
C1 PEG O . -2.79 17.89 1.76
O1 PEG O . -4.23 17.65 1.78
C2 PEG O . -2.42 18.48 0.35
O2 PEG O . -1.00 18.75 0.30
C3 PEG O . -0.52 19.42 -0.90
C4 PEG O . 1.02 19.19 -1.05
O4 PEG O . 1.39 19.55 -2.42
H11 PEG O . -2.30 16.92 1.96
H12 PEG O . -2.57 18.59 2.59
HO1 PEG O . -4.38 16.79 1.37
H21 PEG O . -3.01 19.41 0.17
H22 PEG O . -2.72 17.76 -0.44
H31 PEG O . -1.05 19.04 -1.80
H32 PEG O . -0.74 20.51 -0.85
H41 PEG O . 1.62 19.83 -0.38
H42 PEG O . 1.31 18.13 -0.90
HO4 PEG O . 1.50 20.50 -2.42
C1 PEG P . -9.20 -26.00 1.69
O1 PEG P . -9.78 -27.11 2.42
C2 PEG P . -8.10 -26.60 0.75
O2 PEG P . -7.43 -25.52 0.08
C3 PEG P . -6.35 -25.91 -0.81
C4 PEG P . -5.01 -25.34 -0.22
O4 PEG P . -3.97 -25.62 -1.20
H11 PEG P . -8.79 -25.31 2.43
H12 PEG P . -10.02 -25.52 1.13
HO1 PEG P . -10.53 -27.43 1.89
H21 PEG P . -8.57 -27.29 0.03
H22 PEG P . -7.39 -27.20 1.35
H31 PEG P . -6.30 -27.01 -0.90
H32 PEG P . -6.51 -25.50 -1.83
H41 PEG P . -5.03 -24.26 -0.06
H42 PEG P . -4.72 -25.84 0.71
HO4 PEG P . -3.93 -24.85 -1.79
C1 PEG Q . -9.96 -25.00 -3.11
O1 PEG Q . -9.01 -25.63 -2.20
C2 PEG Q . -9.39 -23.58 -3.43
O2 PEG Q . -8.04 -23.70 -3.92
C3 PEG Q . -7.38 -22.47 -4.29
C4 PEG Q . -6.02 -22.38 -3.52
O4 PEG Q . -5.46 -21.06 -3.78
H11 PEG Q . -10.93 -24.97 -2.60
H12 PEG Q . -10.03 -25.64 -4.00
HO1 PEG Q . -9.05 -25.12 -1.37
H21 PEG Q . -9.43 -22.94 -2.52
H22 PEG Q . -10.04 -23.08 -4.20
H31 PEG Q . -7.19 -22.42 -5.38
H32 PEG Q . -8.01 -21.59 -4.03
H41 PEG Q . -6.14 -22.46 -2.43
H42 PEG Q . -5.28 -23.11 -3.86
HO4 PEG Q . -4.86 -21.17 -4.52
C1 PEG R . -15.93 23.57 -6.51
O1 PEG R . -17.03 22.62 -6.58
C2 PEG R . -16.46 24.81 -5.74
O2 PEG R . -15.34 25.47 -5.11
C3 PEG R . -15.20 25.20 -3.70
C4 PEG R . -13.93 25.96 -3.19
O4 PEG R . -13.53 26.87 -4.26
H11 PEG R . -15.64 23.81 -7.54
H12 PEG R . -15.10 23.08 -6.00
HO1 PEG R . -17.63 22.94 -7.26
H21 PEG R . -17.21 24.50 -4.98
H22 PEG R . -16.99 25.50 -6.43
H31 PEG R . -16.09 25.54 -3.13
H32 PEG R . -15.09 24.12 -3.51
H41 PEG R . -14.12 26.56 -2.30
H42 PEG R . -13.08 25.28 -3.01
HO4 PEG R . -14.32 27.03 -4.80
C1 PEG S . -12.79 30.83 -12.69
O1 PEG S . -13.79 29.88 -13.15
C2 PEG S . -13.38 31.53 -11.43
O2 PEG S . -12.59 31.11 -10.29
C3 PEG S . -13.16 30.06 -9.48
C4 PEG S . -12.20 29.75 -8.28
O4 PEG S . -11.34 30.94 -8.09
H11 PEG S . -12.59 31.52 -13.51
H12 PEG S . -11.87 30.25 -12.47
HO1 PEG S . -13.77 29.13 -12.54
H21 PEG S . -14.44 31.25 -11.31
H22 PEG S . -13.34 32.62 -11.56
H31 PEG S . -14.17 30.35 -9.09
H32 PEG S . -13.32 29.13 -10.07
H41 PEG S . -12.74 29.60 -7.32
H42 PEG S . -11.53 28.90 -8.46
HO4 PEG S . -11.67 31.61 -8.71
C1 PEG T . -8.09 -11.28 26.37
O1 PEG T . -8.43 -12.13 27.51
C2 PEG T . -6.54 -11.07 26.36
O2 PEG T . -5.94 -11.83 27.43
C3 PEG T . -4.51 -11.65 27.60
C4 PEG T . -4.27 -10.52 28.65
O4 PEG T . -3.59 -9.43 27.95
H11 PEG T . -8.65 -10.35 26.48
H12 PEG T . -8.45 -11.81 25.47
HO1 PEG T . -7.61 -12.52 27.81
H21 PEG T . -6.31 -9.98 26.47
H22 PEG T . -6.12 -11.38 25.38
H31 PEG T . -4.04 -12.60 27.96
H32 PEG T . -4.02 -11.40 26.64
H41 PEG T . -5.20 -10.10 29.06
H42 PEG T . -3.62 -10.82 29.48
HO4 PEG T . -4.27 -8.79 27.70
C1 PEG U . -19.42 -9.66 -34.75
O1 PEG U . -18.41 -8.93 -35.51
C2 PEG U . -20.23 -10.52 -35.77
O2 PEG U . -21.57 -10.70 -35.26
C3 PEG U . -21.69 -11.66 -34.19
C4 PEG U . -23.08 -11.50 -33.47
O4 PEG U . -23.41 -10.08 -33.52
H11 PEG U . -20.03 -8.91 -34.22
H12 PEG U . -18.88 -10.27 -34.01
HO1 PEG U . -18.83 -8.12 -35.83
H21 PEG U . -19.74 -11.50 -35.94
H22 PEG U . -20.26 -10.01 -36.76
H31 PEG U . -21.58 -12.70 -34.57
H32 PEG U . -20.88 -11.51 -33.45
H41 PEG U . -23.89 -12.04 -34.00
H42 PEG U . -23.07 -11.81 -32.43
HO4 PEG U . -22.59 -9.61 -33.71
C1 PEG V . -22.79 -14.97 -28.67
O1 PEG V . -22.04 -16.13 -29.18
C2 PEG V . -22.53 -13.80 -29.68
O2 PEG V . -21.75 -14.35 -30.75
C3 PEG V . -20.95 -13.42 -31.50
C4 PEG V . -19.45 -13.66 -31.17
O4 PEG V . -18.70 -13.30 -32.37
H11 PEG V . -22.41 -14.76 -27.66
H12 PEG V . -23.84 -15.27 -28.61
HO1 PEG V . -21.87 -15.95 -30.12
H21 PEG V . -22.00 -12.97 -29.17
H22 PEG V . -23.50 -13.40 -30.05
H31 PEG V . -21.12 -13.54 -32.59
H32 PEG V . -21.23 -12.37 -31.25
H41 PEG V . -19.08 -13.03 -30.34
H42 PEG V . -19.23 -14.71 -30.93
HO4 PEG V . -18.93 -12.39 -32.58
O1 PG4 W . -3.63 -17.75 -6.25
C1 PG4 W . -3.89 -17.96 -7.62
C2 PG4 W . -5.43 -17.70 -7.74
O2 PG4 W . -5.62 -16.81 -8.84
C3 PG4 W . -6.97 -16.33 -8.91
C4 PG4 W . -7.30 -16.11 -10.40
O3 PG4 W . -8.51 -16.81 -10.63
C5 PG4 W . -9.45 -16.13 -11.45
C6 PG4 W . -9.00 -16.36 -12.90
O4 PG4 W . -10.18 -16.21 -13.68
C7 PG4 W . -10.47 -14.86 -14.06
C8 PG4 W . -11.96 -14.61 -13.66
O5 PG4 W . -12.35 -13.50 -14.43
HO1 PG4 W . -3.02 -18.45 -5.97
H11 PG4 W . -3.32 -17.26 -8.27
H12 PG4 W . -3.62 -18.98 -7.96
H21 PG4 W . -5.84 -17.28 -6.80
H22 PG4 W . -5.97 -18.67 -7.91
H31 PG4 W . -7.66 -17.07 -8.45
H32 PG4 W . -7.07 -15.39 -8.33
H41 PG4 W . -7.39 -15.02 -10.63
H42 PG4 W . -6.48 -16.49 -11.05
H51 PG4 W . -9.49 -15.05 -11.21
H52 PG4 W . -10.49 -16.52 -11.30
H61 PG4 W . -8.54 -17.35 -13.04
H62 PG4 W . -8.23 -15.61 -13.21
H71 PG4 W . -9.79 -14.14 -13.55
H72 PG4 W . -10.33 -14.71 -15.16
H81 PG4 W . -12.59 -15.50 -13.86
H82 PG4 W . -12.05 -14.42 -12.57
HO5 PG4 W . -12.92 -13.83 -15.13
O1 PG4 X . -10.08 30.61 -16.84
C1 PG4 X . -8.81 30.60 -17.47
C2 PG4 X . -8.02 31.76 -16.80
O2 PG4 X . -8.29 31.70 -15.41
C3 PG4 X . -7.30 32.37 -14.63
C4 PG4 X . -6.24 31.30 -14.30
O3 PG4 X . -5.07 31.66 -15.01
C5 PG4 X . -4.02 30.70 -14.91
C6 PG4 X . -2.77 31.48 -14.44
O4 PG4 X . -2.54 31.06 -13.10
C7 PG4 X . -3.16 31.90 -12.15
C8 PG4 X . -3.83 30.96 -11.12
O5 PG4 X . -4.89 31.71 -10.61
HO1 PG4 X . -9.97 31.05 -15.99
H11 PG4 X . -8.31 29.61 -17.32
H12 PG4 X . -8.90 30.73 -18.57
H21 PG4 X . -8.33 32.73 -17.23
H22 PG4 X . -6.94 31.65 -17.01
H31 PG4 X . -6.86 33.22 -15.20
H32 PG4 X . -7.76 32.80 -13.71
H41 PG4 X . -6.06 31.26 -13.19
H42 PG4 X . -6.61 30.29 -14.58
H51 PG4 X . -3.83 30.19 -15.88
H52 PG4 X . -4.26 29.89 -14.18
H61 PG4 X . -2.92 32.57 -14.49
H62 PG4 X . -1.89 31.26 -15.08
H71 PG4 X . -2.43 32.57 -11.65
H72 PG4 X . -3.92 32.56 -12.63
H81 PG4 X . -4.17 30.01 -11.60
H82 PG4 X . -3.11 30.66 -10.33
HO5 PG4 X . -4.56 32.20 -9.85
O1 PG4 Y . 6.40 24.32 -14.53
C1 PG4 Y . 5.55 25.03 -13.67
C2 PG4 Y . 4.68 25.88 -14.62
O2 PG4 Y . 4.84 27.23 -14.21
C3 PG4 Y . 4.06 28.15 -14.97
C4 PG4 Y . 2.84 28.45 -14.10
O3 PG4 Y . 1.86 29.00 -14.98
C5 PG4 Y . 0.53 28.82 -14.53
C6 PG4 Y . 0.04 27.52 -15.20
O4 PG4 Y . 0.54 27.55 -16.53
C7 PG4 Y . 0.41 26.30 -17.20
C8 PG4 Y . 1.70 25.51 -16.88
O5 PG4 Y . 1.25 24.33 -16.24
HO1 PG4 Y . 7.29 24.66 -14.38
H11 PG4 Y . 4.94 24.35 -13.04
H12 PG4 Y . 6.13 25.68 -12.96
H21 PG4 Y . 3.61 25.56 -14.57
H22 PG4 Y . 4.99 25.74 -15.68
H31 PG4 Y . 4.65 29.07 -15.20
H32 PG4 Y . 3.78 27.71 -15.96
H41 PG4 Y . 2.47 27.52 -13.61
H42 PG4 Y . 3.10 29.15 -13.28
H51 PG4 Y . -0.13 29.68 -14.81
H52 PG4 Y . 0.46 28.74 -13.42
H61 PG4 Y . -1.08 27.46 -15.19
H62 PG4 Y . 0.40 26.62 -14.66
H71 PG4 Y . -0.50 25.75 -16.86
H72 PG4 Y . 0.30 26.44 -18.30
H81 PG4 Y . 2.28 25.30 -17.80
H82 PG4 Y . 2.38 26.10 -16.22
HO5 PG4 Y . 1.52 24.37 -15.32
#